data_6X5B
#
_entry.id   6X5B
#
loop_
_entity.id
_entity.type
_entity.pdbx_description
1 polymer 'Envelope glycoprotein gp120'
2 polymer 'Envelope glycoprotein gp41'
3 polymer '17b Fab light chain'
4 polymer 'T-cell surface glycoprotein CD4'
5 polymer '17b Fab heavy chain'
6 branched 2-acetamido-2-deoxy-beta-D-glucopyranose-(1-4)-2-acetamido-2-deoxy-beta-D-glucopyranose
7 branched alpha-D-mannopyranose-(1-2)-alpha-D-mannopyranose-(1-3)-beta-D-mannopyranose-(1-4)-2-acetamido-2-deoxy-beta-D-glucopyranose-(1-4)-2-acetamido-2-deoxy-beta-D-glucopyranose
8 non-polymer 2-acetamido-2-deoxy-beta-D-glucopyranose
9 non-polymer "N-(4'-methyl[1,1'-biphenyl]-4-yl)-1-oxa-7-azaspiro[3.5]nonane-7-carboxamide"
#
loop_
_entity_poly.entity_id
_entity_poly.type
_entity_poly.pdbx_seq_one_letter_code
_entity_poly.pdbx_strand_id
1 'polypeptide(L)'
;MDAMKRGLCCVLLLCGAVFVSPSQEIHARFRRGARAAKKWVTVYYGVPVWKEATTTLFCASDAKAYDTEVHNVWATHACV
PTDPNPQEIVLGNVTENFNMWKNNMVEQMHEDIISLWDQSLKPCVKLTPLCVTLNCNNVNTNNTNNSTNATISDWEKMET
GEMKNCSFNVTTSIRDKIKKEYALFYKLDVVPLENKNNINNTNITNYRLINCNTSVITQACPKVSFEPIPIHYCAPAGFA
ILKCNSKTFNGSGPCTNVSTVQCTHGIRPVVSTQLLLNGSLAEEEIVIRSENITDNAKTIIVQLNEAVEINCTRPNNNTR
KSIHIGPGRAFYATGDIIGNIRQAHCNISKARWNETLGQIVAKLEEQFPNKTIIFNHSSGGDPEIVTHSFNCGGEFFYCN
TTPLFNSTWNNTRTDDYPTGGEQNITLQCRIKQIINMWQGVGKAMYAPPIRGQIRCSSNITGLLLTRDGGRDQNGTETFR
PGGGNMRDNWRSELYKYKVVKIEPLGIAPTACKRRVVQRRRRRR
;
A,D,J
2 'polypeptide(L)'
;AVGLGAFILGFLGAAGSTMGAASMALTVQARLLLSGIVQQQNNLLRAPEAQQHMLQLTVWGIKQLQARVLAVERYLRDQQ
LLGIWGCSGKIICCTNVPWNDSWSNKTINEIWDNMTWMQWEKEIDNYTQHIYTLLEVSQIQQEKNEQELLELD
;
B,E,K
3 'polypeptide(L)'
;ELELTQSPATLSVSPGERATLSCRASESVSSDLAWYQQKPGQAPRLLIYGASTRATGVPARFSGSGSGAEFTLTISSLQS
EDFAVYYCQQYNNWPPRYTFGQGTRLEIKRTVAAPSVFIFPPSDEQLKSGTASVVCLLNNFYPREAKVQWKVDNALQSGN
SQESVTEQDSKDSTYSLSSTLTLSKADYEKHKVYACEVTHQGLSSPVTKSFNRG
;
L,F,M
4 'polypeptide(L)'
;METDTLLLWVLLLWVPGSTGKKVVLGKKGDTVELTCTASQKKSIQFHWKNSNQIKILGNQGSFLTKGPSKLNDRADSRRS
LWDQGNFPLIIKNLKIEDSDTYICEVEDQKEEVQLLVFGLTANSDTHLLQGQSLTLTLESPPGSSPSVQCRSPRGKNIQG
GKTLSVSQLELQDSGTWTCTVLQNQKKVEFKIDIVVLAGGSGHHHHHH
;
C,G,N
5 'polypeptide(L)'
;QVQLLESGAEVKKPGSSVKVSCKASGDTFIRYSFTWVRQAPGQGLEWMGRIITILDVAHYAPHLQGRVTITADKSTSTVY
LELRNLRSDDTAVYFCAGVYEGEADEGEYDNNGFLKHWGQGTLVTVTSASTKGPSVFPLAPSSKSTSGGTAALGCLVKDY
FPEPVTVSWNSGALTSGVHTFPAVLQSSGLYSLSSVVTVPSSSLGTQTYICNVNHKPSNTKVDKKVEPK
;
H,I,O
#
# COMPACT_ATOMS: atom_id res chain seq x y z
N LYS A 38 -31.23 -2.51 54.61
CA LYS A 38 -30.10 -1.66 54.32
C LYS A 38 -28.91 -2.56 53.95
N LYS A 39 -27.86 -1.96 53.31
CA LYS A 39 -26.60 -2.60 52.91
C LYS A 39 -26.75 -3.85 52.08
N TRP A 40 -27.27 -3.71 50.89
CA TRP A 40 -27.50 -4.81 49.96
C TRP A 40 -26.41 -4.80 48.91
N VAL A 41 -26.08 -5.94 48.35
CA VAL A 41 -25.05 -5.98 47.33
C VAL A 41 -25.54 -5.37 46.02
N THR A 42 -24.78 -4.44 45.45
CA THR A 42 -25.09 -3.88 44.15
C THR A 42 -23.94 -4.11 43.20
N VAL A 43 -24.27 -4.59 42.02
CA VAL A 43 -23.31 -4.91 41.00
C VAL A 43 -23.13 -3.73 40.06
N TYR A 44 -21.89 -3.31 39.87
CA TYR A 44 -21.59 -2.17 39.01
C TYR A 44 -20.72 -2.53 37.84
N TYR A 45 -21.13 -2.09 36.66
CA TYR A 45 -20.33 -2.34 35.50
C TYR A 45 -19.77 -1.04 34.99
N GLY A 46 -18.48 -0.99 34.74
CA GLY A 46 -17.82 0.23 34.32
C GLY A 46 -16.91 0.72 35.43
N VAL A 47 -16.52 -0.19 36.30
CA VAL A 47 -15.62 0.11 37.39
C VAL A 47 -14.21 0.32 36.84
N PRO A 48 -13.56 1.47 37.06
CA PRO A 48 -12.26 1.83 36.51
C PRO A 48 -11.12 1.20 37.28
N VAL A 49 -11.09 -0.11 37.31
CA VAL A 49 -10.07 -0.81 38.05
C VAL A 49 -9.20 -1.72 37.22
N TRP A 50 -7.89 -1.52 37.34
CA TRP A 50 -6.93 -2.35 36.64
C TRP A 50 -6.24 -3.37 37.49
N LYS A 51 -5.77 -4.40 36.81
CA LYS A 51 -4.92 -5.42 37.40
C LYS A 51 -3.74 -5.65 36.47
N GLU A 52 -2.59 -6.02 37.03
CA GLU A 52 -1.42 -6.27 36.20
C GLU A 52 -1.64 -7.52 35.37
N ALA A 53 -1.18 -7.49 34.13
CA ALA A 53 -1.36 -8.62 33.25
C ALA A 53 -0.24 -8.78 32.25
N THR A 54 -0.11 -9.98 31.69
CA THR A 54 0.88 -10.19 30.66
C THR A 54 0.21 -10.41 29.34
N THR A 55 0.93 -10.11 28.29
CA THR A 55 0.43 -10.25 26.94
C THR A 55 1.54 -10.26 25.92
N THR A 56 1.25 -10.72 24.72
CA THR A 56 2.22 -10.71 23.64
C THR A 56 2.36 -9.32 23.03
N LEU A 57 3.09 -8.50 23.76
CA LEU A 57 3.35 -7.09 23.49
C LEU A 57 4.10 -7.01 22.16
N PHE A 58 3.82 -5.99 21.32
CA PHE A 58 4.47 -5.93 20.00
C PHE A 58 5.35 -4.69 19.89
N CYS A 59 6.35 -4.70 18.96
CA CYS A 59 7.26 -3.56 18.76
C CYS A 59 6.88 -2.69 17.55
N ALA A 60 7.33 -1.44 17.62
CA ALA A 60 7.18 -0.47 16.57
C ALA A 60 8.44 0.38 16.50
N SER A 61 8.82 0.79 15.31
CA SER A 61 10.00 1.64 15.15
C SER A 61 10.00 2.37 13.84
N ASP A 62 10.86 3.38 13.72
CA ASP A 62 10.96 4.08 12.45
C ASP A 62 11.94 3.36 11.52
N ALA A 63 11.51 2.19 11.06
CA ALA A 63 12.30 1.31 10.20
C ALA A 63 12.37 1.85 8.78
N LYS A 64 13.46 1.61 8.05
CA LYS A 64 13.54 2.12 6.67
C LYS A 64 13.49 1.13 5.49
N ALA A 65 14.07 -0.07 5.62
CA ALA A 65 14.10 -1.12 4.58
C ALA A 65 14.89 -0.80 3.31
N TYR A 66 15.67 0.25 3.28
CA TYR A 66 16.48 0.50 2.09
C TYR A 66 17.94 0.79 2.37
N ASP A 67 18.32 0.90 3.63
CA ASP A 67 19.68 1.29 3.96
C ASP A 67 20.65 0.18 4.34
N THR A 68 20.21 -1.09 4.23
CA THR A 68 20.97 -2.35 4.47
C THR A 68 21.43 -2.62 5.91
N GLU A 69 21.29 -1.64 6.76
CA GLU A 69 21.71 -1.65 8.14
C GLU A 69 20.93 -2.70 8.89
N VAL A 70 21.55 -3.36 9.85
CA VAL A 70 20.84 -4.40 10.56
C VAL A 70 19.51 -4.05 11.20
N HIS A 71 19.40 -2.94 11.88
CA HIS A 71 18.17 -2.71 12.60
C HIS A 71 17.05 -2.36 11.65
N ASN A 72 17.40 -1.71 10.55
CA ASN A 72 16.41 -1.29 9.58
C ASN A 72 16.12 -2.31 8.49
N VAL A 73 16.64 -3.53 8.64
CA VAL A 73 16.29 -4.59 7.69
C VAL A 73 15.66 -5.71 8.49
N TRP A 74 15.58 -5.45 9.79
CA TRP A 74 15.02 -6.35 10.76
C TRP A 74 13.67 -5.85 11.17
N ALA A 75 13.67 -4.60 11.61
CA ALA A 75 12.51 -3.91 12.12
C ALA A 75 11.44 -3.77 11.07
N THR A 76 11.81 -3.92 9.82
CA THR A 76 10.92 -3.80 8.69
C THR A 76 10.01 -5.00 8.53
N HIS A 77 10.36 -6.09 9.19
CA HIS A 77 9.55 -7.29 9.16
C HIS A 77 9.11 -7.64 10.55
N ALA A 78 9.87 -7.18 11.54
CA ALA A 78 9.59 -7.48 12.93
C ALA A 78 8.65 -6.48 13.64
N CYS A 79 8.71 -5.17 13.30
CA CYS A 79 8.04 -4.07 13.98
C CYS A 79 7.14 -3.30 13.02
N VAL A 80 6.16 -2.62 13.58
CA VAL A 80 5.25 -1.80 12.78
C VAL A 80 5.72 -0.34 12.83
N PRO A 81 5.15 0.59 12.04
CA PRO A 81 5.43 2.01 12.05
C PRO A 81 5.10 2.53 13.41
N THR A 82 5.66 3.66 13.79
CA THR A 82 5.43 4.16 15.13
C THR A 82 4.03 4.68 15.31
N ASP A 83 3.61 4.85 16.55
CA ASP A 83 2.25 5.34 16.84
C ASP A 83 2.07 6.80 16.40
N PRO A 84 1.21 7.11 15.42
CA PRO A 84 0.98 8.44 14.89
C PRO A 84 0.18 9.34 15.83
N ASN A 85 -0.43 8.78 16.88
CA ASN A 85 -1.27 9.60 17.74
C ASN A 85 -1.29 9.17 19.23
N PRO A 86 -0.22 9.44 20.00
CA PRO A 86 -0.06 9.12 21.42
C PRO A 86 -1.15 9.81 22.26
N GLN A 87 -1.61 9.18 23.36
CA GLN A 87 -2.64 9.86 24.17
C GLN A 87 -2.22 10.43 25.53
N GLU A 88 -1.23 9.84 26.20
CA GLU A 88 -0.78 10.32 27.53
C GLU A 88 -1.93 10.69 28.48
N ILE A 89 -2.79 9.76 28.85
CA ILE A 89 -3.89 10.19 29.72
C ILE A 89 -3.44 10.22 31.16
N VAL A 90 -3.48 11.37 31.82
CA VAL A 90 -3.03 11.41 33.21
C VAL A 90 -4.17 11.02 34.11
N LEU A 91 -3.96 10.00 34.93
CA LEU A 91 -5.04 9.47 35.74
C LEU A 91 -5.21 10.17 37.07
N GLY A 92 -5.48 11.45 37.04
CA GLY A 92 -5.77 12.15 38.28
C GLY A 92 -4.66 12.04 39.31
N ASN A 93 -5.07 11.57 40.50
CA ASN A 93 -4.25 11.38 41.68
C ASN A 93 -3.93 9.91 41.95
N VAL A 94 -4.04 9.08 40.93
CA VAL A 94 -3.74 7.68 41.09
C VAL A 94 -2.35 7.39 41.53
N THR A 95 -2.25 6.51 42.54
CA THR A 95 -0.98 6.05 43.05
C THR A 95 -0.89 4.57 42.71
N GLU A 96 0.20 4.15 42.09
CA GLU A 96 0.38 2.77 41.64
C GLU A 96 1.69 2.16 42.04
N ASN A 97 1.67 0.91 42.51
CA ASN A 97 2.91 0.25 42.91
C ASN A 97 3.63 -0.42 41.75
N PHE A 98 4.80 0.11 41.42
CA PHE A 98 5.62 -0.36 40.32
C PHE A 98 6.78 -1.15 40.90
N ASN A 99 7.35 -2.07 40.13
CA ASN A 99 8.55 -2.78 40.57
C ASN A 99 9.37 -3.16 39.34
N MET A 100 10.44 -2.42 39.10
CA MET A 100 11.23 -2.60 37.90
C MET A 100 11.97 -3.93 37.85
N TRP A 101 12.11 -4.56 39.01
CA TRP A 101 12.85 -5.78 39.04
C TRP A 101 11.98 -7.01 38.91
N LYS A 102 10.66 -6.81 38.85
CA LYS A 102 9.74 -7.94 38.76
C LYS A 102 8.87 -7.83 37.52
N ASN A 103 9.23 -6.91 36.66
CA ASN A 103 8.50 -6.59 35.45
C ASN A 103 8.66 -7.68 34.40
N ASN A 104 7.68 -7.76 33.50
CA ASN A 104 7.71 -8.74 32.41
C ASN A 104 8.10 -8.14 31.08
N MET A 105 8.00 -6.82 30.94
CA MET A 105 8.29 -6.17 29.66
C MET A 105 9.75 -6.35 29.29
N VAL A 106 10.54 -6.57 30.33
CA VAL A 106 11.96 -6.75 30.28
C VAL A 106 12.29 -8.04 29.57
N GLU A 107 11.54 -9.10 29.86
CA GLU A 107 11.82 -10.38 29.26
C GLU A 107 11.44 -10.30 27.82
N GLN A 108 10.37 -9.59 27.54
CA GLN A 108 9.93 -9.50 26.18
C GLN A 108 10.95 -8.73 25.35
N MET A 109 11.53 -7.66 25.91
CA MET A 109 12.55 -6.97 25.16
C MET A 109 13.75 -7.88 24.95
N HIS A 110 14.08 -8.68 25.96
CA HIS A 110 15.20 -9.60 25.83
C HIS A 110 14.98 -10.55 24.67
N GLU A 111 13.79 -11.14 24.55
CA GLU A 111 13.57 -12.06 23.44
C GLU A 111 13.70 -11.39 22.07
N ASP A 112 13.22 -10.17 21.92
CA ASP A 112 13.37 -9.56 20.60
C ASP A 112 14.81 -9.22 20.27
N ILE A 113 15.58 -8.76 21.25
CA ILE A 113 16.95 -8.37 20.97
C ILE A 113 17.81 -9.60 20.72
N ILE A 114 17.62 -10.66 21.49
CA ILE A 114 18.43 -11.83 21.23
C ILE A 114 18.11 -12.36 19.82
N SER A 115 16.86 -12.25 19.37
CA SER A 115 16.53 -12.68 18.02
C SER A 115 17.22 -11.79 17.00
N LEU A 116 17.22 -10.48 17.25
CA LEU A 116 17.84 -9.51 16.37
C LEU A 116 19.30 -9.77 16.17
N TRP A 117 20.01 -10.01 17.25
CA TRP A 117 21.43 -10.26 17.11
C TRP A 117 21.71 -11.57 16.41
N ASP A 118 20.97 -12.64 16.74
CA ASP A 118 21.26 -13.94 16.14
C ASP A 118 21.00 -13.93 14.64
N GLN A 119 20.04 -13.12 14.23
CA GLN A 119 19.64 -12.97 12.85
C GLN A 119 20.48 -11.97 12.06
N SER A 120 21.48 -11.36 12.69
CA SER A 120 22.28 -10.35 12.02
C SER A 120 23.77 -10.47 12.22
N LEU A 121 24.24 -10.28 13.45
CA LEU A 121 25.67 -10.31 13.70
C LEU A 121 26.08 -11.72 13.92
N LYS A 122 26.10 -12.45 12.81
CA LYS A 122 26.40 -13.85 12.82
C LYS A 122 27.90 -14.03 12.97
N PRO A 123 28.35 -14.85 13.90
CA PRO A 123 29.72 -15.17 14.12
C PRO A 123 30.14 -16.14 13.06
N CYS A 124 31.44 -16.20 12.77
CA CYS A 124 32.05 -17.17 11.87
C CYS A 124 32.02 -18.53 12.53
N VAL A 125 32.33 -18.54 13.82
CA VAL A 125 32.33 -19.77 14.59
C VAL A 125 31.48 -19.59 15.85
N LYS A 126 30.53 -20.48 16.11
CA LYS A 126 29.70 -20.37 17.32
C LYS A 126 29.75 -21.67 18.11
N LEU A 127 30.09 -21.57 19.38
CA LEU A 127 30.20 -22.74 20.23
C LEU A 127 29.22 -22.70 21.38
N THR A 128 28.26 -23.60 21.36
CA THR A 128 27.21 -23.66 22.36
C THR A 128 27.42 -24.95 23.17
N PRO A 129 27.44 -24.93 24.51
CA PRO A 129 27.72 -26.08 25.36
C PRO A 129 26.57 -27.10 25.48
N LEU A 130 26.28 -27.79 24.35
CA LEU A 130 25.24 -28.81 24.22
C LEU A 130 25.90 -30.19 24.26
N ASN A 213 30.04 -32.49 26.12
CA ASN A 213 29.98 -32.31 24.68
C ASN A 213 29.53 -30.88 24.37
N THR A 214 29.90 -30.38 23.17
CA THR A 214 29.55 -29.06 22.63
C THR A 214 28.97 -29.25 21.25
N SER A 215 28.35 -28.19 20.75
CA SER A 215 27.82 -28.18 19.40
C SER A 215 28.31 -26.93 18.70
N VAL A 216 29.06 -27.13 17.64
CA VAL A 216 29.69 -26.03 16.96
C VAL A 216 29.24 -25.89 15.53
N ILE A 217 28.87 -24.69 15.18
CA ILE A 217 28.45 -24.41 13.82
C ILE A 217 29.26 -23.27 13.27
N THR A 218 29.28 -23.16 11.96
CA THR A 218 29.91 -22.02 11.34
C THR A 218 28.95 -21.37 10.38
N GLN A 219 29.17 -20.09 10.15
CA GLN A 219 28.32 -19.30 9.30
C GLN A 219 29.12 -18.38 8.40
N ALA A 220 28.53 -17.95 7.29
CA ALA A 220 29.20 -16.94 6.46
C ALA A 220 29.24 -15.63 7.26
N CYS A 221 30.33 -14.82 7.12
CA CYS A 221 30.51 -13.54 7.84
C CYS A 221 30.59 -12.30 6.95
N PRO A 222 29.52 -11.89 6.30
CA PRO A 222 29.51 -10.64 5.60
C PRO A 222 29.56 -9.68 6.75
N LYS A 223 30.17 -8.53 6.59
CA LYS A 223 30.11 -7.60 7.69
C LYS A 223 28.91 -6.74 7.43
N VAL A 224 28.29 -6.24 8.47
CA VAL A 224 27.14 -5.39 8.29
C VAL A 224 27.25 -4.12 9.09
N SER A 225 26.51 -3.09 8.65
CA SER A 225 26.43 -1.87 9.41
C SER A 225 25.66 -2.18 10.67
N PHE A 226 26.04 -1.56 11.77
CA PHE A 226 25.33 -1.80 13.00
C PHE A 226 25.24 -0.53 13.82
N GLU A 227 24.05 0.04 13.77
CA GLU A 227 23.71 1.29 14.44
C GLU A 227 22.31 1.22 15.08
N PRO A 228 22.20 0.93 16.37
CA PRO A 228 20.94 0.76 17.09
C PRO A 228 20.02 1.95 16.93
N ILE A 229 18.73 1.64 16.80
CA ILE A 229 17.69 2.64 16.59
C ILE A 229 16.75 2.46 17.76
N PRO A 230 15.98 3.46 18.18
CA PRO A 230 15.03 3.29 19.23
C PRO A 230 13.91 2.39 18.77
N ILE A 231 13.51 1.47 19.64
CA ILE A 231 12.39 0.59 19.38
C ILE A 231 11.43 0.71 20.55
N HIS A 232 10.15 0.89 20.28
CA HIS A 232 9.20 0.95 21.39
C HIS A 232 8.22 -0.16 21.39
N TYR A 233 7.73 -0.46 22.58
CA TYR A 233 6.77 -1.53 22.76
C TYR A 233 5.39 -0.96 22.90
N CYS A 234 4.39 -1.63 22.29
CA CYS A 234 2.99 -1.21 22.23
C CYS A 234 2.03 -2.30 22.70
N ALA A 235 1.01 -1.87 23.44
CA ALA A 235 -0.03 -2.75 23.95
C ALA A 235 -0.93 -3.31 22.84
N PRO A 236 -1.28 -4.61 22.87
CA PRO A 236 -2.25 -5.27 22.03
C PRO A 236 -3.62 -4.78 22.39
N ALA A 237 -4.58 -4.90 21.49
CA ALA A 237 -5.93 -4.49 21.83
C ALA A 237 -6.39 -5.22 23.09
N GLY A 238 -7.06 -4.46 23.96
CA GLY A 238 -7.57 -4.89 25.24
C GLY A 238 -6.64 -4.46 26.40
N PHE A 239 -5.43 -4.03 26.07
CA PHE A 239 -4.45 -3.63 27.07
C PHE A 239 -3.94 -2.20 26.97
N ALA A 240 -3.39 -1.72 28.08
CA ALA A 240 -2.77 -0.40 28.08
C ALA A 240 -1.59 -0.42 29.03
N ILE A 241 -0.67 0.52 28.86
CA ILE A 241 0.51 0.59 29.72
C ILE A 241 0.47 1.77 30.68
N LEU A 242 0.67 1.49 31.96
CA LEU A 242 0.68 2.57 32.92
C LEU A 242 2.11 3.03 33.00
N LYS A 243 2.29 4.33 33.12
CA LYS A 243 3.62 4.89 33.21
C LYS A 243 3.78 5.75 34.46
N CYS A 244 4.95 5.63 35.13
CA CYS A 244 5.34 6.42 36.30
C CYS A 244 6.00 7.72 35.85
N ASN A 245 5.39 8.84 36.22
CA ASN A 245 5.85 10.15 35.81
C ASN A 245 6.53 10.94 36.93
N SER A 246 6.87 10.27 38.01
CA SER A 246 7.54 10.94 39.10
C SER A 246 8.93 11.34 38.70
N LYS A 247 9.41 12.47 39.22
CA LYS A 247 10.79 12.86 38.94
C LYS A 247 11.68 11.99 39.82
N THR A 248 11.18 11.67 41.00
CA THR A 248 11.91 10.82 41.90
C THR A 248 11.16 9.52 42.06
N PHE A 249 11.84 8.46 41.72
CA PHE A 249 11.31 7.12 41.82
C PHE A 249 12.48 6.19 41.89
N ASN A 250 12.51 5.37 42.93
CA ASN A 250 13.63 4.47 43.20
C ASN A 250 13.51 3.10 42.58
N GLY A 251 12.57 2.93 41.68
CA GLY A 251 12.38 1.66 41.00
C GLY A 251 11.29 0.80 41.62
N SER A 252 10.82 1.14 42.81
CA SER A 252 9.78 0.31 43.38
C SER A 252 8.87 1.04 44.35
N GLY A 253 7.67 0.50 44.51
CA GLY A 253 6.75 1.05 45.47
C GLY A 253 5.85 2.05 44.78
N PRO A 254 5.02 2.76 45.52
CA PRO A 254 4.03 3.65 44.97
C PRO A 254 4.64 4.82 44.23
N CYS A 255 4.11 5.11 43.05
CA CYS A 255 4.42 6.21 42.19
C CYS A 255 3.18 7.06 42.27
N THR A 256 3.33 8.33 42.61
CA THR A 256 2.17 9.19 42.84
C THR A 256 1.63 10.02 41.66
N ASN A 257 2.19 9.85 40.45
CA ASN A 257 1.77 10.52 39.22
C ASN A 257 1.82 9.47 38.10
N VAL A 258 0.63 8.97 37.66
CA VAL A 258 0.51 7.86 36.70
C VAL A 258 -0.30 8.27 35.48
N SER A 259 0.22 7.95 34.29
CA SER A 259 -0.50 8.23 33.05
C SER A 259 -0.61 6.95 32.24
N THR A 260 -1.55 6.92 31.31
CA THR A 260 -1.72 5.73 30.49
C THR A 260 -1.36 5.98 29.03
N VAL A 261 -0.54 5.10 28.50
CA VAL A 261 -0.08 5.18 27.13
C VAL A 261 -0.27 3.86 26.40
N GLN A 262 -0.26 3.90 25.07
CA GLN A 262 -0.23 2.62 24.36
C GLN A 262 1.17 2.09 24.14
N CYS A 263 2.13 2.99 23.82
CA CYS A 263 3.50 2.67 23.46
C CYS A 263 4.47 3.34 24.41
N THR A 264 5.62 2.70 24.58
CA THR A 264 6.69 3.23 25.40
C THR A 264 7.46 4.29 24.64
N HIS A 265 8.32 5.02 25.36
CA HIS A 265 9.18 6.06 24.81
C HIS A 265 10.03 5.59 23.63
N GLY A 266 10.64 4.44 23.80
CA GLY A 266 11.54 3.87 22.81
C GLY A 266 12.89 3.71 23.40
N ILE A 267 13.38 2.49 23.30
CA ILE A 267 14.65 2.14 23.84
C ILE A 267 15.59 1.76 22.75
N ARG A 268 16.72 2.40 22.72
CA ARG A 268 17.72 2.05 21.75
C ARG A 268 18.43 0.86 22.38
N PRO A 269 18.45 -0.33 21.76
CA PRO A 269 18.98 -1.54 22.31
C PRO A 269 20.48 -1.59 22.28
N VAL A 270 21.11 -0.73 23.03
CA VAL A 270 22.54 -0.76 23.11
C VAL A 270 22.90 -1.85 24.06
N VAL A 271 23.82 -2.69 23.65
CA VAL A 271 24.26 -3.77 24.48
C VAL A 271 25.64 -3.40 24.99
N SER A 272 25.74 -3.11 26.28
CA SER A 272 27.00 -2.68 26.87
C SER A 272 27.11 -3.04 28.33
N THR A 273 28.32 -2.95 28.85
CA THR A 273 28.60 -3.20 30.26
C THR A 273 29.19 -1.97 30.89
N GLN A 274 29.22 -1.87 32.23
CA GLN A 274 29.78 -0.77 33.04
C GLN A 274 29.13 0.62 32.84
N LEU A 275 29.14 1.12 31.62
CA LEU A 275 28.53 2.38 31.27
C LEU A 275 27.47 2.09 30.22
N LEU A 276 26.30 2.67 30.43
CA LEU A 276 25.17 2.51 29.56
C LEU A 276 25.16 3.67 28.65
N LEU A 277 25.09 3.38 27.37
CA LEU A 277 25.14 4.43 26.39
C LEU A 277 23.81 4.61 25.68
N ASN A 278 23.53 5.88 25.30
CA ASN A 278 22.42 6.40 24.50
C ASN A 278 21.02 6.06 25.08
N GLY A 279 20.87 6.10 26.43
CA GLY A 279 19.61 5.87 27.14
C GLY A 279 19.00 7.19 27.50
N SER A 280 18.02 7.16 28.38
CA SER A 280 17.36 8.38 28.80
C SER A 280 17.99 8.93 30.05
N LEU A 281 17.70 10.20 30.33
CA LEU A 281 18.18 10.86 31.52
C LEU A 281 17.11 11.03 32.57
N ALA A 282 17.56 11.17 33.81
CA ALA A 282 16.72 11.35 35.00
C ALA A 282 16.19 12.77 35.13
N GLU A 283 16.67 13.64 34.28
CA GLU A 283 16.30 15.06 34.19
C GLU A 283 16.71 15.96 35.35
N GLU A 284 16.25 15.66 36.56
CA GLU A 284 16.58 16.56 37.67
C GLU A 284 17.69 16.10 38.60
N GLU A 285 17.73 14.81 38.91
CA GLU A 285 18.73 14.33 39.86
C GLU A 285 19.28 13.00 39.46
N ILE A 286 20.44 12.66 39.95
CA ILE A 286 20.93 11.33 39.68
C ILE A 286 20.16 10.39 40.57
N VAL A 287 19.60 9.36 39.98
CA VAL A 287 18.79 8.45 40.77
C VAL A 287 19.48 7.12 40.96
N ILE A 288 19.57 6.72 42.21
CA ILE A 288 20.21 5.47 42.53
C ILE A 288 19.13 4.41 42.75
N ARG A 289 19.07 3.41 41.87
CA ARG A 289 18.02 2.41 41.96
C ARG A 289 18.55 1.02 42.22
N SER A 290 18.04 0.38 43.24
CA SER A 290 18.46 -0.98 43.55
C SER A 290 17.36 -1.74 44.20
N GLU A 291 17.22 -3.02 43.87
CA GLU A 291 16.19 -3.83 44.49
C GLU A 291 16.33 -3.81 46.03
N ASN A 292 17.58 -3.89 46.53
CA ASN A 292 17.99 -3.80 47.92
C ASN A 292 19.38 -3.14 47.96
N ILE A 293 19.44 -1.83 48.22
CA ILE A 293 20.66 -1.00 48.18
C ILE A 293 21.69 -1.45 49.22
N THR A 294 21.24 -2.23 50.21
CA THR A 294 22.13 -2.72 51.23
C THR A 294 22.44 -4.21 51.17
N ASP A 295 21.99 -4.98 50.15
CA ASP A 295 22.30 -6.42 50.24
C ASP A 295 23.68 -6.78 49.69
N ASN A 296 24.37 -5.83 49.12
CA ASN A 296 25.69 -6.04 48.58
C ASN A 296 25.69 -7.21 47.61
N ALA A 297 24.67 -7.32 46.78
CA ALA A 297 24.59 -8.38 45.82
C ALA A 297 24.05 -7.85 44.52
N LYS A 298 22.99 -7.07 44.58
CA LYS A 298 22.35 -6.63 43.36
C LYS A 298 23.07 -5.42 42.79
N THR A 299 23.04 -5.31 41.46
CA THR A 299 23.62 -4.19 40.75
C THR A 299 22.79 -2.96 40.93
N ILE A 300 23.45 -1.85 41.19
CA ILE A 300 22.85 -0.56 41.36
C ILE A 300 22.82 0.14 40.03
N ILE A 301 21.66 0.58 39.62
CA ILE A 301 21.59 1.28 38.38
C ILE A 301 21.56 2.75 38.67
N VAL A 302 22.53 3.45 38.14
CA VAL A 302 22.63 4.87 38.36
C VAL A 302 22.19 5.60 37.13
N GLN A 303 21.11 6.34 37.23
CA GLN A 303 20.66 7.06 36.05
C GLN A 303 21.10 8.50 36.18
N LEU A 304 21.79 8.99 35.17
CA LEU A 304 22.30 10.33 35.27
C LEU A 304 21.26 11.33 34.85
N ASN A 305 21.33 12.55 35.39
CA ASN A 305 20.44 13.63 34.97
C ASN A 305 21.06 14.48 33.87
N GLU A 306 22.27 14.14 33.50
CA GLU A 306 23.02 14.82 32.46
C GLU A 306 23.81 13.76 31.70
N ALA A 307 23.98 13.95 30.40
CA ALA A 307 24.81 13.00 29.67
C ALA A 307 26.25 13.48 29.60
N VAL A 308 27.15 12.53 29.54
CA VAL A 308 28.57 12.83 29.35
C VAL A 308 29.04 12.27 28.02
N GLU A 309 29.65 13.11 27.20
CA GLU A 309 30.07 12.63 25.90
C GLU A 309 31.33 11.81 25.96
N ILE A 310 31.34 10.71 25.21
CA ILE A 310 32.51 9.87 25.03
C ILE A 310 32.78 9.71 23.52
N ASN A 311 34.00 10.08 23.04
CA ASN A 311 34.38 10.01 21.62
C ASN A 311 35.44 8.91 21.40
N CYS A 312 35.01 7.76 20.83
CA CYS A 312 35.85 6.56 20.62
C CYS A 312 36.27 6.44 19.16
N THR A 313 37.57 6.54 18.93
CA THR A 313 38.08 6.51 17.57
C THR A 313 39.24 5.58 17.30
N ARG A 314 39.15 4.87 16.18
CA ARG A 314 40.22 4.06 15.63
C ARG A 314 40.61 4.66 14.28
N PRO A 315 41.62 5.54 14.23
CA PRO A 315 41.99 6.33 13.07
C PRO A 315 42.53 5.49 11.93
N ASN A 316 42.35 5.96 10.70
CA ASN A 316 42.86 5.18 9.56
C ASN A 316 44.32 5.42 9.28
N ASN A 317 45.14 4.99 10.22
CA ASN A 317 46.57 5.03 10.14
C ASN A 317 47.05 3.85 10.95
N ASN A 318 46.09 3.20 11.58
CA ASN A 318 46.38 1.99 12.31
C ASN A 318 46.27 0.83 11.37
N THR A 319 47.31 0.67 10.57
CA THR A 319 47.39 -0.35 9.55
C THR A 319 48.44 -1.39 9.88
N ARG A 320 49.10 -1.24 11.01
CA ARG A 320 50.17 -2.13 11.43
C ARG A 320 49.62 -3.39 12.08
N LYS A 321 50.31 -4.50 11.85
CA LYS A 321 49.93 -5.76 12.47
C LYS A 321 51.14 -6.36 13.18
N SER A 322 50.91 -7.18 14.23
CA SER A 322 51.94 -7.90 14.99
C SER A 322 52.20 -9.26 14.31
N ASN A 340 48.51 -0.66 16.30
CA ASN A 340 48.12 -1.71 15.37
C ASN A 340 46.65 -1.51 14.96
N ILE A 341 46.15 -2.39 14.05
CA ILE A 341 44.77 -2.40 13.49
C ILE A 341 43.64 -2.64 14.52
N ARG A 342 43.98 -3.06 15.72
CA ARG A 342 42.98 -3.28 16.76
C ARG A 342 42.96 -2.25 17.87
N GLN A 343 43.78 -1.20 17.79
CA GLN A 343 43.82 -0.20 18.85
C GLN A 343 42.94 0.99 18.59
N ALA A 344 42.27 1.46 19.64
CA ALA A 344 41.41 2.63 19.59
C ALA A 344 41.48 3.40 20.90
N HIS A 345 41.22 4.70 20.86
CA HIS A 345 41.19 5.53 22.07
C HIS A 345 39.83 6.21 22.29
N CYS A 346 39.32 6.23 23.56
CA CYS A 346 38.07 6.94 23.94
C CYS A 346 38.40 8.14 24.80
N ASN A 347 37.97 9.30 24.33
CA ASN A 347 38.22 10.59 24.96
C ASN A 347 36.99 11.10 25.75
N ILE A 348 37.18 11.30 27.09
CA ILE A 348 36.19 11.77 28.07
C ILE A 348 36.60 13.10 28.72
N SER A 349 35.71 14.08 28.77
CA SER A 349 36.05 15.37 29.38
C SER A 349 36.31 15.21 30.88
N LYS A 350 37.35 15.89 31.40
CA LYS A 350 37.64 15.78 32.81
C LYS A 350 36.66 16.57 33.60
N ALA A 351 36.29 17.72 33.06
CA ALA A 351 35.36 18.56 33.76
C ALA A 351 34.01 17.88 33.89
N ARG A 352 33.60 17.18 32.83
CA ARG A 352 32.29 16.55 32.88
C ARG A 352 32.33 15.33 33.75
N TRP A 353 33.40 14.56 33.67
CA TRP A 353 33.46 13.37 34.47
C TRP A 353 33.51 13.73 35.94
N ASN A 354 34.32 14.72 36.30
CA ASN A 354 34.47 15.06 37.70
C ASN A 354 33.19 15.60 38.28
N GLU A 355 32.43 16.38 37.52
CA GLU A 355 31.19 16.91 38.06
C GLU A 355 30.19 15.80 38.24
N THR A 356 30.13 14.89 37.27
CA THR A 356 29.16 13.82 37.34
C THR A 356 29.45 12.91 38.53
N LEU A 357 30.71 12.58 38.73
CA LEU A 357 31.04 11.66 39.79
C LEU A 357 30.87 12.32 41.14
N GLY A 358 31.13 13.62 41.24
CA GLY A 358 30.90 14.30 42.49
C GLY A 358 29.40 14.26 42.85
N GLN A 359 28.53 14.45 41.84
CA GLN A 359 27.09 14.41 42.07
C GLN A 359 26.64 13.01 42.48
N ILE A 360 27.24 11.98 41.90
CA ILE A 360 26.87 10.62 42.26
C ILE A 360 27.21 10.41 43.71
N VAL A 361 28.39 10.85 44.12
CA VAL A 361 28.79 10.68 45.50
C VAL A 361 27.86 11.40 46.43
N ALA A 362 27.44 12.60 46.06
CA ALA A 362 26.55 13.32 46.96
C ALA A 362 25.30 12.49 47.27
N LYS A 363 24.79 11.73 46.30
CA LYS A 363 23.64 10.88 46.59
C LYS A 363 24.04 9.61 47.34
N LEU A 364 25.21 9.05 47.03
CA LEU A 364 25.62 7.82 47.69
C LEU A 364 25.81 8.09 49.18
N GLU A 365 26.26 9.28 49.53
CA GLU A 365 26.46 9.71 50.91
C GLU A 365 25.17 9.86 51.69
N GLU A 366 24.02 10.00 51.02
CA GLU A 366 22.79 10.13 51.76
C GLU A 366 22.48 8.76 52.32
N GLN A 367 22.68 7.75 51.45
CA GLN A 367 22.45 6.36 51.85
C GLN A 367 23.54 5.84 52.79
N PHE A 368 24.79 6.26 52.55
CA PHE A 368 25.93 5.78 53.31
C PHE A 368 26.77 6.93 53.86
N PRO A 369 26.28 7.71 54.83
CA PRO A 369 26.86 8.95 55.34
C PRO A 369 28.18 8.81 56.09
N ASN A 370 28.54 7.60 56.49
CA ASN A 370 29.76 7.43 57.26
C ASN A 370 30.98 6.98 56.43
N LYS A 371 30.85 6.91 55.11
CA LYS A 371 31.98 6.48 54.28
C LYS A 371 32.16 7.37 53.03
N THR A 372 33.43 7.52 52.57
CA THR A 372 33.83 8.27 51.37
C THR A 372 34.06 7.28 50.22
N PHE A 375 34.40 3.79 41.15
CA PHE A 375 35.23 4.46 42.16
C PHE A 375 36.45 3.61 42.63
N ASN A 376 36.58 2.38 42.08
CA ASN A 376 37.67 1.43 42.30
C ASN A 376 37.78 0.54 41.05
N HIS A 377 38.85 -0.27 40.99
CA HIS A 377 39.21 -1.23 39.94
C HIS A 377 38.25 -2.41 39.95
N SER A 378 37.90 -2.91 38.78
CA SER A 378 37.00 -4.05 38.76
C SER A 378 37.72 -5.25 39.38
N SER A 379 36.94 -6.20 39.87
CA SER A 379 37.51 -7.37 40.51
C SER A 379 38.09 -8.42 39.56
N GLY A 380 37.58 -8.48 38.35
CA GLY A 380 38.04 -9.51 37.45
C GLY A 380 36.87 -10.35 36.99
N GLY A 381 37.11 -11.18 35.99
CA GLY A 381 36.08 -12.00 35.40
C GLY A 381 36.23 -11.96 33.91
N ASP A 382 35.18 -12.36 33.21
CA ASP A 382 35.20 -12.39 31.78
C ASP A 382 35.52 -10.97 31.32
N PRO A 383 36.25 -10.77 30.21
CA PRO A 383 36.68 -9.48 29.72
C PRO A 383 35.55 -8.50 29.43
N GLU A 384 34.34 -9.00 29.15
CA GLU A 384 33.20 -8.13 28.88
C GLU A 384 32.75 -7.40 30.12
N ILE A 385 33.13 -7.91 31.28
CA ILE A 385 32.74 -7.32 32.54
C ILE A 385 33.86 -6.46 33.04
N VAL A 386 35.07 -6.98 32.90
CA VAL A 386 36.25 -6.30 33.41
C VAL A 386 36.47 -4.97 32.75
N THR A 387 36.34 -4.94 31.43
CA THR A 387 36.46 -3.71 30.70
C THR A 387 35.10 -3.27 30.25
N HIS A 388 35.00 -2.05 29.80
CA HIS A 388 33.77 -1.56 29.24
C HIS A 388 33.62 -2.19 27.92
N SER A 389 32.42 -2.56 27.52
CA SER A 389 32.34 -3.08 26.17
C SER A 389 31.11 -2.63 25.46
N PHE A 390 31.25 -2.54 24.15
CA PHE A 390 30.17 -2.14 23.25
C PHE A 390 30.38 -2.59 21.81
N ASN A 391 29.34 -2.49 20.99
CA ASN A 391 29.49 -2.82 19.57
C ASN A 391 29.03 -1.70 18.64
N CYS A 392 29.96 -1.19 17.84
CA CYS A 392 29.65 -0.11 16.89
C CYS A 392 30.27 -0.37 15.56
N GLY A 393 29.48 -0.28 14.49
CA GLY A 393 30.05 -0.47 13.16
C GLY A 393 30.23 -1.95 12.89
N GLY A 394 29.70 -2.74 13.80
CA GLY A 394 29.77 -4.17 13.81
C GLY A 394 30.96 -4.67 14.60
N GLU A 395 31.84 -3.77 15.05
CA GLU A 395 33.02 -4.19 15.78
C GLU A 395 32.84 -4.19 17.28
N PHE A 396 33.47 -5.15 17.92
CA PHE A 396 33.39 -5.30 19.37
C PHE A 396 34.55 -4.66 20.10
N PHE A 397 34.26 -3.62 20.85
CA PHE A 397 35.26 -2.85 21.55
C PHE A 397 35.28 -3.18 23.02
N TYR A 398 36.48 -3.29 23.55
CA TYR A 398 36.72 -3.48 24.98
C TYR A 398 37.60 -2.32 25.47
N CYS A 399 37.19 -1.55 26.53
CA CYS A 399 37.92 -0.36 26.99
C CYS A 399 38.29 -0.38 28.46
N ASN A 400 39.50 0.04 28.72
CA ASN A 400 40.07 0.17 30.05
C ASN A 400 39.52 1.44 30.71
N THR A 401 38.74 1.28 31.81
CA THR A 401 38.06 2.34 32.55
C THR A 401 38.71 2.67 33.89
N THR A 402 39.92 2.17 34.15
CA THR A 402 40.52 2.53 35.42
C THR A 402 40.79 4.05 35.49
N PRO A 403 41.06 4.80 34.40
CA PRO A 403 41.20 6.24 34.41
C PRO A 403 39.93 6.97 34.85
N LEU A 404 38.79 6.28 34.82
CA LEU A 404 37.53 6.87 35.21
C LEU A 404 37.12 6.51 36.62
N PHE A 405 37.47 5.30 37.03
CA PHE A 405 37.06 4.79 38.33
C PHE A 405 38.25 4.39 39.20
N ASN A 406 38.74 5.33 40.04
CA ASN A 406 39.89 5.15 40.92
C ASN A 406 39.78 6.08 42.13
N GLN A 423 42.46 18.19 30.36
CA GLN A 423 41.26 17.59 29.79
C GLN A 423 41.60 16.33 28.97
N ASN A 424 40.56 15.69 28.38
CA ASN A 424 40.60 14.51 27.51
C ASN A 424 41.26 13.29 28.16
N ILE A 425 40.49 12.58 29.02
CA ILE A 425 40.91 11.35 29.71
C ILE A 425 40.87 10.31 28.63
N THR A 426 41.92 9.54 28.43
CA THR A 426 41.81 8.58 27.35
C THR A 426 41.80 7.18 27.86
N LEU A 427 40.92 6.40 27.29
CA LEU A 427 40.83 5.00 27.65
C LEU A 427 41.52 4.21 26.58
N GLN A 428 42.28 3.20 26.97
CA GLN A 428 42.85 2.32 25.97
C GLN A 428 41.84 1.26 25.63
N CYS A 429 41.52 1.10 24.33
CA CYS A 429 40.54 0.17 23.82
C CYS A 429 41.16 -0.77 22.82
N ARG A 430 40.57 -1.95 22.74
CA ARG A 430 40.96 -2.92 21.75
C ARG A 430 39.75 -3.52 21.09
N ILE A 431 39.88 -3.85 19.83
CA ILE A 431 38.82 -4.52 19.10
C ILE A 431 39.14 -5.98 19.06
N LYS A 432 38.20 -6.79 19.53
CA LYS A 432 38.44 -8.23 19.64
C LYS A 432 37.55 -9.06 18.75
N GLN A 433 38.03 -10.25 18.42
CA GLN A 433 37.31 -11.21 17.61
C GLN A 433 36.67 -12.32 18.39
N ILE A 434 37.20 -12.67 19.55
CA ILE A 434 36.59 -13.77 20.30
C ILE A 434 35.79 -13.13 21.40
N ILE A 435 34.47 -13.31 21.31
CA ILE A 435 33.49 -12.68 22.16
C ILE A 435 32.74 -13.68 23.01
N ASN A 436 32.58 -13.41 24.31
CA ASN A 436 31.76 -14.29 25.12
C ASN A 436 30.35 -13.78 24.89
N MET A 437 29.46 -14.65 24.50
CA MET A 437 28.12 -14.21 24.15
C MET A 437 27.31 -13.76 25.34
N TRP A 438 26.46 -12.75 25.15
CA TRP A 438 25.57 -12.29 26.21
C TRP A 438 24.24 -12.98 26.07
N GLN A 439 24.09 -13.63 24.95
CA GLN A 439 22.89 -14.32 24.52
C GLN A 439 22.65 -15.61 25.30
N GLY A 440 23.69 -16.13 25.89
CA GLY A 440 23.64 -17.37 26.62
C GLY A 440 25.06 -17.81 26.83
N VAL A 441 25.27 -18.94 27.45
CA VAL A 441 26.63 -19.36 27.64
C VAL A 441 27.18 -19.93 26.37
N GLY A 442 28.34 -19.44 25.98
CA GLY A 442 29.02 -19.91 24.78
C GLY A 442 29.97 -18.84 24.27
N LYS A 443 30.78 -19.24 23.29
CA LYS A 443 31.77 -18.34 22.69
C LYS A 443 31.53 -18.17 21.23
N ALA A 444 31.98 -17.05 20.69
CA ALA A 444 31.86 -16.89 19.27
C ALA A 444 33.00 -16.09 18.67
N MET A 445 33.35 -16.46 17.44
CA MET A 445 34.37 -15.77 16.67
C MET A 445 33.72 -14.92 15.63
N TYR A 446 34.16 -13.69 15.56
CA TYR A 446 33.73 -12.74 14.56
C TYR A 446 34.83 -12.45 13.58
N ALA A 447 34.47 -11.94 12.42
CA ALA A 447 35.45 -11.62 11.41
C ALA A 447 36.42 -10.52 11.93
N PRO A 448 37.70 -10.48 11.45
CA PRO A 448 38.73 -9.50 11.74
C PRO A 448 38.28 -8.07 11.39
N PRO A 449 38.95 -7.03 11.93
CA PRO A 449 38.63 -5.62 11.79
C PRO A 449 38.62 -5.11 10.37
N ILE A 450 37.77 -4.12 10.16
CA ILE A 450 37.59 -3.39 8.90
C ILE A 450 38.68 -2.38 8.68
N ARG A 451 39.24 -2.35 7.47
CA ARG A 451 40.24 -1.33 7.20
C ARG A 451 39.51 -0.03 6.91
N GLY A 452 39.92 1.03 7.59
CA GLY A 452 39.32 2.34 7.44
C GLY A 452 39.23 2.98 8.80
N GLN A 453 38.50 4.08 8.90
CA GLN A 453 38.39 4.77 10.17
C GLN A 453 37.04 4.58 10.77
N ILE A 454 37.03 3.98 11.95
CA ILE A 454 35.79 3.68 12.64
C ILE A 454 35.71 4.37 13.96
N ARG A 455 34.62 5.07 14.15
CA ARG A 455 34.42 5.78 15.39
C ARG A 455 32.97 5.90 15.73
N CYS A 456 32.73 6.14 16.99
CA CYS A 456 31.38 6.41 17.46
C CYS A 456 31.44 7.42 18.57
N SER A 457 30.45 8.28 18.61
CA SER A 457 30.36 9.25 19.67
C SER A 457 29.10 8.90 20.41
N SER A 458 29.23 8.57 21.67
CA SER A 458 28.10 8.11 22.44
C SER A 458 27.84 9.01 23.64
N ASN A 459 26.61 8.92 24.19
CA ASN A 459 26.17 9.63 25.39
C ASN A 459 26.13 8.67 26.59
N ILE A 460 26.90 8.94 27.65
CA ILE A 460 26.89 8.16 28.88
C ILE A 460 25.70 8.66 29.64
N THR A 461 24.73 7.77 29.84
CA THR A 461 23.48 8.15 30.47
C THR A 461 23.25 7.43 31.78
N GLY A 462 24.14 6.52 32.11
CA GLY A 462 24.00 5.77 33.35
C GLY A 462 25.13 4.78 33.56
N LEU A 463 25.25 4.34 34.80
CA LEU A 463 26.29 3.41 35.22
C LEU A 463 25.75 2.18 35.93
N LEU A 464 26.48 1.09 35.85
CA LEU A 464 26.14 -0.07 36.63
C LEU A 464 27.18 -0.23 37.71
N LEU A 465 26.80 -0.03 38.96
CA LEU A 465 27.79 -0.12 40.03
C LEU A 465 27.47 -1.21 41.03
N THR A 466 28.48 -1.78 41.67
CA THR A 466 28.21 -2.74 42.72
C THR A 466 29.00 -2.43 44.00
N ARG A 467 28.52 -2.97 45.12
CA ARG A 467 29.20 -2.80 46.39
C ARG A 467 29.29 -4.15 47.10
N ASP A 468 30.39 -4.39 47.79
CA ASP A 468 30.59 -5.62 48.55
C ASP A 468 30.26 -5.44 50.05
N GLY A 469 30.39 -6.53 50.85
CA GLY A 469 30.16 -6.55 52.30
C GLY A 469 31.30 -5.85 53.04
N THR A 478 33.75 3.21 47.48
CA THR A 478 34.39 2.35 46.52
C THR A 478 33.37 1.36 45.88
N PHE A 479 32.45 1.93 45.08
CA PHE A 479 31.44 1.23 44.27
C PHE A 479 32.08 0.96 42.93
N ARG A 480 32.18 -0.31 42.55
CA ARG A 480 32.88 -0.69 41.33
C ARG A 480 31.97 -0.77 40.13
N PRO A 481 32.44 -0.50 38.91
CA PRO A 481 31.72 -0.78 37.69
C PRO A 481 31.41 -2.26 37.60
N GLY A 482 30.20 -2.58 37.15
CA GLY A 482 29.75 -3.96 36.96
C GLY A 482 29.16 -4.12 35.57
N GLY A 483 28.46 -5.21 35.32
CA GLY A 483 27.96 -5.39 33.97
C GLY A 483 27.44 -6.76 33.71
N GLY A 484 27.18 -7.05 32.45
CA GLY A 484 26.63 -8.32 32.05
C GLY A 484 25.16 -8.27 32.35
N ASN A 485 24.51 -9.42 32.36
CA ASN A 485 23.08 -9.45 32.65
C ASN A 485 22.34 -8.37 31.87
N MET A 486 22.27 -8.50 30.54
CA MET A 486 21.71 -7.43 29.70
C MET A 486 20.30 -7.06 30.07
N ARG A 487 19.57 -7.95 30.72
CA ARG A 487 18.22 -7.64 31.14
C ARG A 487 18.21 -6.35 31.98
N ASP A 488 19.26 -6.11 32.78
CA ASP A 488 19.34 -4.94 33.64
C ASP A 488 19.49 -3.66 32.86
N ASN A 489 20.09 -3.71 31.68
CA ASN A 489 20.23 -2.47 30.95
C ASN A 489 18.86 -2.08 30.48
N TRP A 490 18.06 -3.06 30.13
CA TRP A 490 16.74 -2.75 29.64
C TRP A 490 15.83 -2.33 30.79
N ARG A 491 16.08 -2.84 32.00
CA ARG A 491 15.29 -2.43 33.15
C ARG A 491 15.45 -0.94 33.37
N SER A 492 16.65 -0.42 33.11
CA SER A 492 16.91 0.99 33.38
C SER A 492 16.05 1.90 32.52
N GLU A 493 15.45 1.38 31.46
CA GLU A 493 14.57 2.16 30.62
C GLU A 493 13.10 1.77 30.82
N LEU A 494 12.85 0.48 31.10
CA LEU A 494 11.50 -0.04 31.26
C LEU A 494 10.94 0.07 32.68
N TYR A 495 11.74 0.59 33.60
CA TYR A 495 11.38 0.75 35.00
C TYR A 495 10.13 1.53 35.27
N LYS A 496 9.76 2.40 34.38
CA LYS A 496 8.60 3.21 34.60
C LYS A 496 7.33 2.64 33.96
N TYR A 497 7.39 1.48 33.31
CA TYR A 497 6.18 0.99 32.65
C TYR A 497 5.66 -0.37 33.09
N LYS A 498 4.32 -0.51 33.12
CA LYS A 498 3.70 -1.83 33.34
C LYS A 498 2.45 -2.04 32.50
N VAL A 499 2.18 -3.28 32.11
CA VAL A 499 0.98 -3.59 31.33
C VAL A 499 -0.17 -4.00 32.22
N VAL A 500 -1.31 -3.37 32.01
CA VAL A 500 -2.48 -3.73 32.78
C VAL A 500 -3.69 -3.98 31.92
N LYS A 501 -4.67 -4.63 32.52
CA LYS A 501 -5.96 -4.90 31.91
C LYS A 501 -7.02 -4.31 32.81
N ILE A 502 -8.18 -4.01 32.25
CA ILE A 502 -9.26 -3.45 33.05
C ILE A 502 -10.29 -4.49 33.35
N GLU A 503 -10.69 -4.56 34.60
CA GLU A 503 -11.72 -5.47 35.05
C GLU A 503 -12.93 -4.64 35.45
N PRO A 504 -13.85 -4.32 34.53
CA PRO A 504 -14.93 -3.39 34.70
C PRO A 504 -16.04 -3.85 35.62
N LEU A 505 -16.03 -5.12 36.02
CA LEU A 505 -17.11 -5.61 36.86
C LEU A 505 -16.73 -5.64 38.32
N GLY A 506 -17.45 -4.89 39.16
CA GLY A 506 -17.16 -4.85 40.58
C GLY A 506 -18.44 -4.76 41.40
N ILE A 507 -18.31 -4.78 42.71
CA ILE A 507 -19.47 -4.76 43.62
C ILE A 507 -19.28 -3.85 44.83
N ALA A 508 -20.37 -3.37 45.40
CA ALA A 508 -20.29 -2.55 46.63
C ALA A 508 -21.63 -2.60 47.33
N PRO A 509 -21.71 -2.43 48.67
CA PRO A 509 -22.96 -2.30 49.40
C PRO A 509 -23.63 -0.97 49.14
N THR A 510 -24.96 -0.98 49.01
CA THR A 510 -25.78 0.21 48.85
C THR A 510 -27.11 0.19 49.60
N ALA A 511 -27.71 1.37 49.74
CA ALA A 511 -29.03 1.48 50.35
C ALA A 511 -30.20 1.29 49.37
N CYS A 512 -30.36 0.08 48.79
CA CYS A 512 -31.44 -0.28 47.87
C CYS A 512 -31.75 -1.77 47.93
N LYS A 513 -32.89 -2.17 47.36
CA LYS A 513 -33.28 -3.57 47.24
C LYS A 513 -34.13 -3.76 45.95
N ARG A 514 -34.32 -4.99 45.48
CA ARG A 514 -35.20 -5.18 44.32
C ARG A 514 -36.66 -5.13 44.78
N ARG A 515 -37.60 -4.83 43.83
CA ARG A 515 -39.06 -4.78 44.00
C ARG A 515 -39.45 -3.45 44.63
N ALA B 1 -5.46 4.71 27.41
CA ALA B 1 -4.98 5.38 26.22
C ALA B 1 -5.91 4.99 25.06
N VAL B 2 -5.54 3.96 24.29
CA VAL B 2 -6.27 3.36 23.22
C VAL B 2 -6.11 1.90 23.52
N GLY B 3 -6.92 1.06 22.93
CA GLY B 3 -6.79 -0.36 23.18
C GLY B 3 -7.83 -0.81 24.19
N LEU B 4 -8.43 0.15 24.89
CA LEU B 4 -9.44 -0.17 25.87
C LEU B 4 -10.86 0.06 25.35
N GLY B 5 -11.03 0.99 24.41
CA GLY B 5 -12.35 1.31 23.86
C GLY B 5 -13.01 2.48 24.54
N ALA B 6 -13.99 3.10 23.88
CA ALA B 6 -14.68 4.25 24.46
C ALA B 6 -15.39 3.93 25.78
N PHE B 7 -15.94 2.71 25.93
CA PHE B 7 -16.64 2.44 27.18
C PHE B 7 -15.70 2.59 28.33
N ILE B 8 -14.56 1.95 28.27
CA ILE B 8 -13.63 2.10 29.36
C ILE B 8 -13.01 3.48 29.47
N LEU B 9 -12.59 4.06 28.36
CA LEU B 9 -11.87 5.31 28.42
C LEU B 9 -12.69 6.44 29.02
N GLY B 10 -14.01 6.44 28.82
CA GLY B 10 -14.86 7.48 29.39
C GLY B 10 -15.05 7.34 30.90
N PHE B 11 -14.68 6.20 31.45
CA PHE B 11 -14.83 5.89 32.87
C PHE B 11 -13.48 5.92 33.58
N LEU B 12 -12.42 5.60 32.84
CA LEU B 12 -11.06 5.46 33.34
C LEU B 12 -10.51 6.70 34.00
N GLY B 13 -10.92 7.88 33.57
CA GLY B 13 -10.40 9.10 34.16
C GLY B 13 -10.84 9.25 35.63
N ALA B 14 -11.84 8.47 36.06
CA ALA B 14 -12.35 8.46 37.41
C ALA B 14 -11.54 7.54 38.30
N ALA B 15 -10.51 6.90 37.77
CA ALA B 15 -9.70 5.97 38.55
C ALA B 15 -9.09 6.62 39.78
N GLY B 16 -8.79 7.92 39.72
CA GLY B 16 -8.21 8.62 40.87
C GLY B 16 -9.25 9.30 41.79
N SER B 17 -10.54 9.09 41.51
CA SER B 17 -11.63 9.72 42.27
C SER B 17 -12.33 8.74 43.19
N THR B 18 -13.13 9.25 44.13
CA THR B 18 -13.85 8.36 45.02
C THR B 18 -15.01 7.70 44.28
N MET B 19 -15.53 6.63 44.88
CA MET B 19 -16.62 5.89 44.27
C MET B 19 -17.84 6.75 44.09
N GLY B 20 -18.15 7.56 45.11
CA GLY B 20 -19.28 8.46 45.06
C GLY B 20 -19.10 9.47 43.94
N ALA B 21 -17.91 10.06 43.87
CA ALA B 21 -17.65 11.04 42.84
C ALA B 21 -17.77 10.44 41.46
N ALA B 22 -17.33 9.20 41.28
CA ALA B 22 -17.41 8.57 39.98
C ALA B 22 -18.86 8.44 39.53
N SER B 23 -19.75 8.06 40.44
CA SER B 23 -21.14 7.92 40.05
C SER B 23 -21.75 9.25 39.67
N MET B 24 -21.40 10.28 40.43
CA MET B 24 -21.94 11.59 40.13
C MET B 24 -21.42 12.11 38.81
N ALA B 25 -20.15 11.87 38.53
CA ALA B 25 -19.55 12.35 37.31
C ALA B 25 -20.21 11.72 36.10
N LEU B 26 -20.52 10.44 36.17
CA LEU B 26 -21.15 9.78 35.04
C LEU B 26 -22.54 10.33 34.84
N THR B 27 -23.24 10.61 35.93
CA THR B 27 -24.58 11.14 35.81
C THR B 27 -24.54 12.49 35.12
N VAL B 28 -23.61 13.35 35.52
CA VAL B 28 -23.53 14.67 34.93
C VAL B 28 -23.20 14.63 33.47
N GLN B 29 -22.24 13.81 33.07
CA GLN B 29 -21.92 13.83 31.67
C GLN B 29 -23.09 13.33 30.85
N ALA B 30 -23.82 12.34 31.36
CA ALA B 30 -24.97 11.87 30.63
C ALA B 30 -26.01 12.94 30.50
N ARG B 31 -26.21 13.76 31.53
CA ARG B 31 -27.19 14.81 31.43
C ARG B 31 -26.83 15.82 30.35
N LEU B 32 -25.55 16.21 30.29
CA LEU B 32 -25.12 17.20 29.34
C LEU B 32 -25.21 16.68 27.91
N LEU B 33 -24.91 15.40 27.73
CA LEU B 33 -25.03 14.83 26.42
C LEU B 33 -26.48 14.68 25.96
N LEU B 34 -27.38 14.24 26.86
CA LEU B 34 -28.78 14.05 26.47
C LEU B 34 -29.42 15.36 26.10
N SER B 35 -29.03 16.42 26.79
CA SER B 35 -29.59 17.73 26.58
C SER B 35 -29.03 18.47 25.38
N GLY B 36 -27.97 17.95 24.75
CA GLY B 36 -27.37 18.64 23.63
C GLY B 36 -26.51 19.83 24.06
N ILE B 37 -25.97 19.78 25.27
CA ILE B 37 -25.18 20.88 25.79
C ILE B 37 -23.73 20.69 25.39
N VAL B 38 -23.25 19.46 25.45
CA VAL B 38 -21.86 19.21 25.09
C VAL B 38 -21.82 18.17 24.00
N GLN B 39 -20.71 18.10 23.29
CA GLN B 39 -20.57 17.11 22.25
C GLN B 39 -19.32 16.29 22.47
N GLN B 40 -19.36 15.05 22.02
CA GLN B 40 -18.21 14.16 22.09
C GLN B 40 -17.36 14.31 20.85
N GLN B 41 -16.07 14.54 21.04
CA GLN B 41 -15.15 14.68 19.92
C GLN B 41 -14.53 13.34 19.58
N ASN B 42 -14.11 13.19 18.33
CA ASN B 42 -13.46 11.96 17.91
C ASN B 42 -11.95 12.05 18.04
N ASN B 43 -11.33 10.89 18.24
CA ASN B 43 -9.88 10.75 18.32
C ASN B 43 -9.39 9.65 17.37
N LEU B 44 -9.95 9.62 16.16
CA LEU B 44 -9.65 8.59 15.20
C LEU B 44 -8.69 9.09 14.14
N LEU B 45 -7.90 8.17 13.59
CA LEU B 45 -6.90 8.50 12.57
C LEU B 45 -7.53 8.88 11.22
N ARG B 46 -6.87 9.83 10.54
CA ARG B 46 -7.34 10.40 9.26
C ARG B 46 -7.30 9.54 7.99
N ALA B 47 -6.58 8.41 8.01
CA ALA B 47 -6.34 7.49 6.88
C ALA B 47 -5.21 8.05 5.99
N PRO B 48 -4.47 7.20 5.24
CA PRO B 48 -3.24 7.53 4.50
C PRO B 48 -3.02 8.77 3.65
N GLU B 49 -4.01 9.22 2.87
CA GLU B 49 -3.86 10.40 1.97
C GLU B 49 -2.85 10.17 0.80
N ALA B 50 -1.58 9.98 1.12
CA ALA B 50 -0.51 9.75 0.14
C ALA B 50 -0.20 8.26 0.01
N GLN B 51 -0.25 7.71 -1.19
CA GLN B 51 -0.04 6.27 -1.36
C GLN B 51 1.32 5.79 -0.90
N GLN B 52 2.34 6.59 -1.13
CA GLN B 52 3.69 6.19 -0.79
C GLN B 52 3.95 6.13 0.72
N HIS B 53 3.07 6.75 1.51
CA HIS B 53 3.23 6.77 2.95
C HIS B 53 2.12 5.99 3.64
N MET B 54 1.35 5.22 2.87
CA MET B 54 0.18 4.63 3.46
C MET B 54 0.39 3.60 4.55
N LEU B 55 1.53 2.93 4.60
CA LEU B 55 1.70 1.95 5.67
C LEU B 55 1.49 2.61 7.02
N GLN B 56 1.89 3.88 7.18
CA GLN B 56 1.79 4.53 8.46
C GLN B 56 0.36 4.63 8.97
N LEU B 57 -0.60 4.85 8.09
CA LEU B 57 -1.96 4.96 8.57
C LEU B 57 -2.82 3.77 8.29
N THR B 58 -2.38 2.78 7.52
CA THR B 58 -3.27 1.64 7.40
C THR B 58 -2.94 0.68 8.52
N VAL B 59 -1.70 0.69 9.02
CA VAL B 59 -1.43 -0.22 10.12
C VAL B 59 -2.12 0.26 11.35
N TRP B 60 -1.97 1.53 11.64
CA TRP B 60 -2.57 2.05 12.82
C TRP B 60 -4.07 2.29 12.64
N GLY B 61 -4.53 2.52 11.41
CA GLY B 61 -5.94 2.71 11.16
C GLY B 61 -6.65 1.43 11.51
N ILE B 62 -6.12 0.31 11.03
CA ILE B 62 -6.71 -0.97 11.31
C ILE B 62 -6.58 -1.32 12.78
N LYS B 63 -5.41 -1.12 13.39
CA LYS B 63 -5.31 -1.47 14.80
C LYS B 63 -6.25 -0.66 15.67
N GLN B 64 -6.44 0.62 15.37
CA GLN B 64 -7.35 1.42 16.18
C GLN B 64 -8.77 0.87 16.06
N LEU B 65 -9.18 0.50 14.85
CA LEU B 65 -10.51 -0.07 14.73
C LEU B 65 -10.60 -1.40 15.42
N GLN B 66 -9.56 -2.23 15.37
CA GLN B 66 -9.67 -3.51 16.01
C GLN B 66 -9.90 -3.35 17.48
N ALA B 67 -9.24 -2.38 18.09
CA ALA B 67 -9.43 -2.15 19.50
C ALA B 67 -10.86 -1.75 19.82
N ARG B 68 -11.46 -0.92 18.97
CA ARG B 68 -12.81 -0.48 19.23
C ARG B 68 -13.83 -1.58 19.00
N VAL B 69 -13.62 -2.39 17.98
CA VAL B 69 -14.56 -3.43 17.67
C VAL B 69 -14.53 -4.46 18.79
N LEU B 70 -13.35 -4.82 19.28
CA LEU B 70 -13.29 -5.75 20.37
C LEU B 70 -13.89 -5.17 21.62
N ALA B 71 -13.72 -3.87 21.87
CA ALA B 71 -14.33 -3.27 23.03
C ALA B 71 -15.84 -3.37 22.95
N VAL B 72 -16.41 -3.21 21.76
CA VAL B 72 -17.83 -3.33 21.60
C VAL B 72 -18.26 -4.74 21.89
N GLU B 73 -17.54 -5.72 21.37
CA GLU B 73 -17.95 -7.08 21.63
C GLU B 73 -17.88 -7.42 23.11
N ARG B 74 -16.85 -6.95 23.81
CA ARG B 74 -16.75 -7.25 25.23
C ARG B 74 -17.89 -6.59 25.99
N TYR B 75 -18.22 -5.35 25.63
CA TYR B 75 -19.30 -4.66 26.29
C TYR B 75 -20.60 -5.41 26.13
N LEU B 76 -20.93 -5.76 24.89
CA LEU B 76 -22.18 -6.41 24.63
C LEU B 76 -22.23 -7.79 25.20
N ARG B 77 -21.10 -8.47 25.25
CA ARG B 77 -21.04 -9.78 25.84
C ARG B 77 -21.40 -9.71 27.30
N ASP B 78 -20.73 -8.83 28.05
CA ASP B 78 -20.93 -8.75 29.49
C ASP B 78 -22.36 -8.35 29.81
N GLN B 79 -22.93 -7.52 28.97
CA GLN B 79 -24.28 -7.08 29.21
C GLN B 79 -25.26 -8.23 29.17
N GLN B 80 -24.96 -9.33 28.49
CA GLN B 80 -25.85 -10.46 28.52
C GLN B 80 -25.36 -11.56 29.47
N LEU B 81 -24.05 -11.64 29.75
CA LEU B 81 -23.54 -12.70 30.62
C LEU B 81 -24.15 -12.50 31.99
N LEU B 82 -24.37 -11.23 32.31
CA LEU B 82 -24.93 -10.76 33.56
C LEU B 82 -26.37 -11.20 33.78
N GLY B 83 -26.99 -11.81 32.78
CA GLY B 83 -28.33 -12.36 32.91
C GLY B 83 -28.36 -13.37 34.05
N ILE B 84 -27.24 -14.04 34.31
CA ILE B 84 -27.17 -15.02 35.39
C ILE B 84 -27.48 -14.43 36.74
N TRP B 85 -27.08 -13.21 36.99
CA TRP B 85 -27.32 -12.60 38.27
C TRP B 85 -28.58 -11.76 38.21
N GLY B 86 -29.25 -11.79 37.06
CA GLY B 86 -30.44 -10.96 36.78
C GLY B 86 -30.10 -9.48 36.51
N CYS B 87 -28.87 -9.21 36.01
CA CYS B 87 -28.33 -7.89 35.77
C CYS B 87 -28.07 -7.64 34.29
N SER B 88 -28.73 -8.38 33.41
CA SER B 88 -28.45 -8.12 32.02
C SER B 88 -29.02 -6.79 31.57
N GLY B 89 -28.31 -6.17 30.64
CA GLY B 89 -28.74 -4.92 30.05
C GLY B 89 -28.58 -3.74 31.00
N LYS B 90 -27.71 -3.84 31.99
CA LYS B 90 -27.58 -2.78 32.97
C LYS B 90 -26.16 -2.40 33.34
N ILE B 91 -26.04 -1.14 33.76
CA ILE B 91 -24.82 -0.61 34.34
C ILE B 91 -24.89 -0.75 35.86
N ILE B 92 -26.01 -0.36 36.46
CA ILE B 92 -26.15 -0.47 37.91
C ILE B 92 -27.29 -1.44 38.26
N CYS B 93 -26.97 -2.59 38.89
CA CYS B 93 -27.92 -3.66 39.21
C CYS B 93 -28.01 -3.95 40.70
N CYS B 94 -29.13 -3.59 41.27
CA CYS B 94 -29.33 -3.75 42.69
C CYS B 94 -29.93 -5.14 42.93
N THR B 95 -29.35 -5.91 43.85
CA THR B 95 -29.91 -7.23 44.10
C THR B 95 -30.29 -7.49 45.55
N ASN B 96 -30.78 -8.71 45.82
CA ASN B 96 -31.29 -9.11 47.13
C ASN B 96 -30.36 -9.95 47.99
N VAL B 97 -29.09 -9.97 47.66
CA VAL B 97 -28.13 -10.63 48.51
C VAL B 97 -27.71 -9.54 49.49
N PRO B 98 -27.85 -9.71 50.81
CA PRO B 98 -27.51 -8.74 51.82
C PRO B 98 -26.01 -8.65 51.91
N TRP B 99 -25.50 -7.51 52.30
CA TRP B 99 -24.09 -7.37 52.52
C TRP B 99 -23.72 -7.98 53.85
N ASN B 100 -22.63 -8.76 53.89
CA ASN B 100 -22.05 -9.36 55.06
C ASN B 100 -21.01 -8.40 55.67
N ASP B 101 -21.15 -8.10 56.98
CA ASP B 101 -20.20 -7.24 57.73
C ASP B 101 -18.85 -7.95 57.83
N SER B 102 -18.86 -9.27 57.64
CA SER B 102 -17.64 -10.03 57.65
C SER B 102 -16.85 -9.78 56.38
N TRP B 103 -17.51 -9.43 55.26
CA TRP B 103 -16.81 -9.16 54.03
C TRP B 103 -16.11 -7.83 54.22
N SER B 104 -16.84 -6.89 54.81
CA SER B 104 -16.31 -5.57 55.15
C SER B 104 -17.20 -4.82 56.11
N ASN B 105 -16.71 -4.60 57.34
CA ASN B 105 -17.53 -3.96 58.37
C ASN B 105 -17.41 -2.45 58.35
N LYS B 106 -17.93 -1.86 57.29
CA LYS B 106 -17.90 -0.42 57.07
C LYS B 106 -19.27 0.09 56.68
N THR B 107 -19.51 1.39 56.86
CA THR B 107 -20.80 1.92 56.48
C THR B 107 -20.76 2.29 55.02
N ILE B 108 -21.91 2.50 54.41
CA ILE B 108 -21.88 2.87 53.01
C ILE B 108 -21.35 4.27 52.82
N ASN B 109 -21.50 5.15 53.80
CA ASN B 109 -20.94 6.46 53.58
C ASN B 109 -19.43 6.39 53.63
N GLU B 110 -18.87 5.56 54.51
CA GLU B 110 -17.43 5.47 54.55
C GLU B 110 -16.87 4.93 53.24
N ILE B 111 -17.55 3.92 52.69
CA ILE B 111 -17.10 3.30 51.47
C ILE B 111 -17.23 4.19 50.27
N TRP B 112 -18.38 4.82 50.10
CA TRP B 112 -18.59 5.62 48.92
C TRP B 112 -17.89 6.97 48.95
N ASP B 113 -17.71 7.58 50.12
CA ASP B 113 -17.08 8.89 50.16
C ASP B 113 -15.57 8.92 50.43
N ASN B 114 -15.00 7.97 51.18
CA ASN B 114 -13.58 8.06 51.48
C ASN B 114 -12.71 7.04 50.75
N MET B 115 -13.27 6.40 49.73
CA MET B 115 -12.52 5.40 48.98
C MET B 115 -12.75 5.48 47.50
N THR B 116 -11.74 5.03 46.76
CA THR B 116 -11.81 4.93 45.32
C THR B 116 -12.11 3.50 44.94
N TRP B 117 -12.49 3.25 43.68
CA TRP B 117 -12.80 1.87 43.27
C TRP B 117 -11.58 0.99 43.31
N MET B 118 -10.41 1.60 43.12
CA MET B 118 -9.15 0.87 43.16
C MET B 118 -8.89 0.30 44.52
N GLN B 119 -9.38 0.94 45.57
CA GLN B 119 -9.12 0.47 46.91
C GLN B 119 -10.19 -0.49 47.32
N TRP B 120 -11.41 -0.18 46.95
CA TRP B 120 -12.52 -0.99 47.37
C TRP B 120 -12.41 -2.40 46.86
N GLU B 121 -11.99 -2.55 45.61
CA GLU B 121 -11.90 -3.88 45.02
C GLU B 121 -10.68 -4.65 45.49
N LYS B 122 -9.88 -4.06 46.36
CA LYS B 122 -8.76 -4.78 46.93
C LYS B 122 -9.17 -5.24 48.32
N GLU B 123 -9.86 -4.39 49.06
CA GLU B 123 -10.24 -4.72 50.43
C GLU B 123 -11.15 -5.92 50.50
N ILE B 124 -12.01 -6.10 49.50
CA ILE B 124 -12.91 -7.24 49.51
C ILE B 124 -12.57 -8.26 48.44
N ASP B 125 -11.33 -8.26 47.94
CA ASP B 125 -11.03 -9.18 46.84
C ASP B 125 -11.19 -10.65 47.22
N ASN B 126 -10.94 -11.02 48.45
CA ASN B 126 -11.02 -12.42 48.79
C ASN B 126 -12.43 -12.92 49.04
N TYR B 127 -13.42 -12.06 48.84
CA TYR B 127 -14.80 -12.47 49.01
C TYR B 127 -15.50 -12.43 47.68
N THR B 128 -14.79 -12.05 46.63
CA THR B 128 -15.42 -11.87 45.35
C THR B 128 -16.09 -13.13 44.86
N GLN B 129 -15.44 -14.26 45.02
CA GLN B 129 -16.04 -15.48 44.51
C GLN B 129 -17.24 -15.90 45.35
N HIS B 130 -17.20 -15.58 46.64
CA HIS B 130 -18.30 -15.94 47.53
C HIS B 130 -19.52 -15.18 47.11
N ILE B 131 -19.33 -13.89 46.89
CA ILE B 131 -20.44 -13.03 46.57
C ILE B 131 -21.00 -13.41 45.23
N TYR B 132 -20.15 -13.66 44.24
CA TYR B 132 -20.64 -14.00 42.94
C TYR B 132 -21.46 -15.28 42.98
N THR B 133 -21.05 -16.24 43.78
CA THR B 133 -21.83 -17.46 43.91
C THR B 133 -23.20 -17.14 44.47
N LEU B 134 -23.25 -16.30 45.49
CA LEU B 134 -24.53 -15.97 46.09
C LEU B 134 -25.42 -15.22 45.13
N LEU B 135 -24.85 -14.39 44.27
CA LEU B 135 -25.67 -13.64 43.34
C LEU B 135 -26.38 -14.58 42.39
N GLU B 136 -25.69 -15.61 41.93
CA GLU B 136 -26.32 -16.59 41.07
C GLU B 136 -27.43 -17.31 41.79
N VAL B 137 -27.19 -17.69 43.04
CA VAL B 137 -28.19 -18.44 43.77
C VAL B 137 -29.44 -17.62 43.98
N SER B 138 -29.27 -16.35 44.32
CA SER B 138 -30.41 -15.51 44.54
C SER B 138 -31.23 -15.40 43.27
N GLN B 139 -30.58 -15.25 42.11
CA GLN B 139 -31.35 -15.15 40.89
C GLN B 139 -32.10 -16.42 40.60
N ILE B 140 -31.51 -17.56 40.91
CA ILE B 140 -32.21 -18.80 40.67
C ILE B 140 -33.45 -18.86 41.52
N GLN B 141 -33.33 -18.50 42.80
CA GLN B 141 -34.49 -18.55 43.67
C GLN B 141 -35.57 -17.57 43.23
N GLN B 142 -35.20 -16.39 42.73
CA GLN B 142 -36.25 -15.49 42.29
C GLN B 142 -37.00 -16.07 41.12
N GLU B 143 -36.29 -16.68 40.17
CA GLU B 143 -36.96 -17.23 39.00
C GLU B 143 -37.85 -18.38 39.42
N LYS B 144 -37.39 -19.18 40.36
CA LYS B 144 -38.16 -20.29 40.85
C LYS B 144 -39.46 -19.78 41.42
N ASN B 145 -39.40 -18.75 42.23
CA ASN B 145 -40.60 -18.28 42.86
C ASN B 145 -41.58 -17.63 41.90
N GLU B 146 -41.11 -16.86 40.92
CA GLU B 146 -42.03 -16.19 40.02
C GLU B 146 -42.80 -17.19 39.18
N GLN B 147 -42.14 -18.28 38.82
CA GLN B 147 -42.77 -19.25 37.97
C GLN B 147 -43.69 -20.20 38.71
N GLU B 148 -43.79 -20.06 40.01
CA GLU B 148 -44.73 -20.84 40.80
C GLU B 148 -46.13 -20.19 40.93
N LEU B 149 -46.32 -18.95 40.38
CA LEU B 149 -47.55 -18.18 40.42
C LEU B 149 -48.13 -18.22 39.01
N GLU C 1 34.20 -26.45 -7.88
CA GLU C 1 35.12 -26.32 -6.76
C GLU C 1 36.27 -25.32 -7.07
N LEU C 2 37.16 -25.12 -6.07
CA LEU C 2 38.32 -24.24 -6.13
C LEU C 2 39.58 -24.94 -6.58
N GLU C 3 40.14 -24.43 -7.68
CA GLU C 3 41.37 -24.93 -8.25
C GLU C 3 42.19 -23.76 -8.76
N LEU C 4 43.50 -23.89 -8.57
CA LEU C 4 44.44 -22.90 -9.06
C LEU C 4 45.39 -23.52 -10.07
N THR C 5 45.59 -22.83 -11.17
CA THR C 5 46.50 -23.32 -12.18
C THR C 5 47.49 -22.25 -12.54
N GLN C 6 48.60 -22.66 -13.09
CA GLN C 6 49.59 -21.71 -13.54
C GLN C 6 49.52 -21.64 -15.03
N SER C 7 49.89 -20.50 -15.58
CA SER C 7 49.96 -20.40 -17.02
C SER C 7 51.06 -21.30 -17.60
N PRO C 8 52.37 -21.14 -17.26
CA PRO C 8 53.41 -22.05 -17.70
C PRO C 8 53.38 -23.36 -16.93
N ALA C 9 53.69 -24.49 -17.58
CA ALA C 9 53.87 -25.72 -16.80
C ALA C 9 55.25 -25.65 -16.17
N THR C 10 56.14 -25.08 -16.96
CA THR C 10 57.51 -24.85 -16.60
C THR C 10 57.82 -23.45 -17.09
N LEU C 11 58.76 -22.79 -16.45
CA LEU C 11 59.16 -21.48 -16.84
C LEU C 11 60.63 -21.46 -17.25
N SER C 12 60.88 -21.16 -18.52
CA SER C 12 62.24 -21.17 -19.01
C SER C 12 62.88 -19.80 -18.85
N VAL C 13 63.75 -19.72 -17.86
CA VAL C 13 64.46 -18.52 -17.47
C VAL C 13 65.92 -18.81 -17.19
N SER C 14 66.73 -17.77 -17.26
CA SER C 14 68.14 -17.88 -16.93
C SER C 14 68.41 -17.03 -15.68
N PRO C 15 69.48 -17.29 -14.93
CA PRO C 15 69.85 -16.47 -13.82
C PRO C 15 70.08 -15.06 -14.32
N GLY C 16 69.67 -14.10 -13.51
CA GLY C 16 69.81 -12.68 -13.77
C GLY C 16 68.58 -12.10 -14.44
N GLU C 17 67.68 -12.95 -14.92
CA GLU C 17 66.47 -12.50 -15.59
C GLU C 17 65.34 -12.32 -14.60
N ARG C 18 64.34 -11.52 -14.97
CA ARG C 18 63.19 -11.39 -14.08
C ARG C 18 62.16 -12.45 -14.45
N ALA C 19 61.99 -13.43 -13.57
CA ALA C 19 61.08 -14.52 -13.87
C ALA C 19 59.67 -14.05 -13.65
N THR C 20 58.74 -14.47 -14.50
CA THR C 20 57.34 -14.13 -14.26
C THR C 20 56.49 -15.39 -14.16
N LEU C 21 55.73 -15.48 -13.08
CA LEU C 21 54.85 -16.59 -12.78
C LEU C 21 53.42 -16.05 -12.73
N SER C 22 52.46 -16.81 -13.24
CA SER C 22 51.08 -16.31 -13.25
C SER C 22 50.03 -17.37 -12.87
N CYS C 23 49.24 -17.06 -11.81
CA CYS C 23 48.24 -17.89 -11.17
C CYS C 23 46.82 -17.44 -11.52
N ARG C 24 45.99 -18.39 -11.90
CA ARG C 24 44.59 -18.12 -12.20
C ARG C 24 43.68 -19.02 -11.39
N ALA C 25 42.66 -18.43 -10.79
CA ALA C 25 41.72 -19.18 -9.96
C ALA C 25 40.37 -19.39 -10.62
N SER C 26 39.75 -20.53 -10.26
CA SER C 26 38.37 -20.84 -10.66
C SER C 26 37.34 -20.00 -9.90
N GLU C 27 37.78 -19.40 -8.79
CA GLU C 27 36.95 -18.58 -7.90
C GLU C 27 37.70 -17.30 -7.57
N SER C 28 36.99 -16.20 -7.37
CA SER C 28 37.65 -14.94 -7.01
C SER C 28 38.43 -15.08 -5.71
N VAL C 29 39.62 -14.48 -5.69
CA VAL C 29 40.58 -14.49 -4.60
C VAL C 29 40.46 -13.24 -3.74
N SER C 30 40.35 -12.10 -4.43
CA SER C 30 40.26 -10.79 -3.77
C SER C 30 41.40 -10.55 -2.78
N SER C 31 42.63 -10.81 -3.24
CA SER C 31 43.91 -10.66 -2.55
C SER C 31 44.20 -11.69 -1.46
N ASP C 32 43.30 -12.61 -1.19
CA ASP C 32 43.61 -13.65 -0.22
C ASP C 32 44.31 -14.84 -0.86
N LEU C 33 45.56 -14.57 -1.22
CA LEU C 33 46.45 -15.46 -1.94
C LEU C 33 47.85 -15.47 -1.33
N ALA C 34 48.55 -16.59 -1.45
CA ALA C 34 49.94 -16.69 -1.02
C ALA C 34 50.79 -17.54 -1.97
N TRP C 35 52.09 -17.24 -2.01
CA TRP C 35 53.01 -18.01 -2.85
C TRP C 35 54.10 -18.68 -2.03
N TYR C 36 54.37 -19.92 -2.41
CA TYR C 36 55.35 -20.77 -1.76
C TYR C 36 56.42 -21.31 -2.71
N GLN C 37 57.64 -21.44 -2.20
CA GLN C 37 58.78 -21.96 -2.95
C GLN C 37 59.16 -23.38 -2.53
N GLN C 38 58.94 -24.34 -3.42
CA GLN C 38 59.19 -25.76 -3.14
C GLN C 38 60.45 -26.32 -3.80
N LYS C 39 61.39 -26.74 -2.98
CA LYS C 39 62.63 -27.30 -3.49
C LYS C 39 62.59 -28.79 -3.13
N PRO C 40 63.26 -29.68 -3.86
CA PRO C 40 63.30 -31.08 -3.52
C PRO C 40 63.85 -31.27 -2.12
N GLY C 41 63.14 -32.04 -1.32
CA GLY C 41 63.57 -32.35 0.05
C GLY C 41 63.26 -31.24 1.06
N GLN C 42 62.67 -30.14 0.60
CA GLN C 42 62.40 -29.00 1.45
C GLN C 42 60.93 -28.74 1.74
N ALA C 43 60.66 -28.00 2.80
CA ALA C 43 59.31 -27.54 3.04
C ALA C 43 59.01 -26.46 2.00
N PRO C 44 57.76 -26.28 1.55
CA PRO C 44 57.34 -25.25 0.65
C PRO C 44 57.26 -23.91 1.33
N ARG C 45 58.41 -23.29 1.56
CA ARG C 45 58.52 -22.02 2.30
C ARG C 45 57.67 -20.88 1.75
N LEU C 46 57.03 -20.15 2.67
CA LEU C 46 56.23 -19.00 2.26
C LEU C 46 57.07 -17.79 1.95
N LEU C 47 56.86 -17.22 0.79
CA LEU C 47 57.57 -16.02 0.47
C LEU C 47 56.63 -14.83 0.42
N ILE C 48 55.48 -15.03 -0.20
CA ILE C 48 54.55 -13.93 -0.39
C ILE C 48 53.18 -14.18 0.19
N TYR C 49 52.66 -13.24 0.98
CA TYR C 49 51.32 -13.42 1.49
C TYR C 49 50.47 -12.16 1.54
N GLY C 50 49.26 -12.23 1.02
CA GLY C 50 48.36 -11.08 1.13
C GLY C 50 48.63 -10.15 -0.02
N ALA C 51 47.88 -10.27 -1.09
CA ALA C 51 48.24 -9.53 -2.28
C ALA C 51 49.69 -9.93 -2.58
N SER C 52 50.64 -9.06 -2.25
CA SER C 52 52.03 -9.35 -2.51
C SER C 52 53.02 -9.07 -1.35
N THR C 53 52.54 -8.98 -0.12
CA THR C 53 53.44 -8.66 1.01
C THR C 53 54.53 -9.70 1.22
N ARG C 54 55.77 -9.22 1.38
CA ARG C 54 56.87 -10.14 1.61
C ARG C 54 56.91 -10.63 3.04
N ALA C 55 57.11 -11.92 3.22
CA ALA C 55 57.29 -12.46 4.55
C ALA C 55 58.65 -12.03 5.08
N THR C 56 58.78 -11.93 6.38
CA THR C 56 60.05 -11.57 6.95
C THR C 56 61.11 -12.58 6.51
N GLY C 57 62.25 -12.08 6.04
CA GLY C 57 63.36 -12.93 5.60
C GLY C 57 63.35 -13.24 4.11
N VAL C 58 62.33 -12.77 3.41
CA VAL C 58 62.19 -12.98 1.98
C VAL C 58 63.01 -11.99 1.18
N PRO C 59 63.85 -12.44 0.23
CA PRO C 59 64.67 -11.59 -0.61
C PRO C 59 63.81 -10.59 -1.35
N ALA C 60 64.37 -9.41 -1.57
CA ALA C 60 63.73 -8.27 -2.24
C ALA C 60 63.36 -8.62 -3.67
N ARG C 61 63.98 -9.66 -4.17
CA ARG C 61 63.77 -10.16 -5.51
C ARG C 61 62.30 -10.53 -5.70
N PHE C 62 61.66 -11.03 -4.65
CA PHE C 62 60.30 -11.50 -4.75
C PHE C 62 59.28 -10.39 -4.52
N SER C 63 58.42 -10.18 -5.50
CA SER C 63 57.41 -9.13 -5.45
C SER C 63 56.24 -9.50 -6.35
N GLY C 64 55.14 -8.75 -6.28
CA GLY C 64 54.03 -9.08 -7.17
C GLY C 64 52.82 -8.17 -7.01
N SER C 65 51.77 -8.53 -7.72
CA SER C 65 50.50 -7.79 -7.74
C SER C 65 49.37 -8.67 -8.26
N GLY C 66 48.13 -8.22 -8.11
CA GLY C 66 47.01 -8.95 -8.70
C GLY C 66 45.68 -8.60 -8.06
N SER C 67 44.61 -9.08 -8.68
CA SER C 67 43.24 -8.82 -8.22
C SER C 67 42.28 -9.82 -8.80
N GLY C 68 41.04 -9.84 -8.31
CA GLY C 68 40.08 -10.75 -8.92
C GLY C 68 40.57 -12.17 -8.77
N ALA C 69 40.71 -12.87 -9.90
CA ALA C 69 41.16 -14.25 -9.92
C ALA C 69 42.48 -14.40 -10.70
N GLU C 70 43.18 -13.29 -10.97
CA GLU C 70 44.45 -13.35 -11.72
C GLU C 70 45.60 -12.62 -11.03
N PHE C 71 46.62 -13.39 -10.61
CA PHE C 71 47.74 -12.86 -9.85
C PHE C 71 49.12 -13.19 -10.39
N THR C 72 50.04 -12.23 -10.24
CA THR C 72 51.40 -12.40 -10.72
C THR C 72 52.50 -12.26 -9.68
N LEU C 73 53.41 -13.21 -9.74
CA LEU C 73 54.62 -13.23 -8.93
C LEU C 73 55.82 -13.04 -9.82
N THR C 74 56.72 -12.15 -9.45
CA THR C 74 57.93 -12.03 -10.24
C THR C 74 59.15 -12.14 -9.37
N ILE C 75 60.24 -12.62 -9.96
CA ILE C 75 61.49 -12.71 -9.24
C ILE C 75 62.55 -11.89 -9.96
N SER C 76 62.89 -10.73 -9.43
CA SER C 76 63.88 -9.86 -10.09
C SER C 76 65.24 -10.48 -9.94
N SER C 77 66.12 -10.33 -10.93
CA SER C 77 67.49 -10.81 -10.77
C SER C 77 67.52 -12.24 -10.24
N LEU C 78 66.83 -13.15 -10.91
CA LEU C 78 66.67 -14.53 -10.48
C LEU C 78 67.99 -15.21 -10.18
N GLN C 79 68.08 -15.88 -9.03
CA GLN C 79 69.31 -16.57 -8.69
C GLN C 79 69.19 -18.05 -8.97
N SER C 80 70.30 -18.77 -9.06
CA SER C 80 70.22 -20.20 -9.34
C SER C 80 69.50 -20.96 -8.22
N GLU C 81 69.56 -20.45 -7.00
CA GLU C 81 68.90 -21.07 -5.87
C GLU C 81 67.38 -20.89 -5.91
N ASP C 82 66.87 -20.07 -6.82
CA ASP C 82 65.44 -19.81 -6.93
C ASP C 82 64.77 -20.71 -7.96
N PHE C 83 65.51 -21.65 -8.56
CA PHE C 83 64.90 -22.53 -9.55
C PHE C 83 64.17 -23.70 -8.87
N ALA C 84 63.03 -23.32 -8.30
CA ALA C 84 62.11 -24.11 -7.50
C ALA C 84 60.77 -24.25 -8.17
N VAL C 85 59.94 -25.13 -7.62
CA VAL C 85 58.58 -25.23 -8.09
C VAL C 85 57.78 -24.26 -7.27
N TYR C 86 57.02 -23.40 -7.90
CA TYR C 86 56.26 -22.48 -7.10
C TYR C 86 54.82 -22.86 -7.07
N TYR C 87 54.23 -22.67 -5.89
CA TYR C 87 52.84 -22.95 -5.68
C TYR C 87 52.07 -21.70 -5.26
N CYS C 88 50.83 -21.61 -5.76
CA CYS C 88 49.86 -20.57 -5.51
C CYS C 88 48.79 -21.16 -4.58
N GLN C 89 48.47 -20.44 -3.50
CA GLN C 89 47.45 -20.85 -2.53
C GLN C 89 46.33 -19.85 -2.34
N GLN C 90 45.10 -20.33 -2.39
CA GLN C 90 43.93 -19.49 -2.19
C GLN C 90 43.19 -19.92 -0.96
N TYR C 91 42.99 -18.98 -0.05
CA TYR C 91 42.37 -19.31 1.25
C TYR C 91 41.14 -18.48 1.61
N ASN C 92 40.44 -17.88 0.66
CA ASN C 92 39.34 -17.00 1.06
C ASN C 92 37.98 -17.62 1.25
N ASN C 93 37.92 -18.93 1.26
CA ASN C 93 36.67 -19.57 1.53
C ASN C 93 36.41 -19.68 3.00
N TRP C 94 35.14 -19.63 3.36
CA TRP C 94 34.72 -19.80 4.72
C TRP C 94 33.35 -20.50 4.71
N PRO C 95 33.23 -21.70 5.31
CA PRO C 95 34.19 -22.54 6.00
C PRO C 95 35.33 -22.78 5.05
N PRO C 96 36.54 -22.98 5.54
CA PRO C 96 37.71 -23.05 4.73
C PRO C 96 37.63 -24.22 3.79
N ARG C 97 38.06 -23.95 2.59
CA ARG C 97 38.15 -24.83 1.45
C ARG C 97 39.31 -24.27 0.70
N TYR C 98 40.47 -24.40 1.31
CA TYR C 98 41.67 -23.78 0.81
C TYR C 98 42.29 -24.70 -0.21
N THR C 99 42.95 -24.16 -1.21
CA THR C 99 43.64 -25.07 -2.11
C THR C 99 44.97 -24.55 -2.54
N PHE C 100 45.75 -25.44 -3.11
CA PHE C 100 47.01 -25.07 -3.71
C PHE C 100 46.88 -25.46 -5.16
N GLY C 101 47.57 -24.77 -6.02
CA GLY C 101 47.50 -25.11 -7.41
C GLY C 101 48.45 -26.20 -7.84
N GLN C 102 48.49 -26.37 -9.15
CA GLN C 102 49.34 -27.39 -9.73
C GLN C 102 50.81 -27.01 -9.60
N GLY C 103 51.06 -25.70 -9.61
CA GLY C 103 52.38 -25.13 -9.48
C GLY C 103 53.08 -25.08 -10.82
N THR C 104 54.26 -24.47 -10.84
CA THR C 104 55.04 -24.37 -12.08
C THR C 104 56.51 -24.57 -11.76
N ARG C 105 57.25 -25.21 -12.66
CA ARG C 105 58.68 -25.44 -12.41
C ARG C 105 59.65 -24.51 -13.13
N LEU C 106 60.65 -23.91 -12.40
CA LEU C 106 61.72 -23.09 -12.98
C LEU C 106 62.96 -23.96 -13.11
N LYS D 21 23.92 -27.78 57.66
CA LYS D 21 24.64 -27.35 56.48
C LYS D 21 25.36 -28.57 55.86
N LYS D 22 25.80 -28.44 54.58
CA LYS D 22 26.56 -29.49 53.85
C LYS D 22 28.04 -29.25 54.02
N VAL D 23 28.77 -30.23 54.50
CA VAL D 23 30.20 -30.00 54.74
C VAL D 23 31.07 -30.87 53.84
N VAL D 24 31.98 -30.24 53.11
CA VAL D 24 32.85 -30.95 52.19
C VAL D 24 34.33 -30.85 52.58
N LEU D 25 34.91 -32.01 52.88
CA LEU D 25 36.31 -32.13 53.30
C LEU D 25 37.24 -32.59 52.19
N GLY D 26 38.29 -31.81 51.96
CA GLY D 26 39.31 -32.11 50.95
C GLY D 26 40.60 -32.62 51.62
N LYS D 27 41.75 -32.38 50.99
CA LYS D 27 43.05 -32.82 51.49
C LYS D 27 43.88 -31.59 51.82
N LYS D 28 43.17 -30.48 52.00
CA LYS D 28 43.65 -29.15 52.32
C LYS D 28 44.33 -28.51 51.12
N GLY D 29 45.48 -29.06 50.73
CA GLY D 29 46.28 -28.53 49.62
C GLY D 29 45.84 -28.98 48.23
N ASP D 30 44.57 -28.84 47.90
CA ASP D 30 44.11 -29.29 46.60
C ASP D 30 42.96 -28.47 45.98
N THR D 31 41.75 -29.06 45.83
CA THR D 31 40.64 -28.30 45.27
C THR D 31 39.31 -28.77 45.81
N VAL D 32 38.36 -27.85 45.86
CA VAL D 32 37.03 -28.20 46.33
C VAL D 32 35.95 -27.65 45.46
N GLU D 33 34.88 -28.41 45.27
CA GLU D 33 33.74 -27.91 44.56
C GLU D 33 32.50 -27.93 45.44
N LEU D 34 31.99 -26.75 45.73
CA LEU D 34 30.82 -26.57 46.55
C LEU D 34 29.70 -26.24 45.59
N THR D 35 28.46 -26.68 45.85
CA THR D 35 27.44 -26.33 44.85
C THR D 35 26.16 -25.71 45.40
N CYS D 36 25.55 -24.83 44.56
CA CYS D 36 24.22 -24.24 44.73
C CYS D 36 23.37 -24.68 43.54
N THR D 37 22.08 -24.89 43.74
CA THR D 37 21.24 -25.25 42.60
C THR D 37 19.92 -24.50 42.56
N ALA D 38 19.25 -24.58 41.41
CA ALA D 38 17.90 -24.04 41.25
C ALA D 38 17.01 -25.08 40.59
N SER D 39 15.77 -25.16 41.02
CA SER D 39 14.80 -26.11 40.49
C SER D 39 14.30 -25.75 39.11
N GLN D 40 14.60 -24.54 38.67
CA GLN D 40 14.16 -24.05 37.37
C GLN D 40 14.88 -24.73 36.21
N LYS D 41 16.07 -25.28 36.45
CA LYS D 41 16.87 -25.86 35.36
C LYS D 41 17.13 -24.81 34.28
N LYS D 42 17.44 -23.60 34.73
CA LYS D 42 17.74 -22.45 33.90
C LYS D 42 18.95 -21.73 34.45
N SER D 43 19.60 -20.95 33.60
CA SER D 43 20.65 -20.09 34.09
C SER D 43 20.02 -18.84 34.63
N ILE D 44 20.20 -18.63 35.91
CA ILE D 44 19.63 -17.51 36.60
C ILE D 44 20.76 -16.81 37.32
N GLN D 45 20.52 -15.61 37.78
CA GLN D 45 21.54 -14.92 38.53
C GLN D 45 21.79 -15.57 39.86
N PHE D 46 23.05 -15.72 40.20
CA PHE D 46 23.43 -16.25 41.49
C PHE D 46 24.71 -15.65 42.00
N HIS D 47 24.88 -15.76 43.31
CA HIS D 47 26.13 -15.35 43.93
C HIS D 47 26.59 -16.31 45.01
N TRP D 48 27.90 -16.33 45.24
CA TRP D 48 28.50 -17.03 46.37
C TRP D 48 29.16 -16.02 47.28
N LYS D 49 28.93 -16.16 48.59
CA LYS D 49 29.55 -15.30 49.60
C LYS D 49 30.10 -16.05 50.80
N ASN D 50 31.13 -15.49 51.43
CA ASN D 50 31.64 -16.11 52.65
C ASN D 50 30.86 -15.61 53.87
N SER D 51 31.30 -16.02 55.05
CA SER D 51 30.65 -15.70 56.32
C SER D 51 30.67 -14.22 56.72
N ASN D 52 31.51 -13.42 56.07
CA ASN D 52 31.60 -12.00 56.35
C ASN D 52 30.83 -11.24 55.29
N GLN D 53 30.06 -12.01 54.52
CA GLN D 53 29.25 -11.56 53.41
C GLN D 53 30.07 -10.90 52.33
N ILE D 54 31.25 -11.48 52.05
CA ILE D 54 32.09 -10.96 51.01
C ILE D 54 31.96 -11.84 49.79
N LYS D 55 31.70 -11.20 48.65
CA LYS D 55 31.49 -11.87 47.38
C LYS D 55 32.72 -12.64 46.94
N ILE D 56 32.48 -13.86 46.46
CA ILE D 56 33.51 -14.75 45.96
C ILE D 56 33.42 -14.90 44.45
N LEU D 57 32.22 -15.28 44.01
CA LEU D 57 31.87 -15.51 42.61
C LEU D 57 30.42 -15.20 42.43
N GLY D 58 30.01 -15.10 41.19
CA GLY D 58 28.62 -14.93 40.84
C GLY D 58 28.57 -14.69 39.38
N ASN D 59 27.39 -14.62 38.83
CA ASN D 59 27.31 -14.35 37.41
C ASN D 59 26.49 -13.14 37.14
N GLN D 60 26.46 -12.80 35.89
CA GLN D 60 25.68 -11.75 35.34
C GLN D 60 25.10 -12.27 34.05
N GLY D 61 24.05 -13.07 34.19
CA GLY D 61 23.53 -13.80 33.05
C GLY D 61 24.58 -14.81 32.60
N SER D 62 24.97 -14.74 31.34
CA SER D 62 25.93 -15.65 30.77
C SER D 62 27.37 -15.41 31.21
N PHE D 63 27.66 -14.24 31.78
CA PHE D 63 29.03 -13.89 32.11
C PHE D 63 29.43 -14.26 33.53
N LEU D 64 30.68 -14.68 33.71
CA LEU D 64 31.19 -14.97 35.04
C LEU D 64 31.97 -13.79 35.59
N THR D 65 31.70 -13.44 36.84
CA THR D 65 32.43 -12.38 37.50
C THR D 65 33.20 -12.96 38.68
N LYS D 66 34.13 -12.19 39.22
CA LYS D 66 34.87 -12.62 40.41
C LYS D 66 34.53 -11.70 41.58
N GLY D 67 34.64 -12.18 42.80
CA GLY D 67 34.43 -11.28 43.92
C GLY D 67 35.77 -10.74 44.40
N PRO D 68 35.86 -9.48 44.84
CA PRO D 68 37.07 -8.81 45.29
C PRO D 68 37.48 -9.20 46.71
N SER D 69 37.88 -10.45 46.88
CA SER D 69 38.22 -11.02 48.18
C SER D 69 39.45 -11.89 48.07
N LYS D 70 39.77 -12.60 49.15
CA LYS D 70 40.92 -13.51 49.21
C LYS D 70 40.77 -14.67 48.22
N LEU D 71 39.55 -14.87 47.72
CA LEU D 71 39.18 -15.86 46.74
C LEU D 71 38.90 -15.22 45.37
N ASN D 72 39.37 -13.99 45.13
CA ASN D 72 39.18 -13.35 43.83
C ASN D 72 39.91 -14.16 42.78
N ASP D 73 41.08 -14.66 43.16
CA ASP D 73 41.86 -15.50 42.29
C ASP D 73 41.62 -16.94 42.74
N ARG D 74 42.23 -17.89 42.05
CA ARG D 74 42.08 -19.29 42.41
C ARG D 74 40.64 -19.73 42.46
N ALA D 75 39.76 -19.21 41.61
CA ALA D 75 38.38 -19.65 41.68
C ALA D 75 37.70 -19.56 40.35
N ASP D 76 36.77 -20.47 40.13
CA ASP D 76 36.01 -20.50 38.90
C ASP D 76 34.68 -21.25 39.09
N SER D 77 33.90 -21.34 38.03
CA SER D 77 32.63 -22.05 38.03
C SER D 77 32.55 -22.94 36.81
N ARG D 78 31.36 -23.38 36.47
CA ARG D 78 31.14 -24.23 35.31
C ARG D 78 30.05 -23.59 34.50
N ARG D 79 30.42 -22.75 33.56
CA ARG D 79 29.42 -21.96 32.85
C ARG D 79 28.47 -22.87 32.09
N SER D 80 28.99 -23.99 31.61
CA SER D 80 28.21 -24.93 30.84
C SER D 80 27.10 -25.60 31.65
N LEU D 81 27.16 -25.56 32.97
CA LEU D 81 26.11 -26.21 33.74
C LEU D 81 25.11 -25.20 34.25
N TRP D 82 25.27 -23.94 33.90
CA TRP D 82 24.37 -22.96 34.45
C TRP D 82 22.97 -23.17 33.91
N ASP D 83 22.82 -23.74 32.72
CA ASP D 83 21.49 -23.93 32.16
C ASP D 83 20.86 -25.21 32.64
N GLN D 84 21.56 -25.91 33.52
CA GLN D 84 21.03 -27.10 34.12
C GLN D 84 20.61 -26.75 35.54
N GLY D 85 20.77 -25.47 35.91
CA GLY D 85 20.45 -25.00 37.24
C GLY D 85 21.55 -25.32 38.25
N ASN D 86 22.77 -25.57 37.79
CA ASN D 86 23.87 -25.94 38.67
C ASN D 86 24.91 -24.83 38.69
N PHE D 87 25.13 -24.22 39.85
CA PHE D 87 25.99 -23.07 39.97
C PHE D 87 27.12 -23.29 41.00
N PRO D 88 28.16 -24.08 40.68
CA PRO D 88 29.27 -24.43 41.55
C PRO D 88 30.28 -23.32 41.80
N LEU D 89 30.95 -23.45 42.94
CA LEU D 89 32.13 -22.69 43.35
C LEU D 89 33.32 -23.59 43.45
N ILE D 90 34.28 -23.38 42.59
CA ILE D 90 35.45 -24.21 42.57
C ILE D 90 36.64 -23.42 43.05
N ILE D 91 37.28 -23.88 44.11
CA ILE D 91 38.44 -23.20 44.65
C ILE D 91 39.67 -24.05 44.42
N LYS D 92 40.65 -23.47 43.75
CA LYS D 92 41.88 -24.17 43.36
C LYS D 92 43.03 -23.77 44.25
N ASN D 93 44.08 -24.60 44.33
CA ASN D 93 45.24 -24.24 45.15
C ASN D 93 44.74 -23.85 46.51
N LEU D 94 43.93 -24.74 47.03
CA LEU D 94 43.21 -24.64 48.26
C LEU D 94 44.12 -24.69 49.47
N LYS D 95 43.84 -23.86 50.47
CA LYS D 95 44.62 -23.82 51.69
C LYS D 95 43.71 -24.10 52.89
N ILE D 96 44.27 -24.50 54.04
CA ILE D 96 43.42 -24.70 55.22
C ILE D 96 42.70 -23.42 55.64
N GLU D 97 43.33 -22.28 55.39
CA GLU D 97 42.81 -20.95 55.72
C GLU D 97 41.51 -20.61 54.97
N ASP D 98 41.13 -21.41 53.98
CA ASP D 98 39.93 -21.22 53.22
C ASP D 98 38.73 -21.99 53.82
N SER D 99 38.91 -22.69 54.97
CA SER D 99 37.84 -23.52 55.55
C SER D 99 36.75 -22.79 56.35
N ASP D 100 36.09 -21.87 55.65
CA ASP D 100 35.00 -21.05 56.14
C ASP D 100 33.70 -21.62 55.63
N THR D 101 32.58 -20.98 55.99
CA THR D 101 31.35 -21.44 55.41
C THR D 101 31.01 -20.50 54.28
N TYR D 102 30.11 -20.94 53.43
CA TYR D 102 29.68 -20.16 52.30
C TYR D 102 28.18 -20.18 52.13
N ILE D 103 27.65 -19.06 51.68
CA ILE D 103 26.23 -18.87 51.45
C ILE D 103 25.90 -18.75 49.97
N CYS D 104 24.88 -19.53 49.53
CA CYS D 104 24.34 -19.53 48.19
C CYS D 104 23.33 -18.40 48.06
N GLU D 105 23.36 -17.71 46.95
CA GLU D 105 22.29 -16.77 46.69
C GLU D 105 21.70 -17.10 45.36
N VAL D 106 20.79 -18.03 45.37
CA VAL D 106 20.11 -18.53 44.19
C VAL D 106 18.66 -18.35 44.50
N GLU D 107 17.91 -17.58 43.73
CA GLU D 107 16.52 -17.34 44.10
C GLU D 107 16.54 -16.86 45.56
N ASP D 108 15.69 -17.44 46.42
CA ASP D 108 15.69 -17.11 47.84
C ASP D 108 16.23 -18.29 48.65
N GLN D 109 16.84 -19.23 47.97
CA GLN D 109 17.32 -20.45 48.59
C GLN D 109 18.70 -20.25 49.15
N LYS D 110 18.76 -19.55 50.27
CA LYS D 110 20.04 -19.21 50.84
C LYS D 110 20.64 -20.32 51.68
N GLU D 111 21.12 -21.33 50.97
CA GLU D 111 21.70 -22.54 51.54
C GLU D 111 23.12 -22.31 52.01
N GLU D 112 23.53 -23.07 53.02
CA GLU D 112 24.89 -22.95 53.55
C GLU D 112 25.68 -24.24 53.43
N VAL D 113 26.94 -24.07 53.07
CA VAL D 113 27.88 -25.17 52.97
C VAL D 113 29.16 -24.81 53.73
N GLN D 114 29.97 -25.81 54.08
CA GLN D 114 31.28 -25.54 54.68
C GLN D 114 32.40 -26.22 53.99
N LEU D 115 33.48 -25.49 53.85
CA LEU D 115 34.69 -26.02 53.24
C LEU D 115 35.61 -26.44 54.39
N LEU D 116 36.22 -27.66 54.32
CA LEU D 116 37.22 -28.13 55.30
C LEU D 116 38.51 -28.50 54.57
N VAL E 2 58.55 -20.41 15.92
CA VAL E 2 58.06 -21.77 16.11
C VAL E 2 58.62 -22.77 15.07
N GLN E 3 58.93 -23.97 15.58
CA GLN E 3 59.39 -25.12 14.80
C GLN E 3 58.31 -26.17 14.91
N LEU E 4 58.13 -26.91 13.85
CA LEU E 4 57.17 -27.97 13.83
C LEU E 4 57.90 -29.26 13.63
N LEU E 5 57.65 -30.22 14.50
CA LEU E 5 58.35 -31.48 14.45
C LEU E 5 57.47 -32.64 14.05
N GLU E 6 57.83 -33.28 12.95
CA GLU E 6 57.08 -34.40 12.38
C GLU E 6 57.36 -35.71 13.10
N SER E 7 56.43 -36.66 12.94
CA SER E 7 56.57 -37.99 13.52
C SER E 7 57.23 -38.94 12.53
N GLY E 8 57.23 -40.22 12.86
CA GLY E 8 57.89 -41.21 12.01
C GLY E 8 57.05 -41.69 10.85
N ALA E 9 57.71 -42.35 9.91
CA ALA E 9 57.08 -42.92 8.72
C ALA E 9 56.25 -44.12 9.09
N GLU E 10 55.27 -44.44 8.25
CA GLU E 10 54.38 -45.58 8.50
C GLU E 10 53.99 -46.34 7.24
N VAL E 11 53.70 -47.63 7.38
CA VAL E 11 53.22 -48.47 6.28
C VAL E 11 51.93 -49.24 6.65
N LYS E 12 50.83 -48.96 5.95
CA LYS E 12 49.57 -49.66 6.21
C LYS E 12 48.99 -50.38 5.03
N LYS E 13 47.93 -51.12 5.29
CA LYS E 13 47.21 -51.78 4.23
C LYS E 13 45.88 -51.06 4.07
N PRO E 14 45.28 -51.03 2.87
CA PRO E 14 44.01 -50.40 2.62
C PRO E 14 42.97 -50.96 3.58
N GLY E 15 42.13 -50.06 4.07
CA GLY E 15 41.06 -50.37 5.02
C GLY E 15 41.46 -50.01 6.45
N SER E 16 42.73 -49.69 6.66
CA SER E 16 43.24 -49.31 7.97
C SER E 16 43.23 -47.79 8.17
N SER E 17 44.05 -47.32 9.11
CA SER E 17 44.12 -45.89 9.42
C SER E 17 45.51 -45.50 9.92
N VAL E 18 45.85 -44.23 9.75
CA VAL E 18 47.12 -43.68 10.24
C VAL E 18 46.93 -42.37 11.01
N LYS E 19 47.58 -42.25 12.16
CA LYS E 19 47.52 -41.00 12.91
C LYS E 19 48.92 -40.42 13.09
N VAL E 20 49.13 -39.23 12.50
CA VAL E 20 50.44 -38.58 12.52
C VAL E 20 50.48 -37.35 13.41
N SER E 21 51.35 -37.38 14.39
CA SER E 21 51.51 -36.26 15.31
C SER E 21 52.42 -35.17 14.71
N CYS E 22 52.34 -33.94 15.29
CA CYS E 22 53.20 -32.78 15.02
C CYS E 22 53.39 -31.97 16.31
N LYS E 23 54.63 -31.88 16.77
CA LYS E 23 54.87 -31.12 17.98
C LYS E 23 55.25 -29.70 17.64
N ALA E 24 54.55 -28.74 18.21
CA ALA E 24 54.85 -27.35 17.94
C ALA E 24 55.52 -26.73 19.15
N SER E 25 56.63 -26.06 18.95
CA SER E 25 57.32 -25.45 20.08
C SER E 25 58.09 -24.19 19.72
N GLY E 26 58.52 -23.46 20.77
CA GLY E 26 59.27 -22.21 20.64
C GLY E 26 58.44 -20.97 21.01
N ASP E 27 57.14 -21.15 21.13
CA ASP E 27 56.17 -20.11 21.49
C ASP E 27 54.98 -20.80 22.14
N THR E 28 53.98 -20.03 22.54
CA THR E 28 52.81 -20.65 23.14
C THR E 28 51.91 -21.22 22.05
N PHE E 29 51.66 -22.52 22.18
CA PHE E 29 50.89 -23.33 21.22
C PHE E 29 49.54 -22.83 20.85
N ILE E 30 48.81 -22.42 21.85
CA ILE E 30 47.44 -22.05 21.69
C ILE E 30 47.28 -20.84 20.76
N ARG E 31 48.35 -20.09 20.50
CA ARG E 31 48.23 -18.93 19.65
C ARG E 31 48.51 -19.24 18.20
N TYR E 32 48.76 -20.50 17.88
CA TYR E 32 49.03 -20.85 16.51
C TYR E 32 47.92 -21.66 15.93
N SER E 33 47.58 -21.34 14.69
CA SER E 33 46.59 -22.08 13.94
C SER E 33 47.34 -23.12 13.16
N PHE E 34 46.73 -24.29 12.94
CA PHE E 34 47.45 -25.31 12.19
C PHE E 34 46.67 -25.94 11.07
N THR E 35 47.38 -26.32 10.04
CA THR E 35 46.79 -27.04 8.92
C THR E 35 47.63 -28.24 8.56
N TRP E 36 47.02 -29.12 7.81
CA TRP E 36 47.74 -30.24 7.24
C TRP E 36 47.64 -30.19 5.75
N VAL E 37 48.77 -30.49 5.13
CA VAL E 37 48.96 -30.53 3.71
C VAL E 37 49.56 -31.89 3.32
N ARG E 38 49.08 -32.45 2.24
CA ARG E 38 49.56 -33.71 1.75
C ARG E 38 50.21 -33.56 0.39
N GLN E 39 51.23 -34.35 0.11
CA GLN E 39 51.78 -34.33 -1.23
C GLN E 39 52.20 -35.69 -1.71
N ALA E 40 51.40 -36.30 -2.57
CA ALA E 40 51.75 -37.60 -3.10
C ALA E 40 52.92 -37.37 -4.03
N PRO E 41 53.87 -38.29 -4.20
CA PRO E 41 54.96 -38.12 -5.13
C PRO E 41 54.41 -37.80 -6.51
N GLY E 42 55.00 -36.80 -7.15
CA GLY E 42 54.61 -36.37 -8.49
C GLY E 42 53.43 -35.39 -8.50
N GLN E 43 52.85 -35.14 -7.34
CA GLN E 43 51.69 -34.27 -7.20
C GLN E 43 52.04 -32.95 -6.56
N GLY E 44 51.14 -31.97 -6.71
CA GLY E 44 51.33 -30.68 -6.08
C GLY E 44 50.84 -30.79 -4.65
N LEU E 45 50.75 -29.67 -3.97
CA LEU E 45 50.33 -29.69 -2.58
C LEU E 45 48.83 -29.81 -2.49
N GLU E 46 48.32 -30.59 -1.55
CA GLU E 46 46.90 -30.75 -1.31
C GLU E 46 46.51 -30.31 0.09
N TRP E 47 45.56 -29.39 0.22
CA TRP E 47 45.16 -29.00 1.56
C TRP E 47 44.25 -30.07 2.11
N MET E 48 44.48 -30.53 3.35
CA MET E 48 43.60 -31.53 3.91
C MET E 48 42.63 -30.95 4.89
N GLY E 49 43.10 -30.00 5.66
CA GLY E 49 42.25 -29.42 6.68
C GLY E 49 42.94 -28.42 7.56
N ARG E 50 42.13 -27.80 8.41
CA ARG E 50 42.53 -26.75 9.34
C ARG E 50 41.92 -26.89 10.72
N ILE E 51 42.73 -26.63 11.73
CA ILE E 51 42.27 -26.64 13.10
C ILE E 51 42.58 -25.35 13.85
N ILE E 52 41.57 -24.89 14.56
CA ILE E 52 41.62 -23.73 15.40
C ILE E 52 41.88 -24.30 16.79
N THR E 53 42.93 -23.81 17.45
CA THR E 53 43.31 -24.35 18.73
C THR E 53 42.71 -23.62 19.93
N ILE E 54 42.31 -22.36 19.76
CA ILE E 54 41.70 -21.60 20.84
C ILE E 54 40.26 -22.03 21.11
N LEU E 55 39.58 -22.41 20.06
CA LEU E 55 38.24 -22.91 20.06
C LEU E 55 38.46 -24.25 19.41
N ASP E 56 38.04 -25.35 19.99
CA ASP E 56 38.40 -26.61 19.35
C ASP E 56 37.48 -26.89 18.18
N VAL E 57 37.87 -26.33 17.04
CA VAL E 57 37.09 -26.35 15.81
C VAL E 57 37.93 -26.76 14.61
N ALA E 58 37.42 -27.66 13.77
CA ALA E 58 38.23 -28.03 12.61
C ALA E 58 37.38 -28.30 11.38
N HIS E 59 38.03 -28.13 10.23
CA HIS E 59 37.41 -28.29 8.93
C HIS E 59 38.24 -29.14 8.00
N TYR E 60 37.58 -29.85 7.08
CA TYR E 60 38.30 -30.72 6.18
C TYR E 60 37.92 -30.51 4.73
N ALA E 61 38.85 -30.77 3.83
CA ALA E 61 38.58 -30.66 2.40
C ALA E 61 37.45 -31.63 2.03
N PRO E 62 36.59 -31.33 1.05
CA PRO E 62 35.38 -32.08 0.70
C PRO E 62 35.46 -33.61 0.60
N HIS E 63 36.57 -34.15 0.11
CA HIS E 63 36.73 -35.60 -0.06
C HIS E 63 37.25 -36.33 1.17
N LEU E 64 37.64 -35.56 2.16
CA LEU E 64 38.18 -36.02 3.42
C LEU E 64 37.18 -35.85 4.56
N GLN E 65 35.99 -35.36 4.26
CA GLN E 65 35.05 -35.08 5.36
C GLN E 65 34.64 -36.33 6.13
N GLY E 66 34.55 -37.45 5.45
CA GLY E 66 34.18 -38.70 6.10
C GLY E 66 35.40 -39.53 6.48
N ARG E 67 36.61 -38.97 6.31
CA ARG E 67 37.83 -39.72 6.57
C ARG E 67 38.81 -39.07 7.55
N VAL E 68 38.82 -37.75 7.64
CA VAL E 68 39.84 -37.08 8.44
C VAL E 68 39.38 -36.33 9.65
N THR E 69 40.12 -36.54 10.73
CA THR E 69 39.94 -35.82 11.97
C THR E 69 41.24 -35.15 12.40
N ILE E 70 41.18 -33.88 12.73
CA ILE E 70 42.35 -33.18 13.23
C ILE E 70 42.10 -32.80 14.68
N THR E 71 43.05 -33.17 15.53
CA THR E 71 42.97 -32.88 16.97
C THR E 71 44.13 -32.07 17.50
N ALA E 72 43.83 -31.05 18.29
CA ALA E 72 44.89 -30.25 18.88
C ALA E 72 45.00 -30.55 20.36
N ASP E 73 46.08 -31.21 20.75
CA ASP E 73 46.22 -31.54 22.15
C ASP E 73 46.92 -30.40 22.83
N LYS E 74 46.08 -29.58 23.43
CA LYS E 74 46.44 -28.33 24.07
C LYS E 74 47.39 -28.52 25.24
N SER E 75 47.43 -29.72 25.82
CA SER E 75 48.28 -29.94 26.98
C SER E 75 49.70 -30.37 26.60
N THR E 76 49.89 -30.85 25.36
CA THR E 76 51.19 -31.34 24.92
C THR E 76 51.73 -30.56 23.73
N SER E 77 50.95 -29.58 23.28
CA SER E 77 51.24 -28.75 22.11
C SER E 77 51.44 -29.62 20.89
N THR E 78 50.60 -30.64 20.77
CA THR E 78 50.74 -31.56 19.66
C THR E 78 49.49 -31.70 18.82
N VAL E 79 49.65 -31.55 17.52
CA VAL E 79 48.53 -31.66 16.61
C VAL E 79 48.57 -33.01 15.95
N TYR E 80 47.43 -33.67 15.90
CA TYR E 80 47.36 -34.97 15.28
C TYR E 80 46.45 -35.02 14.09
N LEU E 81 46.95 -35.62 13.02
CA LEU E 81 46.16 -35.84 11.82
C LEU E 81 45.77 -37.30 11.69
N GLU E 82 44.49 -37.59 11.81
CA GLU E 82 44.05 -38.97 11.70
C GLU E 82 43.26 -39.22 10.44
N LEU E 83 43.78 -40.10 9.60
CA LEU E 83 43.15 -40.48 8.34
C LEU E 83 42.64 -41.92 8.40
N ARG E 84 41.33 -42.07 8.25
CA ARG E 84 40.63 -43.33 8.33
C ARG E 84 40.18 -43.84 6.99
N ASN E 85 39.85 -45.14 6.93
CA ASN E 85 39.35 -45.76 5.70
C ASN E 85 40.34 -45.46 4.58
N LEU E 86 41.58 -45.72 4.93
CA LEU E 86 42.80 -45.51 4.20
C LEU E 86 42.88 -46.35 2.93
N ARG E 87 43.36 -45.76 1.84
CA ARG E 87 43.51 -46.48 0.55
C ARG E 87 44.90 -46.32 -0.05
N SER E 88 45.27 -47.15 -1.03
CA SER E 88 46.60 -47.04 -1.68
C SER E 88 46.80 -45.67 -2.35
N ASP E 89 45.69 -45.01 -2.66
CA ASP E 89 45.63 -43.69 -3.29
C ASP E 89 46.12 -42.61 -2.34
N ASP E 90 46.21 -42.94 -1.06
CA ASP E 90 46.60 -42.02 -0.01
C ASP E 90 48.09 -42.10 0.29
N THR E 91 48.85 -42.85 -0.52
CA THR E 91 50.28 -42.83 -0.27
C THR E 91 50.74 -41.43 -0.52
N ALA E 92 51.43 -40.85 0.45
CA ALA E 92 51.89 -39.48 0.32
C ALA E 92 52.82 -39.06 1.40
N VAL E 93 53.46 -37.93 1.21
CA VAL E 93 54.19 -37.36 2.30
C VAL E 93 53.26 -36.36 2.99
N TYR E 94 53.08 -36.52 4.29
CA TYR E 94 52.17 -35.68 5.04
C TYR E 94 52.91 -34.68 5.86
N PHE E 95 52.37 -33.49 6.02
CA PHE E 95 53.01 -32.50 6.85
C PHE E 95 52.12 -31.41 7.44
N CYS E 96 52.54 -30.92 8.61
CA CYS E 96 51.92 -29.86 9.37
C CYS E 96 52.52 -28.51 9.04
N ALA E 97 51.69 -27.50 9.22
CA ALA E 97 52.10 -26.14 9.06
C ALA E 97 51.24 -25.23 9.90
N GLY E 98 51.73 -24.04 10.21
CA GLY E 98 50.88 -23.13 10.96
C GLY E 98 51.30 -21.67 10.92
N VAL E 99 50.52 -20.86 11.63
CA VAL E 99 50.76 -19.42 11.67
C VAL E 99 50.29 -18.74 12.96
N TYR E 100 51.04 -17.72 13.39
CA TYR E 100 50.73 -16.95 14.58
C TYR E 100 49.54 -16.02 14.49
N GLU E 101 48.69 -16.12 15.51
CA GLU E 101 47.52 -15.31 15.68
C GLU E 101 47.74 -14.33 16.82
N GLY E 102 47.94 -13.07 16.47
CA GLY E 102 48.31 -12.07 17.45
C GLY E 102 47.38 -12.02 18.63
N GLU E 103 47.95 -12.25 19.80
CA GLU E 103 47.21 -12.19 21.06
C GLU E 103 45.89 -12.95 20.99
N ALA E 104 45.90 -14.15 20.40
CA ALA E 104 44.69 -14.95 20.34
C ALA E 104 44.13 -15.25 21.73
N ASP E 105 45.01 -15.36 22.73
CA ASP E 105 44.65 -15.62 24.12
C ASP E 105 43.75 -14.57 24.71
N GLU E 106 43.88 -13.35 24.20
CA GLU E 106 43.16 -12.21 24.70
C GLU E 106 41.94 -11.96 23.85
N GLY E 107 41.68 -12.85 22.90
CA GLY E 107 40.57 -12.73 21.99
C GLY E 107 40.84 -11.94 20.71
N GLU E 108 42.11 -11.76 20.31
CA GLU E 108 42.43 -11.00 19.10
C GLU E 108 42.83 -11.89 17.91
N TYR E 109 42.33 -13.12 17.89
CA TYR E 109 42.60 -14.11 16.85
C TYR E 109 42.25 -13.53 15.47
N ASP E 110 43.15 -13.65 14.47
CA ASP E 110 42.94 -13.05 13.16
C ASP E 110 42.55 -14.01 12.03
N ASN E 111 42.31 -15.28 12.33
CA ASN E 111 41.95 -16.28 11.32
C ASN E 111 42.89 -16.24 10.10
N ASN E 112 44.18 -16.30 10.38
CA ASN E 112 45.24 -16.22 9.39
C ASN E 112 45.35 -17.51 8.58
N GLY E 113 45.18 -17.38 7.26
CA GLY E 113 45.16 -18.49 6.29
C GLY E 113 46.51 -18.78 5.61
N PHE E 114 47.59 -18.18 6.10
CA PHE E 114 48.92 -18.33 5.52
C PHE E 114 49.72 -19.30 6.34
N LEU E 115 50.68 -19.97 5.75
CA LEU E 115 51.50 -20.89 6.50
C LEU E 115 52.98 -20.47 6.55
N LYS E 116 53.46 -20.15 7.74
CA LYS E 116 54.83 -19.65 7.88
C LYS E 116 55.75 -20.69 8.50
N HIS E 117 55.19 -21.52 9.35
CA HIS E 117 55.98 -22.50 10.08
C HIS E 117 55.63 -23.83 9.48
N TRP E 118 56.64 -24.57 9.00
CA TRP E 118 56.42 -25.86 8.34
C TRP E 118 57.22 -27.01 8.93
N GLY E 119 56.63 -28.21 8.85
CA GLY E 119 57.28 -29.45 9.26
C GLY E 119 58.16 -29.97 8.12
N GLN E 120 58.67 -31.19 8.28
CA GLN E 120 59.62 -31.78 7.33
C GLN E 120 59.03 -32.69 6.26
N GLY E 121 57.90 -33.31 6.55
CA GLY E 121 57.30 -34.30 5.68
C GLY E 121 57.48 -35.72 6.23
N THR E 122 56.36 -36.41 6.46
CA THR E 122 56.34 -37.75 6.98
C THR E 122 55.81 -38.70 5.92
N LEU E 123 56.58 -39.71 5.56
CA LEU E 123 56.06 -40.58 4.53
C LEU E 123 55.17 -41.67 5.08
N VAL E 124 53.98 -41.72 4.53
CA VAL E 124 53.04 -42.75 4.88
C VAL E 124 52.65 -43.48 3.62
N THR E 125 52.82 -44.78 3.62
CA THR E 125 52.44 -45.56 2.46
C THR E 125 51.28 -46.42 2.91
N VAL E 126 50.51 -47.00 1.95
CA VAL E 126 49.32 -47.78 2.25
C VAL E 126 49.32 -49.02 1.34
N LYS F 38 -48.43 -24.71 31.75
CA LYS F 38 -47.28 -25.44 31.26
C LYS F 38 -47.23 -25.27 29.73
N LYS F 39 -46.04 -25.58 29.13
CA LYS F 39 -45.76 -25.56 27.69
C LYS F 39 -46.11 -24.27 26.98
N TRP F 40 -45.41 -23.21 27.33
CA TRP F 40 -45.61 -21.88 26.77
C TRP F 40 -44.53 -21.61 25.74
N VAL F 41 -44.82 -20.79 24.74
CA VAL F 41 -43.81 -20.49 23.74
C VAL F 41 -42.72 -19.60 24.30
N THR F 42 -41.46 -19.99 24.11
CA THR F 42 -40.33 -19.15 24.50
C THR F 42 -39.47 -18.88 23.29
N VAL F 43 -39.12 -17.61 23.14
CA VAL F 43 -38.33 -17.15 22.03
C VAL F 43 -36.86 -17.10 22.41
N TYR F 44 -36.03 -17.75 21.61
CA TYR F 44 -34.60 -17.80 21.88
C TYR F 44 -33.77 -17.15 20.80
N TYR F 45 -32.84 -16.32 21.22
CA TYR F 45 -31.97 -15.70 20.26
C TYR F 45 -30.56 -16.23 20.47
N GLY F 46 -29.92 -16.65 19.40
CA GLY F 46 -28.60 -17.25 19.49
C GLY F 46 -28.69 -18.74 19.18
N VAL F 47 -29.74 -19.12 18.47
CA VAL F 47 -29.94 -20.48 18.07
C VAL F 47 -28.94 -20.83 16.96
N PRO F 48 -28.09 -21.86 17.11
CA PRO F 48 -27.05 -22.23 16.16
C PRO F 48 -27.57 -23.02 14.99
N VAL F 49 -28.47 -22.41 14.23
CA VAL F 49 -29.07 -23.09 13.11
C VAL F 49 -28.83 -22.44 11.78
N TRP F 50 -28.31 -23.23 10.84
CA TRP F 50 -28.07 -22.76 9.49
C TRP F 50 -29.07 -23.21 8.48
N LYS F 51 -29.16 -22.42 7.42
CA LYS F 51 -29.94 -22.75 6.24
C LYS F 51 -29.06 -22.50 5.01
N GLU F 52 -29.28 -23.26 3.95
CA GLU F 52 -28.50 -23.06 2.74
C GLU F 52 -28.86 -21.74 2.10
N ALA F 53 -27.87 -21.06 1.56
CA ALA F 53 -28.11 -19.76 0.95
C ALA F 53 -27.17 -19.47 -0.19
N THR F 54 -27.56 -18.54 -1.04
CA THR F 54 -26.68 -18.14 -2.12
C THR F 54 -26.19 -16.73 -1.89
N THR F 55 -25.05 -16.43 -2.46
CA THR F 55 -24.42 -15.13 -2.31
C THR F 55 -23.37 -14.89 -3.36
N THR F 56 -22.99 -13.64 -3.55
CA THR F 56 -21.94 -13.29 -4.49
C THR F 56 -20.56 -13.59 -3.91
N LEU F 57 -20.24 -14.87 -3.95
CA LEU F 57 -19.03 -15.48 -3.41
C LEU F 57 -17.84 -14.89 -4.16
N PHE F 58 -16.71 -14.62 -3.48
CA PHE F 58 -15.57 -13.98 -4.16
C PHE F 58 -14.37 -14.91 -4.20
N CYS F 59 -13.41 -14.68 -5.14
CA CYS F 59 -12.20 -15.51 -5.28
C CYS F 59 -10.96 -14.87 -4.65
N ALA F 60 -10.01 -15.73 -4.31
CA ALA F 60 -8.72 -15.36 -3.78
C ALA F 60 -7.67 -16.31 -4.35
N SER F 61 -6.48 -15.79 -4.59
CA SER F 61 -5.41 -16.64 -5.11
C SER F 61 -4.05 -16.03 -4.87
N ASP F 62 -3.00 -16.83 -5.03
CA ASP F 62 -1.66 -16.28 -4.89
C ASP F 62 -1.19 -15.69 -6.23
N ALA F 63 -1.82 -14.59 -6.60
CA ALA F 63 -1.57 -13.89 -7.86
C ALA F 63 -0.25 -13.13 -7.81
N LYS F 64 0.45 -12.97 -8.94
CA LYS F 64 1.73 -12.25 -8.91
C LYS F 64 1.82 -10.87 -9.60
N ALA F 65 1.13 -10.65 -10.73
CA ALA F 65 1.13 -9.37 -11.48
C ALA F 65 2.45 -8.96 -12.13
N TYR F 66 3.45 -9.81 -12.17
CA TYR F 66 4.68 -9.42 -12.86
C TYR F 66 5.19 -10.46 -13.85
N ASP F 67 4.56 -11.62 -13.93
CA ASP F 67 5.08 -12.69 -14.76
C ASP F 67 4.42 -12.88 -16.13
N THR F 68 3.49 -11.98 -16.50
CA THR F 68 2.76 -11.88 -17.79
C THR F 68 1.79 -13.02 -18.12
N GLU F 69 1.85 -14.07 -17.33
CA GLU F 69 1.07 -15.28 -17.49
C GLU F 69 -0.39 -14.96 -17.32
N VAL F 70 -1.26 -15.64 -18.07
CA VAL F 70 -2.67 -15.32 -17.98
C VAL F 70 -3.31 -15.35 -16.60
N HIS F 71 -3.06 -16.35 -15.80
CA HIS F 71 -3.80 -16.42 -14.56
C HIS F 71 -3.33 -15.37 -13.59
N ASN F 72 -2.05 -15.03 -13.66
CA ASN F 72 -1.47 -14.06 -12.76
C ASN F 72 -1.54 -12.63 -13.25
N VAL F 73 -2.28 -12.38 -14.33
CA VAL F 73 -2.49 -11.00 -14.78
C VAL F 73 -3.97 -10.76 -14.78
N TRP F 74 -4.68 -11.80 -14.39
CA TRP F 74 -6.12 -11.83 -14.30
C TRP F 74 -6.52 -11.75 -12.86
N ALA F 75 -5.97 -12.68 -12.09
CA ALA F 75 -6.25 -12.86 -10.70
C ALA F 75 -5.83 -11.65 -9.89
N THR F 76 -4.98 -10.83 -10.44
CA THR F 76 -4.47 -9.63 -9.82
C THR F 76 -5.49 -8.51 -9.77
N HIS F 77 -6.53 -8.63 -10.57
CA HIS F 77 -7.59 -7.64 -10.59
C HIS F 77 -8.89 -8.31 -10.24
N ALA F 78 -8.97 -9.61 -10.46
CA ALA F 78 -10.18 -10.37 -10.20
C ALA F 78 -10.32 -10.95 -8.78
N CYS F 79 -9.19 -11.37 -8.14
CA CYS F 79 -9.13 -12.09 -6.87
C CYS F 79 -8.29 -11.33 -5.84
N VAL F 80 -8.55 -11.63 -4.58
CA VAL F 80 -7.79 -11.01 -3.50
C VAL F 80 -6.68 -11.98 -3.05
N PRO F 81 -5.74 -11.58 -2.17
CA PRO F 81 -4.70 -12.42 -1.61
C PRO F 81 -5.36 -13.52 -0.85
N THR F 82 -4.66 -14.60 -0.62
CA THR F 82 -5.29 -15.74 0.04
C THR F 82 -5.54 -15.47 1.50
N ASP F 83 -6.39 -16.29 2.12
CA ASP F 83 -6.72 -16.11 3.53
C ASP F 83 -5.53 -16.41 4.44
N PRO F 84 -4.97 -15.43 5.18
CA PRO F 84 -3.81 -15.59 6.04
C PRO F 84 -4.10 -16.36 7.32
N ASN F 85 -5.39 -16.57 7.65
CA ASN F 85 -5.70 -17.23 8.92
C ASN F 85 -6.96 -18.10 8.90
N PRO F 86 -6.91 -19.30 8.30
CA PRO F 86 -8.02 -20.27 8.18
C PRO F 86 -8.48 -20.72 9.57
N GLN F 87 -9.78 -21.02 9.76
CA GLN F 87 -10.23 -21.47 11.09
C GLN F 87 -10.59 -22.95 11.27
N GLU F 88 -11.08 -23.62 10.22
CA GLU F 88 -11.47 -25.04 10.31
C GLU F 88 -12.25 -25.40 11.58
N ILE F 89 -13.42 -24.82 11.82
CA ILE F 89 -14.08 -25.16 13.08
C ILE F 89 -14.86 -26.45 12.93
N VAL F 90 -14.53 -27.48 13.71
CA VAL F 90 -15.26 -28.73 13.55
C VAL F 90 -16.52 -28.68 14.39
N LEU F 91 -17.66 -28.89 13.77
CA LEU F 91 -18.92 -28.73 14.46
C LEU F 91 -19.40 -29.98 15.17
N GLY F 92 -18.61 -30.45 16.12
CA GLY F 92 -19.05 -31.57 16.92
C GLY F 92 -19.43 -32.80 16.09
N ASN F 93 -20.66 -33.26 16.34
CA ASN F 93 -21.28 -34.43 15.72
C ASN F 93 -22.33 -34.05 14.68
N VAL F 94 -22.25 -32.85 14.16
CA VAL F 94 -23.20 -32.41 13.14
C VAL F 94 -23.20 -33.25 11.91
N THR F 95 -24.40 -33.60 11.48
CA THR F 95 -24.61 -34.35 10.26
C THR F 95 -25.35 -33.42 9.30
N GLU F 96 -24.83 -33.26 8.10
CA GLU F 96 -25.41 -32.33 7.11
C GLU F 96 -25.62 -32.94 5.75
N ASN F 97 -26.77 -32.67 5.14
CA ASN F 97 -27.04 -33.22 3.82
C ASN F 97 -26.49 -32.38 2.68
N PHE F 98 -25.51 -32.93 1.98
CA PHE F 98 -24.82 -32.26 0.89
C PHE F 98 -25.32 -32.85 -0.41
N ASN F 99 -25.23 -32.09 -1.50
CA ASN F 99 -25.58 -32.62 -2.81
C ASN F 99 -24.74 -31.91 -3.88
N MET F 100 -23.71 -32.58 -4.36
CA MET F 100 -22.77 -31.97 -5.28
C MET F 100 -23.37 -31.64 -6.63
N TRP F 101 -24.50 -32.25 -6.94
CA TRP F 101 -25.09 -32.03 -8.23
C TRP F 101 -26.13 -30.92 -8.23
N LYS F 102 -26.41 -30.37 -7.05
CA LYS F 102 -27.43 -29.33 -6.94
C LYS F 102 -26.85 -28.07 -6.34
N ASN F 103 -25.53 -28.03 -6.24
CA ASN F 103 -24.78 -26.96 -5.64
C ASN F 103 -24.76 -25.72 -6.53
N ASN F 104 -24.56 -24.57 -5.91
CA ASN F 104 -24.48 -23.30 -6.62
C ASN F 104 -23.08 -22.79 -6.80
N MET F 105 -22.14 -23.28 -6.00
CA MET F 105 -20.76 -22.78 -6.04
C MET F 105 -20.13 -23.10 -7.39
N VAL F 106 -20.68 -24.11 -8.01
CA VAL F 106 -20.28 -24.66 -9.28
C VAL F 106 -20.57 -23.66 -10.37
N GLU F 107 -21.72 -23.01 -10.31
CA GLU F 107 -22.08 -22.07 -11.34
C GLU F 107 -21.22 -20.86 -11.19
N GLN F 108 -20.94 -20.51 -9.96
CA GLN F 108 -20.13 -19.34 -9.74
C GLN F 108 -18.72 -19.57 -10.26
N MET F 109 -18.17 -20.78 -10.06
CA MET F 109 -16.86 -21.02 -10.60
C MET F 109 -16.91 -20.99 -12.11
N HIS F 110 -18.00 -21.50 -12.70
CA HIS F 110 -18.14 -21.47 -14.14
C HIS F 110 -18.09 -20.05 -14.67
N GLU F 111 -18.82 -19.13 -14.05
CA GLU F 111 -18.78 -17.75 -14.53
C GLU F 111 -17.39 -17.13 -14.46
N ASP F 112 -16.63 -17.39 -13.40
CA ASP F 112 -15.31 -16.78 -13.37
C ASP F 112 -14.36 -17.36 -14.40
N ILE F 113 -14.43 -18.67 -14.63
CA ILE F 113 -13.52 -19.29 -15.56
C ILE F 113 -13.87 -18.91 -16.99
N ILE F 114 -15.15 -18.86 -17.33
CA ILE F 114 -15.49 -18.48 -18.68
C ILE F 114 -15.02 -17.04 -18.93
N SER F 115 -15.08 -16.18 -17.89
CA SER F 115 -14.61 -14.81 -18.06
C SER F 115 -13.09 -14.81 -18.26
N LEU F 116 -12.38 -15.63 -17.50
CA LEU F 116 -10.94 -15.75 -17.58
C LEU F 116 -10.48 -16.15 -18.95
N TRP F 117 -11.10 -17.16 -19.51
CA TRP F 117 -10.68 -17.58 -20.82
C TRP F 117 -11.00 -16.57 -21.89
N ASP F 118 -12.20 -15.95 -21.84
CA ASP F 118 -12.57 -15.00 -22.89
C ASP F 118 -11.66 -13.77 -22.88
N GLN F 119 -11.18 -13.43 -21.70
CA GLN F 119 -10.32 -12.28 -21.48
C GLN F 119 -8.84 -12.57 -21.72
N SER F 120 -8.49 -13.81 -22.11
CA SER F 120 -7.10 -14.16 -22.29
C SER F 120 -6.80 -14.96 -23.55
N LEU F 121 -7.32 -16.17 -23.64
CA LEU F 121 -7.00 -17.01 -24.78
C LEU F 121 -7.95 -16.66 -25.89
N LYS F 122 -7.70 -15.50 -26.47
CA LYS F 122 -8.54 -14.96 -27.49
C LYS F 122 -8.24 -15.68 -28.79
N PRO F 123 -9.25 -16.18 -29.50
CA PRO F 123 -9.13 -16.82 -30.77
C PRO F 123 -8.93 -15.76 -31.80
N CYS F 124 -8.33 -16.12 -32.94
CA CYS F 124 -8.17 -15.26 -34.10
C CYS F 124 -9.53 -15.08 -34.75
N VAL F 125 -10.27 -16.18 -34.82
CA VAL F 125 -11.61 -16.14 -35.41
C VAL F 125 -12.60 -16.76 -34.43
N LYS F 126 -13.70 -16.08 -34.12
CA LYS F 126 -14.72 -16.65 -33.22
C LYS F 126 -16.09 -16.62 -33.87
N LEU F 127 -16.74 -17.78 -33.91
CA LEU F 127 -18.05 -17.87 -34.55
C LEU F 127 -19.11 -18.30 -33.56
N THR F 128 -20.03 -17.38 -33.28
CA THR F 128 -21.10 -17.62 -32.32
C THR F 128 -22.42 -17.69 -33.10
N PRO F 129 -23.28 -18.69 -32.92
CA PRO F 129 -24.51 -18.89 -33.67
C PRO F 129 -25.67 -17.95 -33.29
N LEU F 130 -25.49 -16.65 -33.61
CA LEU F 130 -26.45 -15.57 -33.35
C LEU F 130 -27.17 -15.23 -34.66
N ASN F 213 -28.48 -17.41 -39.05
CA ASN F 213 -27.45 -16.40 -39.11
C ASN F 213 -26.45 -16.66 -37.98
N THR F 214 -25.19 -16.19 -38.18
CA THR F 214 -24.07 -16.27 -37.22
C THR F 214 -23.49 -14.90 -37.05
N SER F 215 -22.67 -14.74 -36.02
CA SER F 215 -21.95 -13.51 -35.77
C SER F 215 -20.49 -13.83 -35.57
N VAL F 216 -19.67 -13.29 -36.44
CA VAL F 216 -18.27 -13.61 -36.44
C VAL F 216 -17.39 -12.43 -36.20
N ILE F 217 -16.48 -12.57 -35.26
CA ILE F 217 -15.55 -11.52 -34.96
C ILE F 217 -14.14 -12.04 -35.06
N THR F 218 -13.20 -11.12 -35.19
CA THR F 218 -11.82 -11.52 -35.16
C THR F 218 -11.08 -10.68 -34.14
N GLN F 219 -10.00 -11.23 -33.64
CA GLN F 219 -9.20 -10.60 -32.62
C GLN F 219 -7.72 -10.75 -32.88
N ALA F 220 -6.90 -9.86 -32.32
CA ALA F 220 -5.46 -10.05 -32.41
C ALA F 220 -5.09 -11.29 -31.60
N CYS F 221 -4.08 -12.09 -32.04
CA CYS F 221 -3.64 -13.33 -31.38
C CYS F 221 -2.19 -13.33 -30.87
N PRO F 222 -1.86 -12.54 -29.86
CA PRO F 222 -0.57 -12.63 -29.26
C PRO F 222 -0.67 -13.97 -28.58
N LYS F 223 0.41 -14.70 -28.47
CA LYS F 223 0.30 -15.93 -27.74
C LYS F 223 0.63 -15.61 -26.31
N VAL F 224 0.06 -16.34 -25.38
CA VAL F 224 0.36 -16.09 -23.99
C VAL F 224 0.71 -17.34 -23.25
N SER F 225 1.43 -17.18 -22.14
CA SER F 225 1.73 -18.30 -21.28
C SER F 225 0.43 -18.73 -20.65
N PHE F 226 0.25 -20.02 -20.45
CA PHE F 226 -0.97 -20.48 -19.84
C PHE F 226 -0.69 -21.66 -18.93
N GLU F 227 -0.69 -21.36 -17.65
CA GLU F 227 -0.41 -22.30 -16.57
C GLU F 227 -1.36 -22.09 -15.39
N PRO F 228 -2.45 -22.85 -15.27
CA PRO F 228 -3.47 -22.72 -14.25
C PRO F 228 -2.89 -22.76 -12.84
N ILE F 229 -3.46 -21.91 -11.99
CA ILE F 229 -3.01 -21.76 -10.61
C ILE F 229 -4.23 -22.11 -9.79
N PRO F 230 -4.10 -22.54 -8.53
CA PRO F 230 -5.23 -22.80 -7.69
C PRO F 230 -5.93 -21.51 -7.36
N ILE F 231 -7.24 -21.51 -7.42
CA ILE F 231 -8.05 -20.37 -7.03
C ILE F 231 -9.08 -20.84 -6.03
N HIS F 232 -9.23 -20.15 -4.92
CA HIS F 232 -10.24 -20.55 -3.95
C HIS F 232 -11.33 -19.55 -3.78
N TYR F 233 -12.48 -20.06 -3.39
CA TYR F 233 -13.65 -19.23 -3.17
C TYR F 233 -13.84 -18.97 -1.71
N CYS F 234 -14.23 -17.73 -1.35
CA CYS F 234 -14.39 -17.24 0.01
C CYS F 234 -15.77 -16.62 0.24
N ALA F 235 -16.31 -16.89 1.43
CA ALA F 235 -17.60 -16.37 1.86
C ALA F 235 -17.56 -14.84 2.12
N PRO F 236 -18.57 -14.08 1.68
CA PRO F 236 -18.79 -12.69 1.98
C PRO F 236 -19.17 -12.56 3.43
N ALA F 237 -19.00 -11.38 4.01
CA ALA F 237 -19.42 -11.22 5.39
C ALA F 237 -20.89 -11.58 5.54
N GLY F 238 -21.19 -12.29 6.63
CA GLY F 238 -22.50 -12.79 6.98
C GLY F 238 -22.65 -14.28 6.63
N PHE F 239 -21.73 -14.81 5.84
CA PHE F 239 -21.78 -16.20 5.40
C PHE F 239 -20.58 -17.06 5.77
N ALA F 240 -20.79 -18.37 5.76
CA ALA F 240 -19.70 -19.29 5.98
C ALA F 240 -19.93 -20.54 5.15
N ILE F 241 -18.87 -21.31 4.90
CA ILE F 241 -18.98 -22.51 4.10
C ILE F 241 -18.84 -23.79 4.92
N LEU F 242 -19.79 -24.68 4.79
CA LEU F 242 -19.70 -25.93 5.52
C LEU F 242 -18.94 -26.87 4.64
N LYS F 243 -18.09 -27.68 5.22
CA LYS F 243 -17.31 -28.65 4.47
C LYS F 243 -17.51 -30.06 5.00
N CYS F 244 -17.62 -31.04 4.07
CA CYS F 244 -17.73 -32.46 4.36
C CYS F 244 -16.34 -33.07 4.49
N ASN F 245 -16.04 -33.60 5.67
CA ASN F 245 -14.74 -34.16 5.98
C ASN F 245 -14.72 -35.69 6.02
N SER F 246 -15.75 -36.31 5.52
CA SER F 246 -15.79 -37.77 5.51
C SER F 246 -14.77 -38.30 4.53
N LYS F 247 -14.19 -39.45 4.85
CA LYS F 247 -13.28 -40.09 3.90
C LYS F 247 -14.12 -40.72 2.81
N THR F 248 -15.29 -41.21 3.21
CA THR F 248 -16.20 -41.81 2.27
C THR F 248 -17.42 -40.94 2.17
N PHE F 249 -17.68 -40.49 0.98
CA PHE F 249 -18.82 -39.66 0.67
C PHE F 249 -19.08 -39.81 -0.80
N ASN F 250 -20.31 -40.18 -1.14
CA ASN F 250 -20.70 -40.46 -2.52
C ASN F 250 -21.25 -39.29 -3.28
N GLY F 251 -21.10 -38.10 -2.74
CA GLY F 251 -21.57 -36.89 -3.39
C GLY F 251 -22.93 -36.42 -2.90
N SER F 252 -23.64 -37.24 -2.15
CA SER F 252 -24.93 -36.79 -1.69
C SER F 252 -25.39 -37.42 -0.39
N GLY F 253 -26.29 -36.74 0.29
CA GLY F 253 -26.87 -37.29 1.49
C GLY F 253 -26.06 -36.84 2.69
N PRO F 254 -26.36 -37.35 3.87
CA PRO F 254 -25.75 -36.92 5.10
C PRO F 254 -24.27 -37.24 5.15
N CYS F 255 -23.48 -36.24 5.58
CA CYS F 255 -22.06 -36.30 5.83
C CYS F 255 -21.98 -36.19 7.33
N THR F 256 -21.31 -37.13 7.96
CA THR F 256 -21.27 -37.19 9.42
C THR F 256 -20.14 -36.47 10.16
N ASN F 257 -19.26 -35.75 9.44
CA ASN F 257 -18.15 -34.97 9.98
C ASN F 257 -18.09 -33.65 9.20
N VAL F 258 -18.57 -32.53 9.82
CA VAL F 258 -18.70 -31.22 9.17
C VAL F 258 -17.92 -30.14 9.89
N SER F 259 -17.16 -29.36 9.12
CA SER F 259 -16.41 -28.24 9.68
C SER F 259 -16.77 -26.95 8.94
N THR F 260 -16.50 -25.82 9.56
CA THR F 260 -16.81 -24.55 8.92
C THR F 260 -15.56 -23.77 8.55
N VAL F 261 -15.53 -23.33 7.31
CA VAL F 261 -14.41 -22.56 6.79
C VAL F 261 -14.87 -21.29 6.11
N GLN F 262 -13.98 -20.33 5.93
CA GLN F 262 -14.36 -19.19 5.09
C GLN F 262 -14.08 -19.42 3.62
N CYS F 263 -12.93 -20.08 3.30
CA CYS F 263 -12.43 -20.28 1.95
C CYS F 263 -12.27 -21.76 1.67
N THR F 264 -12.41 -22.11 0.40
CA THR F 264 -12.22 -23.47 -0.06
C THR F 264 -10.75 -23.79 -0.21
N HIS F 265 -10.45 -25.07 -0.40
CA HIS F 265 -9.09 -25.57 -0.59
C HIS F 265 -8.32 -24.87 -1.71
N GLY F 266 -9.00 -24.70 -2.83
CA GLY F 266 -8.42 -24.10 -4.03
C GLY F 266 -8.44 -25.10 -5.13
N ILE F 267 -9.02 -24.66 -6.23
CA ILE F 267 -9.17 -25.48 -7.40
C ILE F 267 -8.39 -24.92 -8.52
N ARG F 268 -7.54 -25.73 -9.09
CA ARG F 268 -6.80 -25.30 -10.24
C ARG F 268 -7.76 -25.52 -11.39
N PRO F 269 -8.13 -24.49 -12.16
CA PRO F 269 -9.12 -24.55 -13.20
C PRO F 269 -8.62 -25.20 -14.46
N VAL F 270 -8.32 -26.47 -14.38
CA VAL F 270 -7.89 -27.18 -15.55
C VAL F 270 -9.13 -27.52 -16.33
N VAL F 271 -9.10 -27.22 -17.60
CA VAL F 271 -10.21 -27.52 -18.45
C VAL F 271 -9.82 -28.71 -19.30
N SER F 272 -10.44 -29.86 -19.04
CA SER F 272 -10.10 -31.10 -19.74
C SER F 272 -11.27 -32.05 -19.83
N THR F 273 -11.13 -33.04 -20.69
CA THR F 273 -12.13 -34.07 -20.85
C THR F 273 -11.51 -35.43 -20.56
N GLN F 274 -12.32 -36.48 -20.34
CA GLN F 274 -11.92 -37.88 -20.06
C GLN F 274 -11.09 -38.10 -18.79
N LEU F 275 -9.94 -37.45 -18.68
CA LEU F 275 -9.09 -37.53 -17.53
C LEU F 275 -8.96 -36.11 -16.97
N LEU F 276 -9.12 -36.02 -15.67
CA LEU F 276 -9.03 -34.75 -14.95
C LEU F 276 -7.67 -34.64 -14.42
N LEU F 277 -7.05 -33.53 -14.72
CA LEU F 277 -5.69 -33.34 -14.30
C LEU F 277 -5.55 -32.29 -13.20
N ASN F 278 -4.55 -32.50 -12.33
CA ASN F 278 -4.07 -31.64 -11.24
C ASN F 278 -5.15 -31.26 -10.20
N GLY F 279 -6.07 -32.21 -9.88
CA GLY F 279 -7.13 -32.03 -8.88
C GLY F 279 -6.70 -32.66 -7.58
N SER F 280 -7.63 -32.84 -6.68
CA SER F 280 -7.32 -33.44 -5.40
C SER F 280 -7.55 -34.93 -5.42
N LEU F 281 -7.00 -35.61 -4.44
CA LEU F 281 -7.17 -37.05 -4.29
C LEU F 281 -8.11 -37.41 -3.17
N ALA F 282 -8.68 -38.60 -3.29
CA ALA F 282 -9.64 -39.18 -2.34
C ALA F 282 -8.96 -39.72 -1.09
N GLU F 283 -7.64 -39.74 -1.10
CA GLU F 283 -6.77 -40.19 -0.02
C GLU F 283 -6.78 -41.68 0.32
N GLU F 284 -7.94 -42.21 0.69
CA GLU F 284 -7.96 -43.62 1.08
C GLU F 284 -8.50 -44.60 0.05
N GLU F 285 -9.54 -44.24 -0.66
CA GLU F 285 -10.14 -45.16 -1.61
C GLU F 285 -10.59 -44.46 -2.87
N ILE F 286 -10.73 -45.22 -3.94
CA ILE F 286 -11.27 -44.59 -5.12
C ILE F 286 -12.75 -44.43 -4.89
N VAL F 287 -13.25 -43.23 -5.10
CA VAL F 287 -14.65 -42.99 -4.84
C VAL F 287 -15.42 -42.81 -6.11
N ILE F 288 -16.49 -43.58 -6.24
CA ILE F 288 -17.32 -43.50 -7.42
C ILE F 288 -18.54 -42.65 -7.10
N ARG F 289 -18.64 -41.47 -7.73
CA ARG F 289 -19.74 -40.57 -7.43
C ARG F 289 -20.66 -40.33 -8.61
N SER F 290 -21.94 -40.53 -8.41
CA SER F 290 -22.90 -40.30 -9.47
C SER F 290 -24.22 -39.90 -8.91
N GLU F 291 -24.90 -38.97 -9.56
CA GLU F 291 -26.22 -38.55 -9.09
C GLU F 291 -27.17 -39.77 -8.97
N ASN F 292 -27.11 -40.68 -9.97
CA ASN F 292 -27.82 -41.94 -10.06
C ASN F 292 -26.93 -42.93 -10.82
N ILE F 293 -26.20 -43.80 -10.09
CA ILE F 293 -25.20 -44.74 -10.63
C ILE F 293 -25.83 -45.78 -11.57
N THR F 294 -27.15 -45.91 -11.50
CA THR F 294 -27.84 -46.84 -12.35
C THR F 294 -28.70 -46.20 -13.45
N ASP F 295 -28.69 -44.87 -13.67
CA ASP F 295 -29.61 -44.39 -14.71
C ASP F 295 -29.02 -44.43 -16.12
N ASN F 296 -27.76 -44.81 -16.23
CA ASN F 296 -27.08 -44.91 -17.50
C ASN F 296 -27.23 -43.62 -18.29
N ALA F 297 -27.11 -42.49 -17.63
CA ALA F 297 -27.22 -41.21 -18.30
C ALA F 297 -26.19 -40.26 -17.75
N LYS F 298 -26.08 -40.20 -16.44
CA LYS F 298 -25.20 -39.22 -15.84
C LYS F 298 -23.77 -39.71 -15.83
N THR F 299 -22.83 -38.77 -15.92
CA THR F 299 -21.42 -39.05 -15.88
C THR F 299 -20.99 -39.41 -14.48
N ILE F 300 -20.20 -40.44 -14.37
CA ILE F 300 -19.66 -40.91 -13.12
C ILE F 300 -18.33 -40.27 -12.90
N ILE F 301 -18.16 -39.64 -11.76
CA ILE F 301 -16.91 -39.03 -11.49
C ILE F 301 -16.12 -39.94 -10.59
N VAL F 302 -14.97 -40.35 -11.06
CA VAL F 302 -14.13 -41.26 -10.32
C VAL F 302 -12.98 -40.49 -9.72
N GLN F 303 -12.93 -40.42 -8.41
CA GLN F 303 -11.82 -39.70 -7.80
C GLN F 303 -10.80 -40.68 -7.34
N LEU F 304 -9.57 -40.51 -7.77
CA LEU F 304 -8.55 -41.47 -7.41
C LEU F 304 -7.97 -41.17 -6.06
N ASN F 305 -7.50 -42.20 -5.36
CA ASN F 305 -6.80 -41.99 -4.10
C ASN F 305 -5.29 -41.89 -4.27
N GLU F 306 -4.86 -42.01 -5.50
CA GLU F 306 -3.46 -41.91 -5.89
C GLU F 306 -3.39 -41.20 -7.22
N ALA F 307 -2.36 -40.41 -7.45
CA ALA F 307 -2.22 -39.79 -8.75
C ALA F 307 -1.35 -40.64 -9.66
N VAL F 308 -1.64 -40.55 -10.95
CA VAL F 308 -0.82 -41.22 -11.96
C VAL F 308 -0.16 -40.18 -12.85
N GLU F 309 1.15 -40.26 -12.99
CA GLU F 309 1.83 -39.25 -13.78
C GLU F 309 1.68 -39.49 -15.27
N ILE F 310 1.44 -38.40 -15.99
CA ILE F 310 1.40 -38.39 -17.45
C ILE F 310 2.39 -37.33 -17.97
N ASN F 311 3.37 -37.72 -18.82
CA ASN F 311 4.39 -36.82 -19.38
C ASN F 311 4.17 -36.61 -20.88
N CYS F 312 3.63 -35.42 -21.27
CA CYS F 312 3.25 -35.07 -22.64
C CYS F 312 4.28 -34.13 -23.26
N THR F 313 4.95 -34.61 -24.30
CA THR F 313 6.00 -33.82 -24.92
C THR F 313 5.95 -33.71 -26.44
N ARG F 314 6.19 -32.49 -26.91
CA ARG F 314 6.38 -32.18 -28.31
C ARG F 314 7.81 -31.65 -28.49
N PRO F 315 8.77 -32.51 -28.83
CA PRO F 315 10.20 -32.22 -28.84
C PRO F 315 10.56 -31.22 -29.92
N ASN F 316 11.63 -30.45 -29.69
CA ASN F 316 12.04 -29.46 -30.69
C ASN F 316 12.89 -30.05 -31.80
N ASN F 317 12.27 -30.91 -32.57
CA ASN F 317 12.85 -31.54 -33.72
C ASN F 317 11.69 -31.79 -34.66
N ASN F 318 10.51 -31.49 -34.15
CA ASN F 318 9.32 -31.57 -34.96
C ASN F 318 9.12 -30.27 -35.67
N THR F 319 9.90 -30.08 -36.72
CA THR F 319 9.92 -28.85 -37.50
C THR F 319 9.36 -29.08 -38.90
N ARG F 320 8.96 -30.30 -39.18
CA ARG F 320 8.46 -30.67 -40.50
C ARG F 320 6.99 -30.28 -40.67
N LYS F 321 6.64 -29.88 -41.88
CA LYS F 321 5.26 -29.55 -42.19
C LYS F 321 4.81 -30.36 -43.42
N SER F 322 3.49 -30.62 -43.54
CA SER F 322 2.87 -31.30 -44.68
C SER F 322 2.49 -30.27 -45.75
N ASN F 340 5.66 -34.23 -37.63
CA ASN F 340 5.44 -32.84 -38.03
C ASN F 340 5.32 -31.95 -36.78
N ILE F 341 5.16 -30.62 -36.99
CA ILE F 341 5.04 -29.56 -35.96
C ILE F 341 3.82 -29.68 -35.02
N ARG F 342 2.86 -30.52 -35.37
CA ARG F 342 1.69 -30.72 -34.53
C ARG F 342 1.64 -32.03 -33.78
N GLN F 343 2.67 -32.87 -33.88
CA GLN F 343 2.66 -34.16 -33.19
C GLN F 343 3.33 -34.14 -31.84
N ALA F 344 2.71 -34.84 -30.89
CA ALA F 344 3.23 -34.97 -29.53
C ALA F 344 2.91 -36.35 -28.97
N HIS F 345 3.72 -36.83 -28.03
CA HIS F 345 3.46 -38.12 -27.38
C HIS F 345 3.30 -37.99 -25.85
N CYS F 346 2.30 -38.71 -25.25
CA CYS F 346 2.10 -38.74 -23.78
C CYS F 346 2.44 -40.12 -23.25
N ASN F 347 3.38 -40.13 -22.32
CA ASN F 347 3.91 -41.34 -21.70
C ASN F 347 3.31 -41.62 -20.31
N ILE F 348 2.63 -42.78 -20.16
CA ILE F 348 1.96 -43.28 -18.94
C ILE F 348 2.56 -44.61 -18.46
N SER F 349 2.88 -44.70 -17.16
CA SER F 349 3.45 -45.94 -16.63
C SER F 349 2.45 -47.09 -16.71
N LYS F 350 2.92 -48.29 -17.11
CA LYS F 350 2.02 -49.43 -17.22
C LYS F 350 1.69 -49.92 -15.86
N ALA F 351 2.68 -49.92 -14.99
CA ALA F 351 2.47 -50.41 -13.66
C ALA F 351 1.46 -49.55 -12.92
N ARG F 352 1.54 -48.24 -13.13
CA ARG F 352 0.64 -47.37 -12.42
C ARG F 352 -0.74 -47.43 -13.00
N TRP F 353 -0.84 -47.49 -14.32
CA TRP F 353 -2.13 -47.53 -14.93
C TRP F 353 -2.83 -48.81 -14.56
N ASN F 354 -2.13 -49.94 -14.61
CA ASN F 354 -2.77 -51.21 -14.34
C ASN F 354 -3.24 -51.32 -12.91
N GLU F 355 -2.48 -50.79 -11.96
CA GLU F 355 -2.91 -50.86 -10.59
C GLU F 355 -4.12 -49.99 -10.37
N THR F 356 -4.11 -48.80 -10.96
CA THR F 356 -5.21 -47.88 -10.77
C THR F 356 -6.49 -48.45 -11.34
N LEU F 357 -6.42 -49.03 -12.53
CA LEU F 357 -7.62 -49.51 -13.17
C LEU F 357 -8.12 -50.75 -12.46
N GLY F 358 -7.23 -51.58 -11.93
CA GLY F 358 -7.67 -52.73 -11.18
C GLY F 358 -8.45 -52.28 -9.93
N GLN F 359 -7.97 -51.23 -9.27
CA GLN F 359 -8.64 -50.71 -8.08
C GLN F 359 -10.01 -50.13 -8.43
N ILE F 360 -10.10 -49.47 -9.59
CA ILE F 360 -11.38 -48.90 -10.00
C ILE F 360 -12.36 -50.03 -10.19
N VAL F 361 -11.92 -51.10 -10.85
CA VAL F 361 -12.81 -52.22 -11.08
C VAL F 361 -13.26 -52.82 -9.78
N ALA F 362 -12.36 -52.95 -8.81
CA ALA F 362 -12.77 -53.54 -7.56
C ALA F 362 -13.97 -52.79 -6.96
N LYS F 363 -14.01 -51.47 -7.11
CA LYS F 363 -15.17 -50.73 -6.61
C LYS F 363 -16.38 -50.86 -7.54
N LEU F 364 -16.14 -50.89 -8.85
CA LEU F 364 -17.26 -50.98 -9.79
C LEU F 364 -17.99 -52.29 -9.58
N GLU F 365 -17.27 -53.35 -9.23
CA GLU F 365 -17.81 -54.67 -8.95
C GLU F 365 -18.68 -54.71 -7.70
N GLU F 366 -18.55 -53.75 -6.79
CA GLU F 366 -19.37 -53.80 -5.61
C GLU F 366 -20.77 -53.39 -6.05
N GLN F 367 -20.80 -52.37 -6.90
CA GLN F 367 -22.06 -51.88 -7.42
C GLN F 367 -22.66 -52.81 -8.49
N PHE F 368 -21.79 -53.43 -9.30
CA PHE F 368 -22.21 -54.28 -10.39
C PHE F 368 -21.50 -55.64 -10.35
N PRO F 369 -21.79 -56.50 -9.37
CA PRO F 369 -21.10 -57.76 -9.08
C PRO F 369 -21.23 -58.86 -10.13
N ASN F 370 -22.17 -58.73 -11.04
CA ASN F 370 -22.38 -59.78 -12.04
C ASN F 370 -21.71 -59.52 -13.39
N LYS F 371 -20.94 -58.44 -13.52
CA LYS F 371 -20.28 -58.15 -14.80
C LYS F 371 -18.80 -57.75 -14.62
N THR F 372 -17.96 -58.05 -15.64
CA THR F 372 -16.53 -57.72 -15.71
C THR F 372 -16.35 -56.49 -16.61
N PHE F 375 -12.60 -48.24 -20.12
CA PHE F 375 -12.53 -49.70 -20.29
C PHE F 375 -12.99 -50.20 -21.69
N ASN F 376 -13.40 -49.25 -22.57
CA ASN F 376 -13.81 -49.45 -23.95
C ASN F 376 -13.54 -48.15 -24.72
N HIS F 377 -13.67 -48.20 -26.06
CA HIS F 377 -13.50 -47.13 -27.04
C HIS F 377 -14.62 -46.11 -26.92
N SER F 378 -14.31 -44.84 -27.07
CA SER F 378 -15.37 -43.85 -26.99
C SER F 378 -16.33 -44.06 -28.15
N SER F 379 -17.56 -43.60 -27.99
CA SER F 379 -18.57 -43.76 -29.02
C SER F 379 -18.44 -42.82 -30.21
N GLY F 380 -17.87 -41.66 -30.00
CA GLY F 380 -17.79 -40.70 -31.08
C GLY F 380 -18.46 -39.41 -30.66
N GLY F 381 -18.28 -38.38 -31.47
CA GLY F 381 -18.80 -37.06 -31.17
C GLY F 381 -17.74 -36.05 -31.48
N ASP F 382 -17.91 -34.86 -30.96
CA ASP F 382 -16.98 -33.79 -31.18
C ASP F 382 -15.62 -34.29 -30.70
N PRO F 383 -14.50 -33.91 -31.35
CA PRO F 383 -13.17 -34.37 -31.05
C PRO F 383 -12.71 -34.10 -29.62
N GLU F 384 -13.29 -33.10 -28.96
CA GLU F 384 -12.91 -32.79 -27.57
C GLU F 384 -13.41 -33.86 -26.61
N ILE F 385 -14.38 -34.65 -27.05
CA ILE F 385 -14.95 -35.68 -26.23
C ILE F 385 -14.32 -36.99 -26.58
N VAL F 386 -14.14 -37.19 -27.88
CA VAL F 386 -13.63 -38.45 -28.40
C VAL F 386 -12.23 -38.70 -27.92
N THR F 387 -11.38 -37.69 -27.99
CA THR F 387 -10.04 -37.80 -27.50
C THR F 387 -9.91 -37.05 -26.20
N HIS F 388 -8.83 -37.27 -25.49
CA HIS F 388 -8.58 -36.52 -24.30
C HIS F 388 -8.17 -35.17 -24.71
N SER F 389 -8.57 -34.14 -24.01
CA SER F 389 -8.07 -32.85 -24.42
C SER F 389 -7.72 -31.98 -23.26
N PHE F 390 -6.75 -31.11 -23.50
CA PHE F 390 -6.26 -30.15 -22.52
C PHE F 390 -5.54 -28.96 -23.15
N ASN F 391 -5.29 -27.91 -22.37
CA ASN F 391 -4.53 -26.77 -22.88
C ASN F 391 -3.33 -26.43 -22.00
N CYS F 392 -2.14 -26.51 -22.59
CA CYS F 392 -0.91 -26.18 -21.86
C CYS F 392 0.01 -25.35 -22.71
N GLY F 393 0.50 -24.25 -22.16
CA GLY F 393 1.45 -23.44 -22.91
C GLY F 393 0.70 -22.60 -23.93
N GLY F 394 -0.61 -22.64 -23.81
CA GLY F 394 -1.55 -21.98 -24.68
C GLY F 394 -1.99 -22.88 -25.81
N GLU F 395 -1.38 -24.05 -25.96
CA GLU F 395 -1.73 -24.93 -27.05
C GLU F 395 -2.77 -25.96 -26.70
N PHE F 396 -3.63 -26.27 -27.66
CA PHE F 396 -4.70 -27.22 -27.47
C PHE F 396 -4.36 -28.61 -27.96
N PHE F 397 -4.26 -29.54 -27.03
CA PHE F 397 -3.86 -30.89 -27.31
C PHE F 397 -5.03 -31.84 -27.31
N TYR F 398 -5.05 -32.74 -28.28
CA TYR F 398 -6.03 -33.81 -28.38
C TYR F 398 -5.27 -35.13 -28.38
N CYS F 399 -5.59 -36.11 -27.47
CA CYS F 399 -4.85 -37.36 -27.33
C CYS F 399 -5.70 -38.62 -27.43
N ASN F 400 -5.17 -39.58 -28.15
CA ASN F 400 -5.76 -40.88 -28.36
C ASN F 400 -5.54 -41.74 -27.10
N THR F 401 -6.64 -42.11 -26.39
CA THR F 401 -6.65 -42.87 -25.14
C THR F 401 -7.07 -44.31 -25.29
N THR F 402 -7.17 -44.81 -26.52
CA THR F 402 -7.56 -46.22 -26.63
C THR F 402 -6.51 -47.14 -26.00
N PRO F 403 -5.18 -46.81 -25.94
CA PRO F 403 -4.18 -47.60 -25.25
C PRO F 403 -4.42 -47.69 -23.74
N LEU F 404 -5.26 -46.81 -23.20
CA LEU F 404 -5.54 -46.79 -21.78
C LEU F 404 -6.87 -47.48 -21.46
N PHE F 405 -7.82 -47.35 -22.36
CA PHE F 405 -9.15 -47.87 -22.14
C PHE F 405 -9.59 -48.88 -23.21
N ASN F 406 -9.34 -50.19 -22.96
CA ASN F 406 -9.64 -51.28 -23.87
C ASN F 406 -9.85 -52.58 -23.09
N GLN F 423 6.91 -51.01 -20.14
CA GLN F 423 6.47 -49.74 -19.58
C GLN F 423 6.29 -48.68 -20.68
N ASN F 424 5.88 -47.44 -20.27
CA ASN F 424 5.68 -46.24 -21.09
C ASN F 424 4.67 -46.44 -22.22
N ILE F 425 3.36 -46.37 -21.88
CA ILE F 425 2.23 -46.47 -22.81
C ILE F 425 2.23 -45.15 -23.51
N THR F 426 2.21 -45.11 -24.82
CA THR F 426 2.25 -43.80 -25.43
C THR F 426 0.97 -43.48 -26.14
N LEU F 427 0.51 -42.27 -25.94
CA LEU F 427 -0.68 -41.83 -26.59
C LEU F 427 -0.28 -40.97 -27.75
N GLN F 428 -0.94 -41.11 -28.89
CA GLN F 428 -0.68 -40.21 -29.99
C GLN F 428 -1.51 -38.97 -29.80
N CYS F 429 -0.87 -37.78 -29.81
CA CYS F 429 -1.50 -36.50 -29.60
C CYS F 429 -1.26 -35.58 -30.79
N ARG F 430 -2.19 -34.67 -30.97
CA ARG F 430 -2.06 -33.65 -31.98
C ARG F 430 -2.45 -32.30 -31.43
N ILE F 431 -1.79 -31.28 -31.90
CA ILE F 431 -2.13 -29.92 -31.51
C ILE F 431 -2.97 -29.32 -32.59
N LYS F 432 -4.14 -28.85 -32.22
CA LYS F 432 -5.10 -28.34 -33.20
C LYS F 432 -5.37 -26.86 -33.07
N GLN F 433 -5.79 -26.25 -34.18
CA GLN F 433 -6.14 -24.85 -34.23
C GLN F 433 -7.62 -24.58 -34.23
N ILE F 434 -8.43 -25.53 -34.70
CA ILE F 434 -9.87 -25.27 -34.71
C ILE F 434 -10.45 -26.01 -33.54
N ILE F 435 -10.97 -25.25 -32.59
CA ILE F 435 -11.44 -25.73 -31.31
C ILE F 435 -12.93 -25.52 -31.14
N ASN F 436 -13.66 -26.55 -30.68
CA ASN F 436 -15.07 -26.33 -30.38
C ASN F 436 -15.06 -25.76 -28.98
N MET F 437 -15.70 -24.64 -28.80
CA MET F 437 -15.64 -23.96 -27.51
C MET F 437 -16.40 -24.70 -26.43
N TRP F 438 -15.89 -24.65 -25.19
CA TRP F 438 -16.59 -25.26 -24.06
C TRP F 438 -17.42 -24.20 -23.39
N GLN F 439 -17.17 -22.97 -23.78
CA GLN F 439 -17.77 -21.77 -23.26
C GLN F 439 -19.22 -21.61 -23.67
N GLY F 440 -19.60 -22.27 -24.73
CA GLY F 440 -20.93 -22.18 -25.28
C GLY F 440 -20.86 -22.78 -26.65
N VAL F 441 -21.96 -22.79 -27.38
CA VAL F 441 -21.89 -23.35 -28.69
C VAL F 441 -21.25 -22.39 -29.64
N GLY F 442 -20.26 -22.87 -30.36
CA GLY F 442 -19.55 -22.08 -31.35
C GLY F 442 -18.17 -22.66 -31.60
N LYS F 443 -17.51 -22.12 -32.62
CA LYS F 443 -16.17 -22.57 -33.01
C LYS F 443 -15.17 -21.46 -32.92
N ALA F 444 -13.92 -21.81 -32.74
CA ALA F 444 -12.92 -20.79 -32.75
C ALA F 444 -11.60 -21.26 -33.32
N MET F 445 -10.92 -20.33 -33.99
CA MET F 445 -9.59 -20.58 -34.53
C MET F 445 -8.56 -19.93 -33.67
N TYR F 446 -7.54 -20.67 -33.35
CA TYR F 446 -6.41 -20.19 -32.61
C TYR F 446 -5.18 -20.13 -33.48
N ALA F 447 -4.21 -19.35 -33.07
CA ALA F 447 -2.98 -19.21 -33.82
C ALA F 447 -2.25 -20.58 -33.93
N PRO F 448 -1.48 -20.83 -35.02
CA PRO F 448 -0.65 -22.01 -35.27
C PRO F 448 0.38 -22.24 -34.15
N PRO F 449 0.95 -23.45 -34.03
CA PRO F 449 1.88 -23.89 -32.99
C PRO F 449 3.16 -23.08 -32.90
N ILE F 450 3.66 -23.02 -31.68
CA ILE F 450 4.91 -22.36 -31.30
C ILE F 450 6.11 -23.19 -31.65
N ARG F 451 7.12 -22.57 -32.27
CA ARG F 451 8.32 -23.32 -32.54
C ARG F 451 9.13 -23.41 -31.26
N GLY F 452 9.54 -24.62 -30.90
CA GLY F 452 10.30 -24.87 -29.71
C GLY F 452 9.80 -26.15 -29.08
N GLN F 453 10.22 -26.42 -27.85
CA GLN F 453 9.81 -27.64 -27.19
C GLN F 453 8.81 -27.36 -26.12
N ILE F 454 7.64 -27.95 -26.28
CA ILE F 454 6.56 -27.73 -25.34
C ILE F 454 6.12 -29.02 -24.70
N ARG F 455 6.09 -28.98 -23.39
CA ARG F 455 5.68 -30.15 -22.66
C ARG F 455 5.03 -29.79 -21.36
N CYS F 456 4.28 -30.73 -20.85
CA CYS F 456 3.68 -30.58 -19.54
C CYS F 456 3.65 -31.93 -18.86
N SER F 457 3.86 -31.92 -17.56
CA SER F 457 3.77 -33.13 -16.79
C SER F 457 2.62 -32.93 -15.85
N SER F 458 1.62 -33.76 -15.97
CA SER F 458 0.40 -33.58 -15.20
C SER F 458 0.12 -34.79 -14.31
N ASN F 459 -0.72 -34.58 -13.29
CA ASN F 459 -1.20 -35.61 -12.36
C ASN F 459 -2.64 -36.01 -12.70
N ILE F 460 -2.88 -37.29 -13.02
CA ILE F 460 -4.22 -37.81 -13.28
C ILE F 460 -4.80 -38.06 -11.93
N THR F 461 -5.86 -37.33 -11.60
CA THR F 461 -6.45 -37.40 -10.28
C THR F 461 -7.87 -37.92 -10.31
N GLY F 462 -8.39 -38.13 -11.50
CA GLY F 462 -9.76 -38.61 -11.64
C GLY F 462 -10.16 -38.81 -13.07
N LEU F 463 -11.23 -39.57 -13.25
CA LEU F 463 -11.77 -39.91 -14.57
C LEU F 463 -13.25 -39.58 -14.71
N LEU F 464 -13.67 -39.33 -15.93
CA LEU F 464 -15.09 -39.18 -16.21
C LEU F 464 -15.53 -40.38 -16.98
N LEU F 465 -16.35 -41.24 -16.39
CA LEU F 465 -16.78 -42.44 -17.09
C LEU F 465 -18.27 -42.51 -17.30
N THR F 466 -18.72 -43.16 -18.36
CA THR F 466 -20.15 -43.35 -18.52
C THR F 466 -20.51 -44.81 -18.82
N ARG F 467 -21.77 -45.15 -18.57
CA ARG F 467 -22.27 -46.49 -18.85
C ARG F 467 -23.60 -46.40 -19.57
N ASP F 468 -23.83 -47.31 -20.52
CA ASP F 468 -25.08 -47.36 -21.27
C ASP F 468 -26.07 -48.40 -20.68
N GLY F 469 -27.27 -48.53 -21.28
CA GLY F 469 -28.32 -49.48 -20.91
C GLY F 469 -27.95 -50.90 -21.33
N THR F 478 -17.39 -52.34 -19.03
CA THR F 478 -17.10 -51.50 -20.18
C THR F 478 -17.70 -50.08 -20.00
N PHE F 479 -17.11 -49.33 -19.03
CA PHE F 479 -17.40 -47.93 -18.71
C PHE F 479 -16.47 -47.10 -19.58
N ARG F 480 -17.03 -46.24 -20.42
CA ARG F 480 -16.24 -45.48 -21.38
C ARG F 480 -15.83 -44.13 -20.85
N PRO F 481 -14.69 -43.59 -21.26
CA PRO F 481 -14.31 -42.21 -20.99
C PRO F 481 -15.35 -41.27 -21.59
N GLY F 482 -15.69 -40.23 -20.85
CA GLY F 482 -16.64 -39.20 -21.27
C GLY F 482 -16.05 -37.82 -21.09
N GLY F 483 -16.85 -36.78 -21.16
CA GLY F 483 -16.26 -35.47 -21.04
C GLY F 483 -17.19 -34.36 -21.42
N GLY F 484 -16.63 -33.17 -21.55
CA GLY F 484 -17.42 -32.00 -21.88
C GLY F 484 -18.09 -31.57 -20.62
N ASN F 485 -19.09 -30.71 -20.72
CA ASN F 485 -19.79 -30.24 -19.53
C ASN F 485 -18.82 -29.84 -18.43
N MET F 486 -18.05 -28.78 -18.63
CA MET F 486 -16.98 -28.41 -17.69
C MET F 486 -17.46 -28.23 -16.28
N ARG F 487 -18.73 -27.92 -16.09
CA ARG F 487 -19.27 -27.77 -14.76
C ARG F 487 -18.97 -29.01 -13.92
N ASP F 488 -18.97 -30.20 -14.52
CA ASP F 488 -18.73 -31.44 -13.81
C ASP F 488 -17.30 -31.56 -13.31
N ASN F 489 -16.35 -30.94 -14.00
CA ASN F 489 -15.00 -31.07 -13.52
C ASN F 489 -14.89 -30.28 -12.25
N TRP F 490 -15.60 -29.17 -12.21
CA TRP F 490 -15.53 -28.35 -11.02
C TRP F 490 -16.33 -28.99 -9.88
N ARG F 491 -17.37 -29.75 -10.21
CA ARG F 491 -18.13 -30.43 -9.17
C ARG F 491 -17.23 -31.40 -8.44
N SER F 492 -16.28 -32.01 -9.15
CA SER F 492 -15.43 -33.02 -8.54
C SER F 492 -14.55 -32.43 -7.44
N GLU F 493 -14.41 -31.10 -7.39
CA GLU F 493 -13.64 -30.46 -6.35
C GLU F 493 -14.55 -29.74 -5.35
N LEU F 494 -15.67 -29.21 -5.82
CA LEU F 494 -16.61 -28.44 -5.00
C LEU F 494 -17.65 -29.29 -4.28
N TYR F 495 -17.63 -30.59 -4.50
CA TYR F 495 -18.58 -31.54 -3.94
C TYR F 495 -18.67 -31.55 -2.43
N LYS F 496 -17.62 -31.12 -1.77
CA LYS F 496 -17.63 -31.15 -0.34
C LYS F 496 -18.03 -29.81 0.29
N TYR F 497 -18.36 -28.79 -0.50
CA TYR F 497 -18.67 -27.50 0.12
C TYR F 497 -20.05 -26.92 -0.16
N LYS F 498 -20.63 -26.26 0.85
CA LYS F 498 -21.88 -25.50 0.64
C LYS F 498 -21.89 -24.19 1.44
N VAL F 499 -22.56 -23.17 0.90
CA VAL F 499 -22.67 -21.89 1.60
C VAL F 499 -23.93 -21.82 2.43
N VAL F 500 -23.76 -21.44 3.69
CA VAL F 500 -24.91 -21.30 4.55
C VAL F 500 -24.94 -19.96 5.27
N LYS F 501 -26.11 -19.64 5.79
CA LYS F 501 -26.33 -18.46 6.60
C LYS F 501 -26.89 -18.92 7.93
N ILE F 502 -26.73 -18.12 8.96
CA ILE F 502 -27.25 -18.48 10.26
C ILE F 502 -28.50 -17.71 10.57
N GLU F 503 -29.51 -18.42 11.03
CA GLU F 503 -30.77 -17.84 11.42
C GLU F 503 -30.91 -17.99 12.93
N PRO F 504 -30.40 -17.03 13.73
CA PRO F 504 -30.27 -17.10 15.16
C PRO F 504 -31.57 -17.05 15.93
N LEU F 505 -32.68 -16.73 15.27
CA LEU F 505 -33.92 -16.60 16.00
C LEU F 505 -34.78 -17.85 15.87
N GLY F 506 -35.07 -18.50 17.00
CA GLY F 506 -35.89 -19.71 16.98
C GLY F 506 -36.81 -19.76 18.20
N ILE F 507 -37.64 -20.78 18.26
CA ILE F 507 -38.63 -20.93 19.34
C ILE F 507 -38.75 -22.35 19.87
N ALA F 508 -39.18 -22.51 21.12
CA ALA F 508 -39.42 -23.85 21.68
C ALA F 508 -40.38 -23.73 22.85
N PRO F 509 -41.17 -24.76 23.20
CA PRO F 509 -41.99 -24.79 24.39
C PRO F 509 -41.16 -24.93 25.65
N THR F 510 -41.55 -24.22 26.71
CA THR F 510 -40.93 -24.30 28.02
C THR F 510 -41.90 -24.23 29.20
N ALA F 511 -41.41 -24.63 30.38
CA ALA F 511 -42.20 -24.52 31.59
C ALA F 511 -42.08 -23.15 32.31
N CYS F 512 -42.56 -22.08 31.67
CA CYS F 512 -42.58 -20.72 32.22
C CYS F 512 -43.73 -19.89 31.65
N LYS F 513 -44.00 -18.75 32.27
CA LYS F 513 -45.00 -17.79 31.79
C LYS F 513 -44.57 -16.35 32.20
N ARG F 514 -45.15 -15.32 31.59
CA ARG F 514 -44.83 -13.96 32.03
C ARG F 514 -45.60 -13.64 33.32
N ARG F 515 -45.09 -12.66 34.13
CA ARG F 515 -45.68 -12.12 35.37
C ARG F 515 -45.34 -13.06 36.53
N ALA G 1 -16.77 -20.03 10.96
CA ALA G 1 -15.37 -19.71 10.78
C ALA G 1 -15.20 -18.23 11.16
N VAL G 2 -15.25 -17.35 10.16
CA VAL G 2 -15.20 -15.91 10.26
C VAL G 2 -16.32 -15.50 9.36
N GLY G 3 -16.77 -14.28 9.47
CA GLY G 3 -17.84 -13.83 8.60
C GLY G 3 -19.16 -13.88 9.34
N LEU G 4 -19.19 -14.58 10.47
CA LEU G 4 -20.40 -14.69 11.25
C LEU G 4 -20.40 -13.75 12.46
N GLY G 5 -19.22 -13.43 12.98
CA GLY G 5 -19.10 -12.57 14.16
C GLY G 5 -18.99 -13.34 15.46
N ALA G 6 -18.48 -12.70 16.52
CA ALA G 6 -18.34 -13.38 17.80
C ALA G 6 -19.66 -13.86 18.39
N PHE G 7 -20.77 -13.12 18.18
CA PHE G 7 -22.02 -13.58 18.77
C PHE G 7 -22.35 -14.95 18.24
N ILE G 8 -22.34 -15.13 16.95
CA ILE G 8 -22.63 -16.44 16.43
C ILE G 8 -21.56 -17.47 16.72
N LEU G 9 -20.31 -17.12 16.54
CA LEU G 9 -19.25 -18.11 16.67
C LEU G 9 -19.18 -18.73 18.06
N GLY G 10 -19.51 -17.97 19.10
CA GLY G 10 -19.48 -18.51 20.46
C GLY G 10 -20.64 -19.46 20.75
N PHE G 11 -21.64 -19.50 19.87
CA PHE G 11 -22.82 -20.31 20.03
C PHE G 11 -22.81 -21.48 19.04
N LEU G 12 -22.16 -21.28 17.90
CA LEU G 12 -22.11 -22.21 16.78
C LEU G 12 -21.53 -23.56 17.12
N GLY G 13 -20.60 -23.62 18.06
CA GLY G 13 -19.99 -24.89 18.41
C GLY G 13 -21.01 -25.84 19.05
N ALA G 14 -22.16 -25.32 19.48
CA ALA G 14 -23.22 -26.09 20.10
C ALA G 14 -24.16 -26.68 19.03
N ALA G 15 -23.88 -26.44 17.76
CA ALA G 15 -24.73 -26.93 16.69
C ALA G 15 -24.89 -28.45 16.73
N GLY G 16 -23.88 -29.18 17.21
CA GLY G 16 -23.96 -30.64 17.30
C GLY G 16 -24.47 -31.16 18.66
N SER G 17 -24.88 -30.27 19.55
CA SER G 17 -25.33 -30.63 20.90
C SER G 17 -26.84 -30.50 21.05
N THR G 18 -27.39 -31.07 22.12
CA THR G 18 -28.82 -30.96 22.33
C THR G 18 -29.19 -29.57 22.79
N MET G 19 -30.47 -29.24 22.71
CA MET G 19 -30.95 -27.92 23.09
C MET G 19 -30.67 -27.65 24.55
N GLY G 20 -30.91 -28.65 25.39
CA GLY G 20 -30.67 -28.53 26.82
C GLY G 20 -29.20 -28.27 27.08
N ALA G 21 -28.35 -29.06 26.43
CA ALA G 21 -26.92 -28.90 26.62
C ALA G 21 -26.45 -27.53 26.19
N ALA G 22 -27.01 -27.00 25.11
CA ALA G 22 -26.60 -25.69 24.64
C ALA G 22 -26.90 -24.62 25.68
N SER G 23 -28.06 -24.71 26.33
CA SER G 23 -28.38 -23.69 27.32
C SER G 23 -27.46 -23.78 28.51
N MET G 24 -27.13 -25.01 28.92
CA MET G 24 -26.25 -25.17 30.06
C MET G 24 -24.86 -24.69 29.73
N ALA G 25 -24.39 -24.96 28.52
CA ALA G 25 -23.06 -24.56 28.13
C ALA G 25 -22.91 -23.06 28.15
N LEU G 26 -23.93 -22.34 27.68
CA LEU G 26 -23.85 -20.90 27.68
C LEU G 26 -23.82 -20.36 29.09
N THR G 27 -24.59 -20.98 29.97
CA THR G 27 -24.63 -20.53 31.34
C THR G 27 -23.26 -20.71 31.97
N VAL G 28 -22.62 -21.85 31.75
CA VAL G 28 -21.32 -22.09 32.34
C VAL G 28 -20.27 -21.15 31.84
N GLN G 29 -20.23 -20.90 30.55
CA GLN G 29 -19.18 -20.02 30.10
C GLN G 29 -19.38 -18.63 30.66
N ALA G 30 -20.63 -18.18 30.77
CA ALA G 30 -20.87 -16.88 31.34
C ALA G 30 -20.43 -16.82 32.77
N ARG G 31 -20.63 -17.89 33.53
CA ARG G 31 -20.19 -17.88 34.92
C ARG G 31 -18.69 -17.73 35.03
N LEU G 32 -17.95 -18.47 34.20
CA LEU G 32 -16.50 -18.45 34.27
C LEU G 32 -15.96 -17.10 33.85
N LEU G 33 -16.58 -16.48 32.86
CA LEU G 33 -16.14 -15.18 32.45
C LEU G 33 -16.45 -14.09 33.49
N LEU G 34 -17.63 -14.13 34.11
CA LEU G 34 -18.01 -13.10 35.08
C LEU G 34 -17.10 -13.16 36.29
N SER G 35 -16.71 -14.37 36.66
CA SER G 35 -15.89 -14.61 37.82
C SER G 35 -14.41 -14.34 37.62
N GLY G 36 -13.97 -14.10 36.38
CA GLY G 36 -12.56 -13.89 36.12
C GLY G 36 -11.76 -15.18 36.14
N ILE G 37 -12.40 -16.31 35.84
CA ILE G 37 -11.73 -17.59 35.88
C ILE G 37 -11.09 -17.88 34.54
N VAL G 38 -11.79 -17.54 33.47
CA VAL G 38 -11.24 -17.80 32.15
C VAL G 38 -11.21 -16.50 31.37
N GLN G 39 -10.40 -16.46 30.33
CA GLN G 39 -10.33 -15.27 29.51
C GLN G 39 -10.58 -15.61 28.07
N GLN G 40 -11.13 -14.66 27.34
CA GLN G 40 -11.37 -14.81 25.92
C GLN G 40 -10.17 -14.36 25.12
N GLN G 41 -9.68 -15.21 24.23
CA GLN G 41 -8.54 -14.88 23.41
C GLN G 41 -8.99 -14.26 22.10
N ASN G 42 -8.13 -13.44 21.49
CA ASN G 42 -8.45 -12.84 20.21
C ASN G 42 -7.95 -13.68 19.05
N ASN G 43 -8.64 -13.56 17.92
CA ASN G 43 -8.29 -14.22 16.67
C ASN G 43 -8.23 -13.20 15.52
N LEU G 44 -7.64 -12.04 15.79
CA LEU G 44 -7.60 -10.96 14.83
C LEU G 44 -6.23 -10.87 14.18
N LEU G 45 -6.22 -10.37 12.94
CA LEU G 45 -4.98 -10.24 12.18
C LEU G 45 -4.05 -9.15 12.70
N ARG G 46 -2.74 -9.40 12.61
CA ARG G 46 -1.68 -8.52 13.13
C ARG G 46 -1.40 -7.18 12.44
N ALA G 47 -1.92 -6.98 11.21
CA ALA G 47 -1.72 -5.80 10.35
C ALA G 47 -0.37 -5.94 9.61
N PRO G 48 -0.18 -5.32 8.43
CA PRO G 48 0.95 -5.51 7.50
C PRO G 48 2.42 -5.57 7.91
N GLU G 49 2.88 -4.76 8.85
CA GLU G 49 4.31 -4.74 9.25
C GLU G 49 5.29 -4.23 8.15
N ALA G 50 5.39 -4.97 7.05
CA ALA G 50 6.24 -4.62 5.90
C ALA G 50 5.44 -3.95 4.80
N GLN G 51 5.85 -2.76 4.37
CA GLN G 51 5.07 -2.03 3.35
C GLN G 51 4.93 -2.77 2.05
N GLN G 52 5.96 -3.46 1.63
CA GLN G 52 5.94 -4.15 0.35
C GLN G 52 4.99 -5.35 0.33
N HIS G 53 4.58 -5.84 1.50
CA HIS G 53 3.71 -6.99 1.59
C HIS G 53 2.35 -6.60 2.14
N MET G 54 2.08 -5.30 2.24
CA MET G 54 0.88 -4.89 2.94
C MET G 54 -0.45 -5.30 2.34
N LEU G 55 -0.53 -5.54 1.05
CA LEU G 55 -1.83 -5.92 0.51
C LEU G 55 -2.35 -7.16 1.24
N GLN G 56 -1.47 -8.07 1.65
CA GLN G 56 -1.92 -9.30 2.27
C GLN G 56 -2.68 -9.07 3.57
N LEU G 57 -2.29 -8.07 4.35
CA LEU G 57 -3.00 -7.85 5.59
C LEU G 57 -3.91 -6.66 5.59
N THR G 58 -3.91 -5.82 4.56
CA THR G 58 -4.90 -4.76 4.62
C THR G 58 -6.17 -5.29 3.98
N VAL G 59 -6.06 -6.23 3.04
CA VAL G 59 -7.30 -6.72 2.47
C VAL G 59 -8.03 -7.55 3.47
N TRP G 60 -7.32 -8.44 4.10
CA TRP G 60 -7.95 -9.29 5.06
C TRP G 60 -8.19 -8.59 6.38
N GLY G 61 -7.39 -7.57 6.71
CA GLY G 61 -7.59 -6.82 7.94
C GLY G 61 -8.93 -6.14 7.84
N ILE G 62 -9.18 -5.47 6.71
CA ILE G 62 -10.41 -4.77 6.52
C ILE G 62 -11.57 -5.76 6.42
N LYS G 63 -11.43 -6.86 5.67
CA LYS G 63 -12.56 -7.78 5.58
C LYS G 63 -12.92 -8.38 6.93
N GLN G 64 -11.93 -8.70 7.76
CA GLN G 64 -12.24 -9.25 9.07
C GLN G 64 -13.02 -8.25 9.90
N LEU G 65 -12.62 -6.98 9.86
CA LEU G 65 -13.38 -6.00 10.61
C LEU G 65 -14.76 -5.81 10.03
N GLN G 66 -14.91 -5.85 8.71
CA GLN G 66 -16.24 -5.65 8.16
C GLN G 66 -17.17 -6.71 8.66
N ALA G 67 -16.69 -7.94 8.75
CA ALA G 67 -17.53 -9.00 9.24
C ALA G 67 -17.97 -8.77 10.67
N ARG G 68 -17.07 -8.27 11.51
CA ARG G 68 -17.41 -8.05 12.89
C ARG G 68 -18.34 -6.88 13.07
N VAL G 69 -18.13 -5.83 12.31
CA VAL G 69 -18.96 -4.66 12.43
C VAL G 69 -20.38 -5.00 12.00
N LEU G 70 -20.53 -5.72 10.90
CA LEU G 70 -21.86 -6.12 10.48
C LEU G 70 -22.49 -7.04 11.48
N ALA G 71 -21.73 -7.94 12.09
CA ALA G 71 -22.30 -8.80 13.10
C ALA G 71 -22.84 -7.99 14.26
N VAL G 72 -22.14 -6.92 14.65
CA VAL G 72 -22.62 -6.09 15.71
C VAL G 72 -23.90 -5.43 15.32
N GLU G 73 -23.96 -4.89 14.10
CA GLU G 73 -25.19 -4.23 13.71
C GLU G 73 -26.36 -5.20 13.67
N ARG G 74 -26.15 -6.42 13.20
CA ARG G 74 -27.25 -7.38 13.15
C ARG G 74 -27.70 -7.73 14.55
N TYR G 75 -26.76 -7.91 15.46
CA TYR G 75 -27.10 -8.24 16.83
C TYR G 75 -27.94 -7.15 17.45
N LEU G 76 -27.49 -5.91 17.34
CA LEU G 76 -28.18 -4.82 17.96
C LEU G 76 -29.49 -4.55 17.31
N ARG G 77 -29.59 -4.77 16.01
CA ARG G 77 -30.83 -4.59 15.31
C ARG G 77 -31.87 -5.55 15.85
N ASP G 78 -31.54 -6.84 15.90
CA ASP G 78 -32.51 -7.85 16.31
C ASP G 78 -32.94 -7.62 17.74
N GLN G 79 -32.03 -7.15 18.56
CA GLN G 79 -32.37 -6.91 19.94
C GLN G 79 -33.46 -5.87 20.09
N GLN G 80 -33.63 -4.96 19.12
CA GLN G 80 -34.72 -4.02 19.22
C GLN G 80 -35.91 -4.41 18.34
N LEU G 81 -35.69 -5.20 17.28
CA LEU G 81 -36.80 -5.55 16.38
C LEU G 81 -37.77 -6.38 17.18
N LEU G 82 -37.21 -7.14 18.12
CA LEU G 82 -37.92 -8.03 19.02
C LEU G 82 -38.85 -7.31 19.97
N GLY G 83 -38.82 -5.98 19.99
CA GLY G 83 -39.73 -5.20 20.80
C GLY G 83 -41.17 -5.53 20.42
N ILE G 84 -41.40 -5.92 19.17
CA ILE G 84 -42.74 -6.27 18.70
C ILE G 84 -43.35 -7.40 19.48
N TRP G 85 -42.55 -8.38 19.88
CA TRP G 85 -43.06 -9.51 20.60
C TRP G 85 -42.90 -9.30 22.09
N GLY G 86 -42.40 -8.12 22.46
CA GLY G 86 -42.08 -7.77 23.85
C GLY G 86 -40.79 -8.44 24.36
N CYS G 87 -39.86 -8.78 23.44
CA CYS G 87 -38.62 -9.49 23.71
C CYS G 87 -37.40 -8.63 23.43
N SER G 88 -37.54 -7.32 23.43
CA SER G 88 -36.36 -6.54 23.16
C SER G 88 -35.37 -6.61 24.30
N GLY G 89 -34.09 -6.54 23.94
CA GLY G 89 -33.02 -6.52 24.90
C GLY G 89 -32.80 -7.87 25.58
N LYS G 90 -33.22 -8.97 24.95
CA LYS G 90 -33.11 -10.26 25.57
C LYS G 90 -32.61 -11.38 24.69
N ILE G 91 -32.00 -12.35 25.34
CA ILE G 91 -31.60 -13.61 24.74
C ILE G 91 -32.72 -14.63 24.93
N ILE G 92 -33.24 -14.75 26.15
CA ILE G 92 -34.32 -15.71 26.39
C ILE G 92 -35.59 -14.96 26.83
N CYS G 93 -36.66 -15.01 26.02
CA CYS G 93 -37.92 -14.28 26.24
C CYS G 93 -39.13 -15.21 26.36
N CYS G 94 -39.65 -15.28 27.55
CA CYS G 94 -40.76 -16.17 27.82
C CYS G 94 -42.05 -15.39 27.56
N THR G 95 -42.97 -15.96 26.79
CA THR G 95 -44.22 -15.24 26.54
C THR G 95 -45.47 -16.01 26.91
N ASN G 96 -46.63 -15.39 26.67
CA ASN G 96 -47.94 -15.92 27.04
C ASN G 96 -48.75 -16.58 25.93
N VAL G 97 -48.11 -16.93 24.84
CA VAL G 97 -48.77 -17.68 23.80
C VAL G 97 -48.54 -19.12 24.22
N PRO G 98 -49.57 -19.94 24.42
CA PRO G 98 -49.46 -21.34 24.83
C PRO G 98 -48.95 -22.13 23.66
N TRP G 99 -48.26 -23.21 23.95
CA TRP G 99 -47.82 -24.10 22.91
C TRP G 99 -48.99 -24.96 22.45
N ASN G 100 -49.14 -25.12 21.13
CA ASN G 100 -50.12 -25.97 20.48
C ASN G 100 -49.53 -27.35 20.25
N ASP G 101 -50.22 -28.41 20.73
CA ASP G 101 -49.82 -29.82 20.54
C ASP G 101 -49.89 -30.18 19.06
N SER G 102 -50.65 -29.39 18.30
CA SER G 102 -50.74 -29.59 16.87
C SER G 102 -49.46 -29.14 16.19
N TRP G 103 -48.73 -28.17 16.77
CA TRP G 103 -47.50 -27.72 16.17
C TRP G 103 -46.49 -28.85 16.38
N SER G 104 -46.50 -29.39 17.59
CA SER G 104 -45.65 -30.53 17.94
C SER G 104 -46.10 -31.20 19.22
N ASN G 105 -46.58 -32.44 19.12
CA ASN G 105 -47.12 -33.13 20.29
C ASN G 105 -46.06 -33.91 21.03
N LYS G 106 -45.15 -33.18 21.64
CA LYS G 106 -44.02 -33.72 22.40
C LYS G 106 -43.90 -33.06 23.75
N THR G 107 -43.24 -33.71 24.70
CA THR G 107 -43.08 -33.08 26.00
C THR G 107 -41.86 -32.20 25.96
N ILE G 108 -41.71 -31.32 26.94
CA ILE G 108 -40.54 -30.48 26.92
C ILE G 108 -39.29 -31.28 27.25
N ASN G 109 -39.40 -32.36 28.00
CA ASN G 109 -38.18 -33.10 28.26
C ASN G 109 -37.74 -33.79 26.98
N GLU G 110 -38.68 -34.30 26.19
CA GLU G 110 -38.26 -34.95 24.97
C GLU G 110 -37.58 -33.97 24.02
N ILE G 111 -38.12 -32.77 23.93
CA ILE G 111 -37.58 -31.77 23.04
C ILE G 111 -36.23 -31.25 23.49
N TRP G 112 -36.11 -30.90 24.75
CA TRP G 112 -34.87 -30.33 25.20
C TRP G 112 -33.73 -31.33 25.40
N ASP G 113 -34.04 -32.58 25.76
CA ASP G 113 -32.97 -33.54 25.98
C ASP G 113 -32.60 -34.45 24.81
N ASN G 114 -33.54 -34.81 23.92
CA ASN G 114 -33.18 -35.73 22.85
C ASN G 114 -33.07 -35.09 21.47
N MET G 115 -33.03 -33.77 21.41
CA MET G 115 -32.95 -33.07 20.14
C MET G 115 -32.01 -31.92 20.16
N THR G 116 -31.47 -31.61 18.98
CA THR G 116 -30.61 -30.47 18.79
C THR G 116 -31.42 -29.34 18.17
N TRP G 117 -30.89 -28.12 18.16
CA TRP G 117 -31.64 -27.01 17.59
C TRP G 117 -31.84 -27.17 16.10
N MET G 118 -30.91 -27.87 15.45
CA MET G 118 -30.98 -28.12 14.03
C MET G 118 -32.17 -28.97 13.68
N GLN G 119 -32.60 -29.82 14.60
CA GLN G 119 -33.70 -30.71 14.31
C GLN G 119 -34.99 -30.05 14.70
N TRP G 120 -34.96 -29.36 15.82
CA TRP G 120 -36.16 -28.76 16.33
C TRP G 120 -36.73 -27.75 15.37
N GLU G 121 -35.87 -26.94 14.76
CA GLU G 121 -36.33 -25.90 13.86
C GLU G 121 -36.72 -26.44 12.51
N LYS G 122 -36.64 -27.75 12.31
CA LYS G 122 -37.10 -28.33 11.06
C LYS G 122 -38.47 -28.94 11.34
N GLU G 123 -38.62 -29.59 12.49
CA GLU G 123 -39.88 -30.27 12.81
C GLU G 123 -41.04 -29.31 12.89
N ILE G 124 -40.80 -28.09 13.34
CA ILE G 124 -41.88 -27.12 13.44
C ILE G 124 -41.74 -25.99 12.44
N ASP G 125 -40.98 -26.19 11.36
CA ASP G 125 -40.78 -25.08 10.43
C ASP G 125 -42.06 -24.56 9.80
N ASN G 126 -43.03 -25.41 9.56
CA ASN G 126 -44.22 -24.94 8.89
C ASN G 126 -45.21 -24.23 9.79
N TYR G 127 -44.85 -24.04 11.05
CA TYR G 127 -45.71 -23.33 11.97
C TYR G 127 -45.04 -22.03 12.38
N THR G 128 -43.86 -21.77 11.86
CA THR G 128 -43.11 -20.62 12.30
C THR G 128 -43.87 -19.34 12.07
N GLN G 129 -44.51 -19.19 10.93
CA GLN G 129 -45.18 -17.95 10.66
C GLN G 129 -46.44 -17.82 11.52
N HIS G 130 -47.06 -18.94 11.85
CA HIS G 130 -48.27 -18.91 12.67
C HIS G 130 -47.90 -18.41 14.04
N ILE G 131 -46.83 -18.97 14.57
CA ILE G 131 -46.43 -18.63 15.91
C ILE G 131 -45.99 -17.20 15.97
N TYR G 132 -45.22 -16.74 14.99
CA TYR G 132 -44.76 -15.38 15.02
C TYR G 132 -45.92 -14.41 14.98
N THR G 133 -46.96 -14.72 14.21
CA THR G 133 -48.13 -13.86 14.18
C THR G 133 -48.76 -13.79 15.56
N LEU G 134 -48.89 -14.93 16.21
CA LEU G 134 -49.50 -14.96 17.52
C LEU G 134 -48.68 -14.19 18.54
N LEU G 135 -47.35 -14.23 18.43
CA LEU G 135 -46.53 -13.52 19.39
C LEU G 135 -46.78 -12.04 19.30
N GLU G 136 -46.93 -11.52 18.08
CA GLU G 136 -47.23 -10.11 17.93
C GLU G 136 -48.57 -9.76 18.53
N VAL G 137 -49.56 -10.62 18.31
CA VAL G 137 -50.90 -10.34 18.80
C VAL G 137 -50.92 -10.31 20.31
N SER G 138 -50.23 -11.25 20.93
CA SER G 138 -50.20 -11.30 22.37
C SER G 138 -49.59 -10.04 22.91
N GLN G 139 -48.50 -9.56 22.31
CA GLN G 139 -47.89 -8.35 22.82
C GLN G 139 -48.81 -7.16 22.68
N ILE G 140 -49.57 -7.11 21.60
CA ILE G 140 -50.48 -6.00 21.44
C ILE G 140 -51.52 -6.03 22.54
N GLN G 141 -52.07 -7.21 22.82
CA GLN G 141 -53.08 -7.28 23.86
C GLN G 141 -52.52 -6.94 25.22
N GLN G 142 -51.27 -7.31 25.52
CA GLN G 142 -50.75 -6.95 26.82
C GLN G 142 -50.62 -5.44 26.94
N GLU G 143 -50.15 -4.77 25.89
CA GLU G 143 -49.99 -3.33 25.96
C GLU G 143 -51.33 -2.66 26.11
N LYS G 144 -52.34 -3.18 25.41
CA LYS G 144 -53.66 -2.65 25.49
C LYS G 144 -54.15 -2.71 26.90
N ASN G 145 -53.98 -3.85 27.55
CA ASN G 145 -54.50 -3.99 28.88
C ASN G 145 -53.77 -3.14 29.90
N GLU G 146 -52.45 -3.02 29.82
CA GLU G 146 -51.72 -2.23 30.82
C GLU G 146 -52.11 -0.77 30.76
N GLN G 147 -52.37 -0.29 29.57
CA GLN G 147 -52.68 1.11 29.42
C GLN G 147 -54.12 1.46 29.74
N GLU G 148 -54.91 0.46 30.09
CA GLU G 148 -56.29 0.71 30.51
C GLU G 148 -56.42 0.93 32.05
N LEU G 149 -55.29 0.82 32.82
CA LEU G 149 -55.23 1.00 34.27
C LEU G 149 -54.53 2.32 34.52
N GLU H 1 -0.65 2.88 -43.85
CA GLU H 1 -0.97 1.56 -44.37
C GLU H 1 0.30 0.77 -44.79
N LEU H 2 0.08 -0.48 -45.27
CA LEU H 2 1.11 -1.41 -45.72
C LEU H 2 1.38 -1.31 -47.20
N GLU H 3 2.63 -1.02 -47.53
CA GLU H 3 3.10 -0.91 -48.89
C GLU H 3 4.50 -1.48 -48.98
N LEU H 4 4.75 -2.17 -50.08
CA LEU H 4 6.05 -2.72 -50.37
C LEU H 4 6.63 -2.13 -51.64
N THR H 5 7.89 -1.73 -51.56
CA THR H 5 8.54 -1.17 -52.72
C THR H 5 9.85 -1.88 -52.97
N GLN H 6 10.31 -1.79 -54.20
CA GLN H 6 11.58 -2.38 -54.53
C GLN H 6 12.59 -1.28 -54.65
N SER H 7 13.84 -1.60 -54.39
CA SER H 7 14.88 -0.62 -54.59
C SER H 7 15.04 -0.26 -56.07
N PRO H 8 15.37 -1.19 -57.01
CA PRO H 8 15.42 -0.91 -58.43
C PRO H 8 14.02 -0.81 -59.03
N ALA H 9 13.80 0.06 -60.01
CA ALA H 9 12.53 0.00 -60.74
C ALA H 9 12.64 -1.13 -61.73
N THR H 10 13.85 -1.24 -62.25
CA THR H 10 14.25 -2.25 -63.19
C THR H 10 15.61 -2.71 -62.73
N LEU H 11 15.95 -3.95 -63.02
CA LEU H 11 17.23 -4.48 -62.67
C LEU H 11 18.01 -4.86 -63.92
N SER H 12 19.14 -4.19 -64.13
CA SER H 12 19.93 -4.46 -65.32
C SER H 12 20.96 -5.53 -65.05
N VAL H 13 20.67 -6.71 -65.58
CA VAL H 13 21.45 -7.92 -65.43
C VAL H 13 21.58 -8.66 -66.74
N SER H 14 22.61 -9.49 -66.83
CA SER H 14 22.80 -10.34 -67.99
C SER H 14 22.65 -11.80 -67.55
N PRO H 15 22.35 -12.72 -68.46
CA PRO H 15 22.29 -14.12 -68.15
C PRO H 15 23.65 -14.55 -67.62
N GLY H 16 23.61 -15.42 -66.64
CA GLY H 16 24.79 -15.97 -65.98
C GLY H 16 25.19 -15.19 -64.74
N GLU H 17 24.62 -14.00 -64.56
CA GLU H 17 24.94 -13.17 -63.42
C GLU H 17 24.02 -13.47 -62.25
N ARG H 18 24.45 -13.13 -61.04
CA ARG H 18 23.55 -13.31 -59.91
C ARG H 18 22.73 -12.05 -59.72
N ALA H 19 21.44 -12.15 -60.00
CA ALA H 19 20.59 -10.96 -59.91
C ALA H 19 20.27 -10.70 -58.47
N THR H 20 20.23 -9.43 -58.06
CA THR H 20 19.81 -9.13 -56.70
C THR H 20 18.60 -8.20 -56.70
N LEU H 21 17.57 -8.60 -55.98
CA LEU H 21 16.33 -7.88 -55.84
C LEU H 21 16.16 -7.51 -54.37
N SER H 22 15.67 -6.31 -54.08
CA SER H 22 15.52 -5.91 -52.68
C SER H 22 14.20 -5.19 -52.37
N CYS H 23 13.43 -5.77 -51.40
CA CYS H 23 12.11 -5.37 -50.95
C CYS H 23 12.15 -4.67 -49.59
N ARG H 24 11.48 -3.54 -49.51
CA ARG H 24 11.38 -2.81 -48.25
C ARG H 24 9.92 -2.55 -47.90
N ALA H 25 9.56 -2.80 -46.65
CA ALA H 25 8.20 -2.62 -46.19
C ALA H 25 8.01 -1.40 -45.30
N SER H 26 6.80 -0.82 -45.38
CA SER H 26 6.38 0.27 -44.49
C SER H 26 6.08 -0.23 -43.08
N GLU H 27 5.91 -1.54 -42.93
CA GLU H 27 5.58 -2.22 -41.68
C GLU H 27 6.48 -3.45 -41.52
N SER H 28 6.84 -3.80 -40.29
CA SER H 28 7.68 -4.98 -40.08
C SER H 28 7.00 -6.23 -40.61
N VAL H 29 7.80 -7.09 -41.24
CA VAL H 29 7.40 -8.33 -41.88
C VAL H 29 7.64 -9.53 -40.95
N SER H 30 8.82 -9.53 -40.32
CA SER H 30 9.22 -10.61 -39.42
C SER H 30 9.13 -11.99 -40.07
N SER H 31 9.68 -12.09 -41.29
CA SER H 31 9.77 -13.27 -42.15
C SER H 31 8.47 -13.71 -42.82
N ASP H 32 7.36 -13.04 -42.56
CA ASP H 32 6.14 -13.38 -43.26
C ASP H 32 6.00 -12.67 -44.59
N LEU H 33 6.86 -13.11 -45.51
CA LEU H 33 7.05 -12.55 -46.83
C LEU H 33 7.13 -13.65 -47.89
N ALA H 34 6.69 -13.32 -49.11
CA ALA H 34 6.83 -14.24 -50.24
C ALA H 34 7.18 -13.52 -51.54
N TRP H 35 7.86 -14.24 -52.44
CA TRP H 35 8.21 -13.68 -53.74
C TRP H 35 7.60 -14.46 -54.89
N TYR H 36 7.12 -13.70 -55.86
CA TYR H 36 6.46 -14.22 -57.04
C TYR H 36 7.09 -13.76 -58.36
N GLN H 37 7.09 -14.64 -59.35
CA GLN H 37 7.64 -14.35 -60.68
C GLN H 37 6.54 -14.15 -61.72
N GLN H 38 6.40 -12.91 -62.22
CA GLN H 38 5.37 -12.55 -63.17
C GLN H 38 5.86 -12.37 -64.60
N LYS H 39 5.37 -13.20 -65.50
CA LYS H 39 5.76 -13.13 -66.89
C LYS H 39 4.52 -12.65 -67.63
N PRO H 40 4.63 -11.99 -68.79
CA PRO H 40 3.49 -11.57 -69.56
C PRO H 40 2.63 -12.77 -69.92
N GLY H 41 1.33 -12.66 -69.67
CA GLY H 41 0.38 -13.73 -69.99
C GLY H 41 0.35 -14.87 -68.98
N GLN H 42 1.18 -14.79 -67.95
CA GLN H 42 1.29 -15.85 -66.96
C GLN H 42 0.76 -15.50 -65.58
N ALA H 43 0.46 -16.53 -64.79
CA ALA H 43 0.15 -16.31 -63.39
C ALA H 43 1.45 -15.92 -62.69
N PRO H 44 1.43 -15.11 -61.64
CA PRO H 44 2.58 -14.74 -60.84
C PRO H 44 2.99 -15.87 -59.93
N ARG H 45 3.65 -16.87 -60.48
CA ARG H 45 4.05 -18.09 -59.76
C ARG H 45 4.88 -17.85 -58.51
N LEU H 46 4.55 -18.58 -57.44
CA LEU H 46 5.31 -18.47 -56.20
C LEU H 46 6.60 -19.22 -56.26
N LEU H 47 7.68 -18.54 -55.92
CA LEU H 47 8.95 -19.22 -55.87
C LEU H 47 9.44 -19.33 -54.45
N ILE H 48 9.31 -18.24 -53.71
CA ILE H 48 9.86 -18.21 -52.36
C ILE H 48 8.83 -17.88 -51.30
N TYR H 49 8.76 -18.68 -50.24
CA TYR H 49 7.84 -18.34 -49.18
C TYR H 49 8.35 -18.60 -47.77
N GLY H 50 8.24 -17.62 -46.89
CA GLY H 50 8.61 -17.84 -45.49
C GLY H 50 10.09 -17.57 -45.37
N ALA H 51 10.46 -16.38 -44.96
CA ALA H 51 11.86 -16.02 -45.01
C ALA H 51 12.29 -16.27 -46.45
N SER H 52 12.98 -17.39 -46.70
CA SER H 52 13.43 -17.70 -48.04
C SER H 52 13.20 -19.15 -48.52
N THR H 53 12.29 -19.88 -47.90
CA THR H 53 12.07 -21.29 -48.30
C THR H 53 11.62 -21.45 -49.74
N ARG H 54 12.26 -22.37 -50.47
CA ARG H 54 11.88 -22.61 -51.84
C ARG H 54 10.62 -23.44 -51.95
N ALA H 55 9.71 -23.03 -52.81
CA ALA H 55 8.54 -23.84 -53.08
C ALA H 55 8.95 -25.07 -53.86
N THR H 56 8.20 -26.13 -53.73
CA THR H 56 8.51 -27.32 -54.49
C THR H 56 8.49 -26.99 -55.98
N GLY H 57 9.53 -27.42 -56.70
CA GLY H 57 9.64 -27.21 -58.13
C GLY H 57 10.41 -25.94 -58.51
N VAL H 58 10.83 -25.18 -57.52
CA VAL H 58 11.58 -23.96 -57.73
C VAL H 58 13.06 -24.23 -57.95
N PRO H 59 13.67 -23.70 -59.02
CA PRO H 59 15.07 -23.87 -59.33
C PRO H 59 15.93 -23.41 -58.17
N ALA H 60 17.06 -24.09 -57.99
CA ALA H 60 18.04 -23.83 -56.93
C ALA H 60 18.63 -22.44 -57.02
N ARG H 61 18.47 -21.84 -58.19
CA ARG H 61 18.94 -20.52 -58.49
C ARG H 61 18.31 -19.53 -57.51
N PHE H 62 17.06 -19.76 -57.14
CA PHE H 62 16.34 -18.82 -56.29
C PHE H 62 16.59 -19.07 -54.81
N SER H 63 17.06 -18.04 -54.13
CA SER H 63 17.38 -18.12 -52.71
C SER H 63 17.33 -16.74 -52.09
N GLY H 64 17.40 -16.65 -50.76
CA GLY H 64 17.37 -15.31 -50.17
C GLY H 64 17.46 -15.31 -48.65
N SER H 65 17.32 -14.12 -48.09
CA SER H 65 17.39 -13.88 -46.65
C SER H 65 16.76 -12.54 -46.29
N GLY H 66 16.52 -12.29 -45.00
CA GLY H 66 16.04 -10.98 -44.58
C GLY H 66 15.40 -11.02 -43.22
N SER H 67 15.11 -9.83 -42.69
CA SER H 67 14.51 -9.67 -41.37
C SER H 67 13.88 -8.29 -41.23
N GLY H 68 13.11 -8.07 -40.17
CA GLY H 68 12.58 -6.73 -39.97
C GLY H 68 11.70 -6.38 -41.15
N ALA H 69 12.02 -5.27 -41.81
CA ALA H 69 11.27 -4.79 -42.96
C ALA H 69 12.14 -4.75 -44.24
N GLU H 70 13.30 -5.42 -44.22
CA GLU H 70 14.19 -5.42 -45.40
C GLU H 70 14.63 -6.82 -45.83
N PHE H 71 14.19 -7.22 -47.03
CA PHE H 71 14.43 -8.57 -47.54
C PHE H 71 15.05 -8.65 -48.92
N THR H 72 15.90 -9.65 -49.11
CA THR H 72 16.58 -9.84 -50.38
C THR H 72 16.37 -11.19 -51.05
N LEU H 73 16.10 -11.11 -52.34
CA LEU H 73 15.97 -12.26 -53.23
C LEU H 73 17.09 -12.25 -54.23
N THR H 74 17.76 -13.37 -54.41
CA THR H 74 18.78 -13.41 -55.43
C THR H 74 18.55 -14.57 -56.38
N ILE H 75 19.00 -14.40 -57.61
CA ILE H 75 18.90 -15.47 -58.59
C ILE H 75 20.29 -15.82 -59.09
N SER H 76 20.84 -16.95 -58.64
CA SER H 76 22.19 -17.32 -59.05
C SER H 76 22.15 -17.77 -60.49
N SER H 77 23.21 -17.51 -61.26
CA SER H 77 23.25 -18.03 -62.62
C SER H 77 21.96 -17.75 -63.37
N LEU H 78 21.55 -16.49 -63.42
CA LEU H 78 20.30 -16.06 -64.00
C LEU H 78 20.10 -16.56 -65.42
N GLN H 79 18.94 -17.13 -65.70
CA GLN H 79 18.68 -17.61 -67.05
C GLN H 79 17.82 -16.63 -67.82
N SER H 80 17.78 -16.72 -69.14
CA SER H 80 16.98 -15.78 -69.92
C SER H 80 15.49 -15.91 -69.60
N GLU H 81 15.05 -17.10 -69.19
CA GLU H 81 13.66 -17.31 -68.84
C GLU H 81 13.27 -16.66 -67.51
N ASP H 82 14.25 -16.15 -66.75
CA ASP H 82 14.00 -15.54 -65.46
C ASP H 82 13.85 -14.03 -65.57
N PHE H 83 13.86 -13.48 -66.79
CA PHE H 83 13.72 -12.03 -66.92
C PHE H 83 12.24 -11.63 -66.88
N ALA H 84 11.73 -11.70 -65.66
CA ALA H 84 10.35 -11.49 -65.24
C ALA H 84 10.23 -10.29 -64.32
N VAL H 85 8.99 -9.88 -64.06
CA VAL H 85 8.76 -8.86 -63.07
C VAL H 85 8.59 -9.57 -61.76
N TYR H 86 9.32 -9.17 -60.75
CA TYR H 86 9.15 -9.85 -59.49
C TYR H 86 8.36 -9.03 -58.53
N TYR H 87 7.52 -9.72 -57.78
CA TYR H 87 6.71 -9.10 -56.77
C TYR H 87 7.00 -9.66 -55.39
N CYS H 88 6.97 -8.76 -54.39
CA CYS H 88 7.16 -9.00 -52.98
C CYS H 88 5.78 -8.91 -52.31
N GLN H 89 5.44 -9.91 -51.49
CA GLN H 89 4.17 -9.96 -50.75
C GLN H 89 4.33 -10.06 -49.26
N GLN H 90 3.62 -9.22 -48.53
CA GLN H 90 3.64 -9.24 -47.07
C GLN H 90 2.28 -9.59 -46.55
N TYR H 91 2.24 -10.64 -45.73
CA TYR H 91 0.96 -11.14 -45.22
C TYR H 91 0.85 -11.25 -43.69
N ASN H 92 1.63 -10.51 -42.92
CA ASN H 92 1.58 -10.72 -41.47
C ASN H 92 0.56 -9.93 -40.69
N ASN H 93 -0.34 -9.29 -41.37
CA ASN H 93 -1.38 -8.58 -40.67
C ASN H 93 -2.50 -9.51 -40.31
N TRP H 94 -3.15 -9.21 -39.20
CA TRP H 94 -4.30 -9.93 -38.76
C TRP H 94 -5.24 -8.95 -38.04
N PRO H 95 -6.48 -8.75 -38.53
CA PRO H 95 -7.17 -9.29 -39.69
C PRO H 95 -6.30 -9.01 -40.89
N PRO H 96 -6.34 -9.83 -41.92
CA PRO H 96 -5.45 -9.74 -43.03
C PRO H 96 -5.64 -8.43 -43.75
N ARG H 97 -4.52 -7.87 -44.11
CA ARG H 97 -4.33 -6.65 -44.84
C ARG H 97 -3.06 -6.91 -45.58
N TYR H 98 -3.14 -7.83 -46.52
CA TYR H 98 -1.99 -8.32 -47.22
C TYR H 98 -1.72 -7.40 -48.39
N THR H 99 -0.46 -7.24 -48.76
CA THR H 99 -0.25 -6.44 -49.96
C THR H 99 0.85 -6.99 -50.81
N PHE H 100 0.90 -6.50 -52.03
CA PHE H 100 1.98 -6.81 -52.93
C PHE H 100 2.62 -5.50 -53.25
N GLY H 101 3.89 -5.52 -53.54
CA GLY H 101 4.55 -4.28 -53.87
C GLY H 101 4.44 -3.88 -55.32
N GLN H 102 5.20 -2.86 -55.63
CA GLN H 102 5.19 -2.31 -56.98
C GLN H 102 5.88 -3.28 -57.95
N GLY H 103 6.84 -4.02 -57.42
CA GLY H 103 7.59 -5.00 -58.16
C GLY H 103 8.75 -4.37 -58.89
N THR H 104 9.58 -5.20 -59.50
CA THR H 104 10.74 -4.69 -60.27
C THR H 104 10.89 -5.51 -61.53
N ARG H 105 11.32 -4.87 -62.62
CA ARG H 105 11.50 -5.61 -63.88
C ARG H 105 12.94 -5.99 -64.25
N LEU H 106 13.19 -7.28 -64.63
CA LEU H 106 14.50 -7.75 -65.12
C LEU H 106 14.43 -7.80 -66.64
N LYS I 21 -48.21 -40.21 -26.98
CA LYS I 21 -46.89 -39.88 -27.50
C LYS I 21 -47.06 -39.15 -28.86
N LYS I 22 -45.97 -38.47 -29.32
CA LYS I 22 -45.93 -37.77 -30.63
C LYS I 22 -45.37 -38.71 -31.67
N VAL I 23 -46.09 -38.92 -32.76
CA VAL I 23 -45.59 -39.87 -33.76
C VAL I 23 -45.29 -39.19 -35.09
N VAL I 24 -44.06 -39.38 -35.58
CA VAL I 24 -43.64 -38.75 -36.82
C VAL I 24 -43.31 -39.77 -37.91
N LEU I 25 -44.08 -39.70 -38.99
CA LEU I 25 -43.96 -40.60 -40.14
C LEU I 25 -43.21 -39.99 -41.31
N GLY I 26 -42.18 -40.68 -41.77
CA GLY I 26 -41.36 -40.26 -42.91
C GLY I 26 -41.69 -41.10 -44.15
N LYS I 27 -40.72 -41.28 -45.04
CA LYS I 27 -40.88 -42.05 -46.28
C LYS I 27 -40.00 -43.28 -46.22
N LYS I 28 -39.62 -43.63 -45.00
CA LYS I 28 -38.77 -44.73 -44.59
C LYS I 28 -37.32 -44.46 -44.96
N GLY I 29 -37.03 -44.45 -46.25
CA GLY I 29 -35.67 -44.26 -46.77
C GLY I 29 -35.20 -42.80 -46.86
N ASP I 30 -35.34 -42.04 -45.79
CA ASP I 30 -34.94 -40.64 -45.85
C ASP I 30 -34.39 -40.05 -44.54
N THR I 31 -35.10 -39.10 -43.91
CA THR I 31 -34.60 -38.54 -42.65
C THR I 31 -35.74 -38.08 -41.75
N VAL I 32 -35.49 -38.13 -40.46
CA VAL I 32 -36.49 -37.70 -39.51
C VAL I 32 -35.92 -36.81 -38.43
N GLU I 33 -36.69 -35.82 -38.03
CA GLU I 33 -36.27 -35.00 -36.90
C GLU I 33 -37.30 -35.06 -35.78
N LEU I 34 -36.87 -35.62 -34.67
CA LEU I 34 -37.70 -35.78 -33.50
C LEU I 34 -37.25 -34.70 -32.53
N THR I 35 -38.13 -34.11 -31.73
CA THR I 35 -37.60 -33.08 -30.84
C THR I 35 -37.98 -33.18 -29.37
N CYS I 36 -37.05 -32.70 -28.49
CA CYS I 36 -37.24 -32.50 -27.06
C CYS I 36 -37.04 -31.02 -26.78
N THR I 37 -37.76 -30.47 -25.82
CA THR I 37 -37.55 -29.05 -25.50
C THR I 37 -37.47 -28.78 -24.00
N ALA I 38 -37.00 -27.58 -23.67
CA ALA I 38 -37.00 -27.10 -22.28
C ALA I 38 -37.56 -25.69 -22.23
N SER I 39 -38.34 -25.39 -21.20
CA SER I 39 -38.96 -24.08 -21.03
C SER I 39 -37.98 -23.00 -20.61
N GLN I 40 -36.78 -23.41 -20.24
CA GLN I 40 -35.75 -22.50 -19.78
C GLN I 40 -35.19 -21.63 -20.92
N LYS I 41 -35.31 -22.09 -22.17
CA LYS I 41 -34.70 -21.37 -23.30
C LYS I 41 -33.20 -21.20 -23.06
N LYS I 42 -32.58 -22.27 -22.58
CA LYS I 42 -31.15 -22.36 -22.29
C LYS I 42 -30.62 -23.67 -22.80
N SER I 43 -29.32 -23.73 -23.01
CA SER I 43 -28.70 -25.00 -23.32
C SER I 43 -28.43 -25.72 -22.02
N ILE I 44 -29.08 -26.84 -21.88
CA ILE I 44 -28.97 -27.64 -20.68
C ILE I 44 -28.59 -29.03 -21.11
N GLN I 45 -28.17 -29.85 -20.18
CA GLN I 45 -27.85 -31.21 -20.51
C GLN I 45 -29.07 -32.00 -20.90
N PHE I 46 -28.97 -32.77 -21.97
CA PHE I 46 -30.04 -33.63 -22.39
C PHE I 46 -29.53 -34.90 -23.02
N HIS I 47 -30.40 -35.90 -23.04
CA HIS I 47 -30.10 -37.13 -23.74
C HIS I 47 -31.30 -37.68 -24.50
N TRP I 48 -31.01 -38.44 -25.55
CA TRP I 48 -32.01 -39.22 -26.27
C TRP I 48 -31.70 -40.69 -26.12
N LYS I 49 -32.74 -41.49 -25.82
CA LYS I 49 -32.61 -42.94 -25.70
C LYS I 49 -33.71 -43.73 -26.40
N ASN I 50 -33.39 -44.92 -26.84
CA ASN I 50 -34.43 -45.76 -27.43
C ASN I 50 -35.18 -46.56 -26.34
N SER I 51 -36.07 -47.44 -26.76
CA SER I 51 -36.92 -48.22 -25.87
C SER I 51 -36.19 -49.25 -25.00
N ASN I 52 -34.93 -49.54 -25.33
CA ASN I 52 -34.13 -50.50 -24.57
C ASN I 52 -33.19 -49.72 -23.67
N GLN I 53 -33.46 -48.41 -23.57
CA GLN I 53 -32.72 -47.44 -22.82
C GLN I 53 -31.28 -47.34 -23.27
N ILE I 54 -31.08 -47.39 -24.60
CA ILE I 54 -29.75 -47.27 -25.14
C ILE I 54 -29.58 -45.88 -25.69
N LYS I 55 -28.49 -45.23 -25.28
CA LYS I 55 -28.18 -43.86 -25.67
C LYS I 55 -27.98 -43.73 -27.17
N ILE I 56 -28.57 -42.67 -27.72
CA ILE I 56 -28.48 -42.34 -29.13
C ILE I 56 -27.62 -41.11 -29.37
N LEU I 57 -27.99 -40.05 -28.65
CA LEU I 57 -27.35 -38.74 -28.70
C LEU I 57 -27.53 -38.08 -27.37
N GLY I 58 -26.78 -37.02 -27.15
CA GLY I 58 -26.93 -36.20 -25.98
C GLY I 58 -25.82 -35.21 -26.00
N ASN I 59 -25.81 -34.29 -25.07
CA ASN I 59 -24.73 -33.35 -25.05
C ASN I 59 -24.03 -33.36 -23.75
N GLN I 60 -22.99 -32.57 -23.71
CA GLN I 60 -22.20 -32.32 -22.56
C GLN I 60 -21.90 -30.84 -22.56
N GLY I 61 -22.89 -30.07 -22.13
CA GLY I 61 -22.81 -28.63 -22.28
C GLY I 61 -22.82 -28.29 -23.77
N SER I 62 -21.81 -27.58 -24.22
CA SER I 62 -21.71 -27.15 -25.61
C SER I 62 -21.34 -28.27 -26.58
N PHE I 63 -20.83 -29.39 -26.07
CA PHE I 63 -20.34 -30.44 -26.95
C PHE I 63 -21.39 -31.49 -27.29
N LEU I 64 -21.35 -32.00 -28.52
CA LEU I 64 -22.25 -33.08 -28.91
C LEU I 64 -21.55 -34.42 -28.81
N THR I 65 -22.23 -35.39 -28.21
CA THR I 65 -21.70 -36.74 -28.12
C THR I 65 -22.59 -37.68 -28.89
N LYS I 66 -22.12 -38.89 -29.16
CA LYS I 66 -22.93 -39.91 -29.82
C LYS I 66 -23.20 -41.07 -28.87
N GLY I 67 -24.29 -41.79 -29.06
CA GLY I 67 -24.49 -42.96 -28.22
C GLY I 67 -23.97 -44.19 -28.94
N PRO I 68 -23.40 -45.17 -28.25
CA PRO I 68 -22.83 -46.39 -28.80
C PRO I 68 -23.88 -47.45 -29.16
N SER I 69 -24.69 -47.14 -30.15
CA SER I 69 -25.81 -47.99 -30.57
C SER I 69 -25.89 -48.06 -32.08
N LYS I 70 -26.96 -48.65 -32.58
CA LYS I 70 -27.21 -48.79 -34.02
C LYS I 70 -27.39 -47.42 -34.70
N LEU I 71 -27.62 -46.40 -33.88
CA LEU I 71 -27.76 -45.01 -34.27
C LEU I 71 -26.54 -44.17 -33.88
N ASN I 72 -25.40 -44.82 -33.60
CA ASN I 72 -24.17 -44.07 -33.26
C ASN I 72 -23.78 -43.25 -34.47
N ASP I 73 -23.95 -43.82 -35.65
CA ASP I 73 -23.67 -43.13 -36.89
C ASP I 73 -25.01 -42.65 -37.42
N ARG I 74 -24.98 -41.96 -38.55
CA ARG I 74 -26.21 -41.48 -39.18
C ARG I 74 -27.03 -40.63 -38.23
N ALA I 75 -26.43 -39.85 -37.35
CA ALA I 75 -27.25 -39.05 -36.46
C ALA I 75 -26.55 -37.79 -36.04
N ASP I 76 -27.34 -36.76 -35.83
CA ASP I 76 -26.81 -35.47 -35.40
C ASP I 76 -27.90 -34.64 -34.71
N SER I 77 -27.53 -33.45 -34.27
CA SER I 77 -28.45 -32.51 -33.63
C SER I 77 -28.26 -31.14 -34.24
N ARG I 78 -28.75 -30.11 -33.56
CA ARG I 78 -28.63 -28.74 -34.02
C ARG I 78 -28.05 -27.95 -32.89
N ARG I 79 -26.73 -27.84 -32.85
CA ARG I 79 -26.10 -27.23 -31.69
C ARG I 79 -26.53 -25.79 -31.54
N SER I 80 -26.78 -25.12 -32.65
CA SER I 80 -27.18 -23.73 -32.65
C SER I 80 -28.54 -23.49 -32.01
N LEU I 81 -29.37 -24.51 -31.86
CA LEU I 81 -30.66 -24.28 -31.26
C LEU I 81 -30.68 -24.69 -29.80
N TRP I 82 -29.54 -25.13 -29.28
CA TRP I 82 -29.56 -25.58 -27.90
C TRP I 82 -29.83 -24.43 -26.96
N ASP I 83 -29.48 -23.21 -27.33
CA ASP I 83 -29.70 -22.09 -26.44
C ASP I 83 -31.09 -21.54 -26.56
N GLN I 84 -31.89 -22.17 -27.41
CA GLN I 84 -33.27 -21.79 -27.56
C GLN I 84 -34.12 -22.80 -26.82
N GLY I 85 -33.45 -23.77 -26.17
CA GLY I 85 -34.11 -24.84 -25.46
C GLY I 85 -34.62 -25.94 -26.40
N ASN I 86 -34.06 -26.06 -27.60
CA ASN I 86 -34.50 -27.03 -28.58
C ASN I 86 -33.41 -28.06 -28.80
N PHE I 87 -33.69 -29.32 -28.47
CA PHE I 87 -32.70 -30.37 -28.51
C PHE I 87 -33.14 -31.55 -29.42
N PRO I 88 -33.09 -31.41 -30.76
CA PRO I 88 -33.51 -32.40 -31.73
C PRO I 88 -32.59 -33.60 -31.90
N LEU I 89 -33.20 -34.68 -32.36
CA LEU I 89 -32.54 -35.90 -32.83
C LEU I 89 -32.80 -36.09 -34.29
N ILE I 90 -31.76 -36.00 -35.08
CA ILE I 90 -31.90 -36.13 -36.50
C ILE I 90 -31.27 -37.41 -36.96
N ILE I 91 -32.06 -38.27 -37.59
CA ILE I 91 -31.54 -39.54 -38.08
C ILE I 91 -31.55 -39.53 -39.60
N LYS I 92 -30.38 -39.77 -40.17
CA LYS I 92 -30.16 -39.71 -41.61
C LYS I 92 -30.08 -41.09 -42.20
N ASN I 93 -30.32 -41.24 -43.51
CA ASN I 93 -30.23 -42.56 -44.15
C ASN I 93 -31.03 -43.53 -43.32
N LEU I 94 -32.25 -43.09 -43.09
CA LEU I 94 -33.24 -43.72 -42.27
C LEU I 94 -33.75 -45.01 -42.88
N LYS I 95 -33.95 -46.03 -42.03
CA LYS I 95 -34.45 -47.31 -42.47
C LYS I 95 -35.76 -47.64 -41.73
N ILE I 96 -36.58 -48.56 -42.25
CA ILE I 96 -37.78 -48.93 -41.49
C ILE I 96 -37.45 -49.55 -40.13
N GLU I 97 -36.30 -50.21 -40.04
CA GLU I 97 -35.81 -50.85 -38.83
C GLU I 97 -35.54 -49.86 -37.68
N ASP I 98 -35.57 -48.57 -37.97
CA ASP I 98 -35.35 -47.53 -36.97
C ASP I 98 -36.68 -47.05 -36.35
N SER I 99 -37.83 -47.64 -36.73
CA SER I 99 -39.15 -47.16 -36.24
C SER I 99 -39.57 -47.61 -34.82
N ASP I 100 -38.72 -47.25 -33.88
CA ASP I 100 -38.87 -47.49 -32.46
C ASP I 100 -39.36 -46.23 -31.78
N THR I 101 -39.57 -46.30 -30.47
CA THR I 101 -39.91 -45.08 -29.79
C THR I 101 -38.66 -44.54 -29.15
N TYR I 102 -38.71 -43.28 -28.79
CA TYR I 102 -37.59 -42.62 -28.16
C TYR I 102 -38.01 -41.80 -26.96
N ILE I 103 -37.14 -41.77 -25.96
CA ILE I 103 -37.37 -41.03 -24.74
C ILE I 103 -36.43 -39.83 -24.61
N CYS I 104 -37.01 -38.66 -24.28
CA CYS I 104 -36.31 -37.41 -24.02
C CYS I 104 -35.83 -37.40 -22.59
N GLU I 105 -34.62 -36.93 -22.38
CA GLU I 105 -34.20 -36.71 -21.02
C GLU I 105 -33.75 -35.29 -20.91
N VAL I 106 -34.69 -34.41 -20.69
CA VAL I 106 -34.48 -32.99 -20.58
C VAL I 106 -35.07 -32.63 -19.25
N GLU I 107 -34.31 -32.08 -18.31
CA GLU I 107 -34.87 -31.83 -17.00
C GLU I 107 -35.51 -33.16 -16.54
N ASP I 108 -36.75 -33.13 -16.05
CA ASP I 108 -37.47 -34.33 -15.66
C ASP I 108 -38.60 -34.60 -16.65
N GLN I 109 -38.57 -33.92 -17.78
CA GLN I 109 -39.63 -34.02 -18.76
C GLN I 109 -39.39 -35.16 -19.70
N LYS I 110 -39.63 -36.36 -19.19
CA LYS I 110 -39.33 -37.54 -19.97
C LYS I 110 -40.42 -37.90 -20.96
N GLU I 111 -40.47 -37.10 -22.02
CA GLU I 111 -41.45 -37.20 -23.09
C GLU I 111 -41.11 -38.32 -24.05
N GLU I 112 -42.14 -38.89 -24.67
CA GLU I 112 -41.94 -39.96 -25.64
C GLU I 112 -42.45 -39.62 -27.02
N VAL I 113 -41.66 -40.02 -28.01
CA VAL I 113 -42.00 -39.85 -29.40
C VAL I 113 -41.82 -41.17 -30.14
N GLN I 114 -42.43 -41.32 -31.31
CA GLN I 114 -42.20 -42.50 -32.14
C GLN I 114 -41.81 -42.18 -33.55
N LEU I 115 -40.85 -42.93 -34.03
CA LEU I 115 -40.39 -42.78 -35.40
C LEU I 115 -41.12 -43.86 -36.22
N LEU I 116 -41.66 -43.50 -37.41
CA LEU I 116 -42.27 -44.45 -38.35
C LEU I 116 -41.60 -44.33 -39.73
N VAL J 2 -3.83 -28.97 -56.96
CA VAL J 2 -5.03 -28.21 -57.31
C VAL J 2 -4.81 -27.22 -58.46
N GLN J 3 -5.85 -27.15 -59.32
CA GLN J 3 -5.94 -26.23 -60.45
C GLN J 3 -7.09 -25.30 -60.14
N LEU J 4 -6.95 -24.07 -60.56
CA LEU J 4 -7.98 -23.10 -60.37
C LEU J 4 -8.46 -22.65 -61.73
N LEU J 5 -9.76 -22.71 -61.93
CA LEU J 5 -10.32 -22.39 -63.23
C LEU J 5 -11.14 -21.12 -63.21
N GLU J 6 -10.72 -20.17 -64.02
CA GLU J 6 -11.36 -18.85 -64.12
C GLU J 6 -12.61 -18.87 -64.98
N SER J 7 -13.46 -17.86 -64.78
CA SER J 7 -14.68 -17.70 -65.56
C SER J 7 -14.44 -16.82 -66.77
N GLY J 8 -15.51 -16.42 -67.44
CA GLY J 8 -15.39 -15.63 -68.65
C GLY J 8 -15.23 -14.14 -68.39
N ALA J 9 -14.83 -13.42 -69.44
CA ALA J 9 -14.64 -11.98 -69.41
C ALA J 9 -15.98 -11.28 -69.36
N GLU J 10 -15.98 -10.06 -68.86
CA GLU J 10 -17.21 -9.27 -68.74
C GLU J 10 -17.02 -7.78 -69.02
N VAL J 11 -18.09 -7.13 -69.49
CA VAL J 11 -18.10 -5.68 -69.73
C VAL J 11 -19.29 -4.98 -69.06
N LYS J 12 -19.03 -4.09 -68.10
CA LYS J 12 -20.11 -3.36 -67.43
C LYS J 12 -20.01 -1.87 -67.53
N LYS J 13 -21.04 -1.20 -67.04
CA LYS J 13 -21.03 0.23 -66.97
C LYS J 13 -20.90 0.62 -65.50
N PRO J 14 -20.30 1.77 -65.17
CA PRO J 14 -20.17 2.24 -63.82
C PRO J 14 -21.53 2.29 -63.14
N GLY J 15 -21.55 1.88 -61.89
CA GLY J 15 -22.74 1.81 -61.05
C GLY J 15 -23.30 0.40 -60.97
N SER J 16 -22.79 -0.50 -61.81
CA SER J 16 -23.22 -1.89 -61.82
C SER J 16 -22.34 -2.78 -60.93
N SER J 17 -22.36 -4.08 -61.20
CA SER J 17 -21.59 -5.04 -60.42
C SER J 17 -21.17 -6.25 -61.26
N VAL J 18 -20.08 -6.90 -60.84
CA VAL J 18 -19.60 -8.12 -61.50
C VAL J 18 -19.31 -9.23 -60.51
N LYS J 19 -19.75 -10.45 -60.80
CA LYS J 19 -19.43 -11.58 -59.95
C LYS J 19 -18.67 -12.65 -60.74
N VAL J 20 -17.42 -12.89 -60.33
CA VAL J 20 -16.55 -13.83 -61.03
C VAL J 20 -16.30 -15.11 -60.25
N SER J 21 -16.65 -16.23 -60.83
CA SER J 21 -16.45 -17.52 -60.20
C SER J 21 -15.02 -18.03 -60.41
N CYS J 22 -14.60 -19.02 -59.58
CA CYS J 22 -13.36 -19.79 -59.66
C CYS J 22 -13.59 -21.22 -59.19
N LYS J 23 -13.40 -22.18 -60.08
CA LYS J 23 -13.61 -23.56 -59.69
C LYS J 23 -12.30 -24.17 -59.24
N ALA J 24 -12.29 -24.74 -58.06
CA ALA J 24 -11.07 -25.36 -57.56
C ALA J 24 -11.22 -26.86 -57.59
N SER J 25 -10.25 -27.55 -58.14
CA SER J 25 -10.35 -29.01 -58.20
C SER J 25 -9.01 -29.72 -58.18
N GLY J 26 -9.06 -31.04 -57.96
CA GLY J 26 -7.88 -31.92 -57.89
C GLY J 26 -7.57 -32.40 -56.47
N ASP J 27 -8.23 -31.80 -55.49
CA ASP J 27 -8.11 -32.13 -54.07
C ASP J 27 -9.40 -31.72 -53.38
N THR J 28 -9.50 -31.93 -52.09
CA THR J 28 -10.71 -31.53 -51.39
C THR J 28 -10.70 -30.02 -51.14
N PHE J 29 -11.74 -29.37 -51.64
CA PHE J 29 -11.92 -27.92 -51.61
C PHE J 29 -11.80 -27.27 -50.28
N ILE J 30 -12.44 -27.87 -49.31
CA ILE J 30 -12.56 -27.29 -48.01
C ILE J 30 -11.20 -27.12 -47.33
N ARG J 31 -10.15 -27.78 -47.82
CA ARG J 31 -8.86 -27.67 -47.19
C ARG J 31 -8.02 -26.56 -47.81
N TYR J 32 -8.56 -25.84 -48.75
CA TYR J 32 -7.80 -24.78 -49.36
C TYR J 32 -8.35 -23.43 -49.00
N SER J 33 -7.44 -22.52 -48.71
CA SER J 33 -7.78 -21.13 -48.43
C SER J 33 -7.70 -20.40 -49.73
N PHE J 34 -8.55 -19.39 -49.92
CA PHE J 34 -8.49 -18.67 -51.19
C PHE J 34 -8.45 -17.17 -51.05
N THR J 35 -7.77 -16.55 -51.99
CA THR J 35 -7.73 -15.11 -52.08
C THR J 35 -8.00 -14.65 -53.49
N TRP J 36 -8.31 -13.36 -53.59
CA TRP J 36 -8.43 -12.74 -54.89
C TRP J 36 -7.45 -11.62 -54.98
N VAL J 37 -6.86 -11.53 -56.17
CA VAL J 37 -5.88 -10.55 -56.54
C VAL J 37 -6.32 -9.88 -57.84
N ARG J 38 -6.15 -8.58 -57.92
CA ARG J 38 -6.51 -7.83 -59.09
C ARG J 38 -5.29 -7.19 -59.73
N GLN J 39 -5.27 -7.07 -61.04
CA GLN J 39 -4.19 -6.35 -61.67
C GLN J 39 -4.65 -5.52 -62.86
N ALA J 40 -4.76 -4.22 -62.65
CA ALA J 40 -5.17 -3.35 -63.75
C ALA J 40 -3.99 -3.32 -64.70
N PRO J 41 -4.16 -3.18 -66.02
CA PRO J 41 -3.06 -3.09 -66.93
C PRO J 41 -2.13 -1.98 -66.51
N GLY J 42 -0.83 -2.27 -66.51
CA GLY J 42 0.19 -1.29 -66.15
C GLY J 42 0.44 -1.22 -64.64
N GLN J 43 -0.35 -1.92 -63.86
CA GLN J 43 -0.26 -1.92 -62.41
C GLN J 43 0.32 -3.20 -61.86
N GLY J 44 0.77 -3.14 -60.60
CA GLY J 44 1.28 -4.33 -59.94
C GLY J 44 0.10 -5.11 -59.39
N LEU J 45 0.37 -6.12 -58.60
CA LEU J 45 -0.71 -6.94 -58.08
C LEU J 45 -1.36 -6.24 -56.90
N GLU J 46 -2.69 -6.33 -56.80
CA GLU J 46 -3.44 -5.77 -55.69
C GLU J 46 -4.20 -6.84 -54.93
N TRP J 47 -4.00 -6.95 -53.62
CA TRP J 47 -4.76 -7.95 -52.89
C TRP J 47 -6.16 -7.40 -52.68
N MET J 48 -7.19 -8.20 -52.94
CA MET J 48 -8.54 -7.73 -52.71
C MET J 48 -9.13 -8.29 -51.45
N GLY J 49 -8.84 -9.54 -51.19
CA GLY J 49 -9.42 -10.18 -50.04
C GLY J 49 -9.08 -11.64 -49.90
N ARG J 50 -9.52 -12.20 -48.78
CA ARG J 50 -9.28 -13.58 -48.38
C ARG J 50 -10.50 -14.25 -47.77
N ILE J 51 -10.71 -15.50 -48.14
CA ILE J 51 -11.77 -16.29 -47.58
C ILE J 51 -11.29 -17.62 -47.00
N ILE J 52 -11.81 -17.91 -45.82
CA ILE J 52 -11.57 -19.12 -45.10
C ILE J 52 -12.77 -19.99 -45.43
N THR J 53 -12.51 -21.19 -45.91
CA THR J 53 -13.58 -22.07 -46.35
C THR J 53 -14.09 -23.03 -45.28
N ILE J 54 -13.29 -23.32 -44.27
CA ILE J 54 -13.69 -24.22 -43.20
C ILE J 54 -14.66 -23.54 -42.22
N LEU J 55 -14.45 -22.26 -42.04
CA LEU J 55 -15.26 -21.39 -41.22
C LEU J 55 -15.64 -20.36 -42.24
N ASP J 56 -16.91 -20.06 -42.44
CA ASP J 56 -17.21 -19.14 -43.53
C ASP J 56 -16.94 -17.71 -43.10
N VAL J 57 -15.68 -17.32 -43.26
CA VAL J 57 -15.16 -16.04 -42.81
C VAL J 57 -14.36 -15.33 -43.90
N ALA J 58 -14.57 -14.04 -44.11
CA ALA J 58 -13.78 -13.37 -45.14
C ALA J 58 -13.44 -11.95 -44.76
N HIS J 59 -12.35 -11.48 -45.35
CA HIS J 59 -11.82 -10.15 -45.13
C HIS J 59 -11.48 -9.44 -46.41
N TYR J 60 -11.58 -8.10 -46.40
CA TYR J 60 -11.33 -7.35 -47.62
C TYR J 60 -10.36 -6.19 -47.38
N ALA J 61 -9.63 -5.83 -48.42
CA ALA J 61 -8.70 -4.71 -48.34
C ALA J 61 -9.50 -3.45 -48.01
N PRO J 62 -8.96 -2.46 -47.28
CA PRO J 62 -9.65 -1.28 -46.76
C PRO J 62 -10.57 -0.49 -47.70
N HIS J 63 -10.23 -0.37 -48.98
CA HIS J 63 -11.03 0.39 -49.94
C HIS J 63 -12.15 -0.42 -50.60
N LEU J 64 -12.14 -1.72 -50.35
CA LEU J 64 -13.10 -2.67 -50.88
C LEU J 64 -14.08 -3.13 -49.81
N GLN J 65 -13.97 -2.59 -48.60
CA GLN J 65 -14.82 -3.11 -47.52
C GLN J 65 -16.31 -2.88 -47.78
N GLY J 66 -16.65 -1.78 -48.44
CA GLY J 66 -18.03 -1.49 -48.74
C GLY J 66 -18.42 -1.94 -50.15
N ARG J 67 -17.52 -2.63 -50.84
CA ARG J 67 -17.76 -3.03 -52.22
C ARG J 67 -17.63 -4.52 -52.52
N VAL J 68 -16.81 -5.24 -51.77
CA VAL J 68 -16.53 -6.62 -52.12
C VAL J 68 -16.98 -7.68 -51.14
N THR J 69 -17.57 -8.72 -51.71
CA THR J 69 -17.98 -9.90 -50.99
C THR J 69 -17.36 -11.15 -51.62
N ILE J 70 -16.75 -11.98 -50.80
CA ILE J 70 -16.20 -13.23 -51.30
C ILE J 70 -16.99 -14.38 -50.68
N THR J 71 -17.47 -15.28 -51.54
CA THR J 71 -18.25 -16.44 -51.12
C THR J 71 -17.65 -17.77 -51.53
N ALA J 72 -17.59 -18.71 -50.60
CA ALA J 72 -17.08 -20.03 -50.93
C ALA J 72 -18.22 -21.03 -50.98
N ASP J 73 -18.54 -21.49 -52.17
CA ASP J 73 -19.63 -22.43 -52.28
C ASP J 73 -19.07 -23.82 -52.11
N LYS J 74 -19.21 -24.27 -50.88
CA LYS J 74 -18.67 -25.52 -50.38
C LYS J 74 -19.24 -26.74 -51.10
N SER J 75 -20.41 -26.59 -51.72
CA SER J 75 -21.03 -27.73 -52.38
C SER J 75 -20.57 -27.91 -53.83
N THR J 76 -20.01 -26.85 -54.44
CA THR J 76 -19.59 -26.89 -55.83
C THR J 76 -18.10 -26.64 -55.99
N SER J 77 -17.42 -26.41 -54.87
CA SER J 77 -16.00 -26.09 -54.81
C SER J 77 -15.72 -24.85 -55.63
N THR J 78 -16.61 -23.88 -55.54
CA THR J 78 -16.44 -22.67 -56.33
C THR J 78 -16.42 -21.41 -55.50
N VAL J 79 -15.40 -20.60 -55.73
CA VAL J 79 -15.27 -19.36 -55.01
C VAL J 79 -15.73 -18.22 -55.90
N TYR J 80 -16.52 -17.33 -55.34
CA TYR J 80 -17.01 -16.21 -56.10
C TYR J 80 -16.58 -14.87 -55.56
N LEU J 81 -16.10 -14.03 -56.44
CA LEU J 81 -15.74 -12.67 -56.10
C LEU J 81 -16.75 -11.67 -56.61
N GLU J 82 -17.48 -11.03 -55.71
CA GLU J 82 -18.48 -10.07 -56.15
C GLU J 82 -18.08 -8.65 -55.82
N LEU J 83 -17.95 -7.85 -56.87
CA LEU J 83 -17.59 -6.43 -56.73
C LEU J 83 -18.77 -5.54 -57.12
N ARG J 84 -19.22 -4.75 -56.16
CA ARG J 84 -20.37 -3.87 -56.30
C ARG J 84 -19.98 -2.41 -56.39
N ASN J 85 -20.93 -1.58 -56.87
CA ASN J 85 -20.70 -0.14 -56.97
C ASN J 85 -19.43 0.08 -57.78
N LEU J 86 -19.40 -0.63 -58.88
CA LEU J 86 -18.35 -0.75 -59.87
C LEU J 86 -18.05 0.56 -60.58
N ARG J 87 -16.77 0.86 -60.79
CA ARG J 87 -16.36 2.08 -61.51
C ARG J 87 -15.37 1.81 -62.63
N SER J 88 -15.15 2.78 -63.53
CA SER J 88 -14.19 2.58 -64.64
C SER J 88 -12.76 2.32 -64.13
N ASP J 89 -12.50 2.74 -62.90
CA ASP J 89 -11.23 2.59 -62.20
C ASP J 89 -10.96 1.12 -61.86
N ASP J 90 -11.99 0.30 -61.94
CA ASP J 90 -11.93 -1.11 -61.59
C ASP J 90 -11.67 -1.98 -62.82
N THR J 91 -11.37 -1.36 -63.97
CA THR J 91 -11.03 -2.21 -65.09
C THR J 91 -9.77 -2.94 -64.71
N ALA J 92 -9.78 -4.26 -64.82
CA ALA J 92 -8.62 -5.04 -64.43
C ALA J 92 -8.73 -6.47 -64.81
N VAL J 93 -7.63 -7.18 -64.73
CA VAL J 93 -7.70 -8.61 -64.84
C VAL J 93 -7.81 -9.16 -63.42
N TYR J 94 -8.83 -9.96 -63.18
CA TYR J 94 -9.08 -10.51 -61.86
C TYR J 94 -8.70 -11.96 -61.78
N PHE J 95 -8.19 -12.39 -60.65
CA PHE J 95 -7.86 -13.80 -60.51
C PHE J 95 -7.82 -14.35 -59.09
N CYS J 96 -8.13 -15.65 -59.00
CA CYS J 96 -8.13 -16.43 -57.77
C CYS J 96 -6.80 -17.13 -57.55
N ALA J 97 -6.54 -17.37 -56.29
CA ALA J 97 -5.37 -18.10 -55.88
C ALA J 97 -5.62 -18.77 -54.56
N GLY J 98 -4.86 -19.81 -54.24
CA GLY J 98 -5.03 -20.40 -52.93
C GLY J 98 -3.89 -21.29 -52.46
N VAL J 99 -4.08 -21.86 -51.26
CA VAL J 99 -3.06 -22.70 -50.66
C VAL J 99 -3.62 -23.76 -49.71
N TYR J 100 -2.96 -24.92 -49.68
CA TYR J 100 -3.34 -26.03 -48.83
C TYR J 100 -3.07 -25.87 -47.36
N GLU J 101 -4.10 -26.17 -46.57
CA GLU J 101 -4.08 -26.16 -45.14
C GLU J 101 -4.10 -27.58 -44.61
N GLY J 102 -2.95 -28.03 -44.10
CA GLY J 102 -2.80 -29.41 -43.72
C GLY J 102 -3.86 -29.87 -42.77
N GLU J 103 -4.58 -30.90 -43.19
CA GLU J 103 -5.63 -31.52 -42.38
C GLU J 103 -6.56 -30.48 -41.74
N ALA J 104 -6.97 -29.47 -42.50
CA ALA J 104 -7.88 -28.47 -41.97
C ALA J 104 -9.19 -29.11 -41.48
N ASP J 105 -9.61 -30.19 -42.12
CA ASP J 105 -10.83 -30.92 -41.79
C ASP J 105 -10.82 -31.46 -40.37
N GLU J 106 -9.63 -31.74 -39.87
CA GLU J 106 -9.45 -32.32 -38.58
C GLU J 106 -9.14 -31.25 -37.56
N GLY J 107 -9.21 -30.00 -37.99
CA GLY J 107 -8.91 -28.87 -37.14
C GLY J 107 -7.44 -28.43 -37.09
N GLU J 108 -6.63 -28.81 -38.09
CA GLU J 108 -5.21 -28.44 -38.09
C GLU J 108 -4.88 -27.30 -39.07
N TYR J 109 -5.87 -26.46 -39.36
CA TYR J 109 -5.74 -25.33 -40.28
C TYR J 109 -4.57 -24.43 -39.87
N ASP J 110 -3.69 -24.05 -40.82
CA ASP J 110 -2.49 -23.27 -40.49
C ASP J 110 -2.52 -21.79 -40.87
N ASN J 111 -3.66 -21.28 -41.35
CA ASN J 111 -3.78 -19.87 -41.76
C ASN J 111 -2.63 -19.44 -42.67
N ASN J 112 -2.41 -20.20 -43.71
CA ASN J 112 -1.33 -20.01 -44.67
C ASN J 112 -1.62 -18.83 -45.60
N GLY J 113 -0.73 -17.83 -45.58
CA GLY J 113 -0.85 -16.57 -46.33
C GLY J 113 -0.13 -16.55 -47.69
N PHE J 114 0.34 -17.71 -48.15
CA PHE J 114 1.08 -17.82 -49.40
C PHE J 114 0.16 -18.32 -50.48
N LEU J 115 0.44 -18.00 -51.73
CA LEU J 115 -0.39 -18.50 -52.81
C LEU J 115 0.37 -19.41 -53.78
N LYS J 116 -0.03 -20.68 -53.82
CA LYS J 116 0.68 -21.66 -54.64
C LYS J 116 -0.09 -22.04 -55.88
N HIS J 117 -1.41 -22.01 -55.77
CA HIS J 117 -2.26 -22.42 -56.86
C HIS J 117 -2.89 -21.17 -57.42
N TRP J 118 -2.71 -20.94 -58.71
CA TRP J 118 -3.22 -19.72 -59.35
C TRP J 118 -4.10 -19.95 -60.56
N GLY J 119 -5.05 -19.04 -60.77
CA GLY J 119 -5.92 -19.04 -61.93
C GLY J 119 -5.22 -18.36 -63.12
N GLN J 120 -5.96 -18.11 -64.19
CA GLN J 120 -5.40 -17.56 -65.43
C GLN J 120 -5.51 -16.05 -65.61
N GLY J 121 -6.51 -15.44 -65.00
CA GLY J 121 -6.81 -14.02 -65.18
C GLY J 121 -8.05 -13.84 -66.05
N THR J 122 -9.05 -13.15 -65.49
CA THR J 122 -10.31 -12.86 -66.16
C THR J 122 -10.42 -11.38 -66.41
N LEU J 123 -10.59 -10.98 -67.65
CA LEU J 123 -10.68 -9.55 -67.85
C LEU J 123 -12.07 -9.02 -67.67
N VAL J 124 -12.17 -8.03 -66.80
CA VAL J 124 -13.40 -7.34 -66.57
C VAL J 124 -13.20 -5.87 -66.83
N THR J 125 -14.02 -5.32 -67.71
CA THR J 125 -13.90 -3.91 -67.99
C THR J 125 -15.17 -3.28 -67.47
N VAL J 126 -15.19 -1.94 -67.30
CA VAL J 126 -16.34 -1.22 -66.73
C VAL J 126 -16.56 0.04 -67.54
N LYS K 38 -54.20 11.00 30.09
CA LYS K 38 -53.96 11.19 28.68
C LYS K 38 -52.83 12.21 28.51
N LYS K 39 -52.23 12.25 27.28
CA LYS K 39 -51.17 13.19 26.87
C LYS K 39 -49.96 13.24 27.78
N TRP K 40 -49.24 12.14 27.85
CA TRP K 40 -48.05 12.00 28.68
C TRP K 40 -46.82 12.14 27.81
N VAL K 41 -45.72 12.61 28.36
CA VAL K 41 -44.51 12.73 27.56
C VAL K 41 -43.90 11.37 27.25
N THR K 42 -43.60 11.12 25.99
CA THR K 42 -42.90 9.91 25.59
C THR K 42 -41.63 10.26 24.87
N VAL K 43 -40.55 9.60 25.28
CA VAL K 43 -39.25 9.82 24.73
C VAL K 43 -38.96 8.84 23.61
N TYR K 44 -38.57 9.36 22.46
CA TYR K 44 -38.30 8.53 21.30
C TYR K 44 -36.86 8.61 20.83
N TYR K 45 -36.26 7.47 20.61
CA TYR K 45 -34.91 7.48 20.10
C TYR K 45 -34.91 6.92 18.69
N GLY K 46 -34.27 7.63 17.78
CA GLY K 46 -34.27 7.24 16.39
C GLY K 46 -35.10 8.23 15.58
N VAL K 47 -35.25 9.43 16.12
CA VAL K 47 -35.96 10.49 15.47
C VAL K 47 -35.12 11.02 14.30
N PRO K 48 -35.61 11.01 13.04
CA PRO K 48 -34.87 11.42 11.85
C PRO K 48 -34.81 12.91 11.67
N VAL K 49 -34.22 13.59 12.63
CA VAL K 49 -34.14 15.03 12.59
C VAL K 49 -32.74 15.58 12.57
N TRP K 50 -32.47 16.42 11.57
CA TRP K 50 -31.20 17.08 11.45
C TRP K 50 -31.18 18.52 11.88
N LYS K 51 -29.99 18.95 12.23
CA LYS K 51 -29.69 20.35 12.52
C LYS K 51 -28.41 20.73 11.78
N GLU K 52 -28.31 21.98 11.37
CA GLU K 52 -27.10 22.43 10.68
C GLU K 52 -25.93 22.43 11.62
N ALA K 53 -24.77 22.03 11.13
CA ALA K 53 -23.59 21.95 11.96
C ALA K 53 -22.31 22.23 11.20
N THR K 54 -21.26 22.58 11.92
CA THR K 54 -19.98 22.77 11.28
C THR K 54 -19.03 21.69 11.70
N THR K 55 -18.05 21.43 10.86
CA THR K 55 -17.07 20.41 11.10
C THR K 55 -15.85 20.59 10.23
N THR K 56 -14.76 19.93 10.59
CA THR K 56 -13.54 19.98 9.80
C THR K 56 -13.64 19.05 8.59
N LEU K 57 -14.36 19.54 7.60
CA LEU K 57 -14.71 18.88 6.35
C LEU K 57 -13.41 18.60 5.60
N PHE K 58 -13.28 17.45 4.93
CA PHE K 58 -12.02 17.11 4.26
C PHE K 58 -12.19 17.03 2.76
N CYS K 59 -11.09 17.18 1.97
CA CYS K 59 -11.13 17.12 0.50
C CYS K 59 -10.68 15.77 -0.06
N ALA K 60 -11.16 15.49 -1.27
CA ALA K 60 -10.81 14.33 -2.04
C ALA K 60 -10.71 14.72 -3.51
N SER K 61 -9.79 14.10 -4.23
CA SER K 61 -9.65 14.40 -5.66
C SER K 61 -8.92 13.30 -6.38
N ASP K 62 -8.98 13.32 -7.71
CA ASP K 62 -8.24 12.33 -8.48
C ASP K 62 -6.81 12.81 -8.72
N ALA K 63 -6.04 12.84 -7.64
CA ALA K 63 -4.66 13.32 -7.62
C ALA K 63 -3.73 12.29 -8.27
N LYS K 64 -2.64 12.72 -8.91
CA LYS K 64 -1.72 11.77 -9.54
C LYS K 64 -0.32 11.56 -8.93
N ALA K 65 0.32 12.60 -8.41
CA ALA K 65 1.67 12.54 -7.80
C ALA K 65 2.84 12.20 -8.73
N TYR K 66 2.64 12.19 -10.03
CA TYR K 66 3.77 11.95 -10.92
C TYR K 66 3.92 12.94 -12.06
N ASP K 67 2.97 13.85 -12.21
CA ASP K 67 2.99 14.75 -13.34
C ASP K 67 3.53 16.16 -13.11
N THR K 68 4.06 16.43 -11.90
CA THR K 68 4.72 17.68 -11.43
C THR K 68 3.83 18.93 -11.32
N GLU K 69 2.62 18.83 -11.85
CA GLU K 69 1.65 19.90 -11.92
C GLU K 69 1.26 20.29 -10.52
N VAL K 70 0.99 21.57 -10.30
CA VAL K 70 0.65 22.01 -8.96
C VAL K 70 -0.49 21.30 -8.26
N HIS K 71 -1.60 21.08 -8.91
CA HIS K 71 -2.71 20.54 -8.17
C HIS K 71 -2.49 19.09 -7.82
N ASN K 72 -1.77 18.39 -8.69
CA ASN K 72 -1.52 16.97 -8.49
C ASN K 72 -0.27 16.67 -7.70
N VAL K 73 0.37 17.70 -7.11
CA VAL K 73 1.51 17.44 -6.23
C VAL K 73 1.15 18.03 -4.88
N TRP K 74 -0.05 18.57 -4.83
CA TRP K 74 -0.62 19.18 -3.66
C TRP K 74 -1.65 18.26 -3.09
N ALA K 75 -2.60 17.90 -3.95
CA ALA K 75 -3.73 17.08 -3.63
C ALA K 75 -3.31 15.71 -3.18
N THR K 76 -2.09 15.31 -3.48
CA THR K 76 -1.53 14.03 -3.14
C THR K 76 -1.17 13.92 -1.69
N HIS K 77 -1.07 15.06 -1.00
CA HIS K 77 -0.78 15.08 0.41
C HIS K 77 -1.90 15.75 1.15
N ALA K 78 -2.66 16.58 0.45
CA ALA K 78 -3.75 17.32 1.05
C ALA K 78 -5.12 16.61 1.03
N CYS K 79 -5.43 15.82 -0.03
CA CYS K 79 -6.73 15.20 -0.31
C CYS K 79 -6.62 13.68 -0.42
N VAL K 80 -7.73 13.01 -0.20
CA VAL K 80 -7.77 11.56 -0.33
C VAL K 80 -8.33 11.19 -1.71
N PRO K 81 -8.31 9.91 -2.12
CA PRO K 81 -8.87 9.42 -3.36
C PRO K 81 -10.34 9.71 -3.34
N THR K 82 -10.98 9.74 -4.48
CA THR K 82 -12.38 10.10 -4.52
C THR K 82 -13.26 9.01 -3.96
N ASP K 83 -14.50 9.34 -3.63
CA ASP K 83 -15.43 8.36 -3.06
C ASP K 83 -15.81 7.28 -4.08
N PRO K 84 -15.44 5.99 -3.88
CA PRO K 84 -15.71 4.90 -4.79
C PRO K 84 -17.17 4.45 -4.80
N ASN K 85 -17.99 4.92 -3.84
CA ASN K 85 -19.36 4.44 -3.77
C ASN K 85 -20.37 5.46 -3.23
N PRO K 86 -20.77 6.48 -4.03
CA PRO K 86 -21.71 7.54 -3.69
C PRO K 86 -23.09 6.95 -3.36
N GLN K 87 -23.86 7.56 -2.45
CA GLN K 87 -25.20 6.99 -2.15
C GLN K 87 -26.43 7.76 -2.66
N GLU K 88 -26.36 9.09 -2.78
CA GLU K 88 -27.51 9.90 -3.26
C GLU K 88 -28.85 9.49 -2.63
N ILE K 89 -29.02 9.57 -1.32
CA ILE K 89 -30.31 9.11 -0.80
C ILE K 89 -31.34 10.21 -0.92
N VAL K 90 -32.43 9.98 -1.65
CA VAL K 90 -33.41 11.05 -1.77
C VAL K 90 -34.37 10.99 -0.60
N LEU K 91 -34.49 12.09 0.13
CA LEU K 91 -35.29 12.08 1.34
C LEU K 91 -36.75 12.37 1.13
N GLY K 92 -37.41 11.54 0.35
CA GLY K 92 -38.85 11.71 0.19
C GLY K 92 -39.25 13.08 -0.30
N ASN K 93 -40.15 13.70 0.48
CA ASN K 93 -40.74 15.01 0.24
C ASN K 93 -40.16 16.09 1.16
N VAL K 94 -38.99 15.85 1.70
CA VAL K 94 -38.36 16.82 2.57
C VAL K 94 -38.11 18.15 1.92
N THR K 95 -38.48 19.20 2.66
CA THR K 95 -38.25 20.56 2.24
C THR K 95 -37.26 21.16 3.22
N GLU K 96 -36.18 21.74 2.72
CA GLU K 96 -35.10 22.27 3.57
C GLU K 96 -34.69 23.68 3.21
N ASN K 97 -34.51 24.53 4.21
CA ASN K 97 -34.10 25.90 3.94
C ASN K 97 -32.59 26.08 3.81
N PHE K 98 -32.17 26.41 2.59
CA PHE K 98 -30.77 26.57 2.25
C PHE K 98 -30.47 28.06 2.15
N ASN K 99 -29.22 28.45 2.35
CA ASN K 99 -28.83 29.84 2.15
C ASN K 99 -27.37 29.89 1.71
N MET K 100 -27.14 30.10 0.43
CA MET K 100 -25.80 30.05 -0.12
C MET K 100 -24.90 31.17 0.36
N TRP K 101 -25.49 32.22 0.90
CA TRP K 101 -24.70 33.34 1.33
C TRP K 101 -24.33 33.27 2.78
N LYS K 102 -24.82 32.26 3.50
CA LYS K 102 -24.55 32.14 4.93
C LYS K 102 -23.90 30.82 5.24
N ASN K 103 -23.49 30.12 4.21
CA ASN K 103 -22.91 28.80 4.28
C ASN K 103 -21.49 28.85 4.84
N ASN K 104 -21.06 27.73 5.40
CA ASN K 104 -19.71 27.61 5.96
C ASN K 104 -18.76 26.84 5.07
N MET K 105 -19.30 26.04 4.13
CA MET K 105 -18.45 25.20 3.29
C MET K 105 -17.57 26.06 2.41
N VAL K 106 -18.03 27.28 2.20
CA VAL K 106 -17.42 28.29 1.39
C VAL K 106 -16.13 28.74 2.03
N GLU K 107 -16.14 28.91 3.35
CA GLU K 107 -14.96 29.39 4.02
C GLU K 107 -13.94 28.29 4.02
N GLN K 108 -14.42 27.07 4.16
CA GLN K 108 -13.50 25.97 4.19
C GLN K 108 -12.83 25.81 2.83
N MET K 109 -13.58 26.00 1.73
CA MET K 109 -12.93 25.91 0.45
C MET K 109 -11.93 27.04 0.30
N HIS K 110 -12.27 28.22 0.81
CA HIS K 110 -11.35 29.34 0.74
C HIS K 110 -10.03 29.01 1.43
N GLU K 111 -10.07 28.44 2.63
CA GLU K 111 -8.82 28.12 3.30
C GLU K 111 -7.97 27.11 2.53
N ASP K 112 -8.58 26.11 1.91
CA ASP K 112 -7.73 25.17 1.18
C ASP K 112 -7.12 25.77 -0.07
N ILE K 113 -7.87 26.61 -0.78
CA ILE K 113 -7.34 27.18 -1.99
C ILE K 113 -6.28 28.22 -1.69
N ILE K 114 -6.47 29.04 -0.67
CA ILE K 114 -5.44 30.01 -0.37
C ILE K 114 -4.15 29.27 0.02
N SER K 115 -4.27 28.11 0.70
CA SER K 115 -3.09 27.35 1.05
C SER K 115 -2.43 26.80 -0.21
N LEU K 116 -3.23 26.31 -1.14
CA LEU K 116 -2.76 25.76 -2.40
C LEU K 116 -1.97 26.75 -3.19
N TRP K 117 -2.49 27.95 -3.33
CA TRP K 117 -1.77 28.92 -4.10
C TRP K 117 -0.49 29.38 -3.41
N ASP K 118 -0.53 29.58 -2.09
CA ASP K 118 0.67 30.07 -1.40
C ASP K 118 1.80 29.05 -1.45
N GLN K 119 1.42 27.79 -1.47
CA GLN K 119 2.34 26.68 -1.50
C GLN K 119 2.82 26.30 -2.91
N SER K 120 2.37 27.03 -3.94
CA SER K 120 2.72 26.68 -5.30
C SER K 120 3.13 27.86 -6.16
N LEU K 121 2.20 28.77 -6.44
CA LEU K 121 2.50 29.88 -7.33
C LEU K 121 3.13 30.96 -6.52
N LYS K 122 4.37 30.71 -6.15
CA LYS K 122 5.12 31.60 -5.30
C LYS K 122 5.60 32.77 -6.14
N PRO K 123 5.38 34.01 -5.70
CA PRO K 123 5.83 35.21 -6.33
C PRO K 123 7.28 35.35 -6.05
N CYS K 124 7.99 36.09 -6.90
CA CYS K 124 9.39 36.46 -6.71
C CYS K 124 9.47 37.49 -5.59
N VAL K 125 8.53 38.42 -5.61
CA VAL K 125 8.47 39.45 -4.58
C VAL K 125 7.07 39.49 -3.98
N LYS K 126 6.94 39.43 -2.66
CA LYS K 126 5.62 39.51 -2.02
C LYS K 126 5.59 40.62 -0.99
N LEU K 127 4.62 41.52 -1.10
CA LEU K 127 4.51 42.64 -0.18
C LEU K 127 3.21 42.61 0.58
N THR K 128 3.32 42.40 1.89
CA THR K 128 2.16 42.28 2.76
C THR K 128 2.17 43.51 3.69
N PRO K 129 1.08 44.26 3.85
CA PRO K 129 1.02 45.49 4.64
C PRO K 129 1.00 45.29 6.17
N LEU K 130 2.14 44.80 6.70
CA LEU K 130 2.35 44.52 8.13
C LEU K 130 3.19 45.66 8.72
N ASN K 213 4.17 50.59 7.96
CA ASN K 213 5.24 49.65 7.67
C ASN K 213 4.67 48.49 6.86
N THR K 214 5.55 47.82 6.08
CA THR K 214 5.25 46.64 5.25
C THR K 214 6.27 45.56 5.58
N SER K 215 5.98 44.35 5.14
CA SER K 215 6.89 43.23 5.28
C SER K 215 7.04 42.56 3.94
N VAL K 216 8.27 42.56 3.45
CA VAL K 216 8.53 42.06 2.12
C VAL K 216 9.47 40.91 2.11
N ILE K 217 9.07 39.86 1.42
CA ILE K 217 9.91 38.69 1.29
C ILE K 217 10.11 38.36 -0.16
N THR K 218 11.13 37.58 -0.44
CA THR K 218 11.32 37.10 -1.78
C THR K 218 11.48 35.61 -1.77
N GLN K 219 11.15 35.01 -2.89
CA GLN K 219 11.18 33.56 -3.04
C GLN K 219 11.76 33.15 -4.37
N ALA K 220 12.27 31.92 -4.46
CA ALA K 220 12.71 31.41 -5.76
C ALA K 220 11.47 31.25 -6.64
N CYS K 221 11.58 31.50 -7.97
CA CYS K 221 10.46 31.41 -8.94
C CYS K 221 10.64 30.36 -10.05
N PRO K 222 10.61 29.07 -9.73
CA PRO K 222 10.60 28.07 -10.75
C PRO K 222 9.23 28.27 -11.33
N LYS K 223 9.04 28.04 -12.60
CA LYS K 223 7.69 28.15 -13.09
C LYS K 223 7.09 26.79 -12.98
N VAL K 224 5.79 26.72 -12.80
CA VAL K 224 5.14 25.43 -12.70
C VAL K 224 3.94 25.33 -13.60
N SER K 225 3.57 24.10 -13.93
CA SER K 225 2.35 23.87 -14.69
C SER K 225 1.21 24.21 -13.77
N PHE K 226 0.15 24.78 -14.33
CA PHE K 226 -0.99 25.12 -13.50
C PHE K 226 -2.27 24.89 -14.26
N GLU K 227 -2.91 23.79 -13.91
CA GLU K 227 -4.15 23.33 -14.51
C GLU K 227 -5.12 22.78 -13.46
N PRO K 228 -6.08 23.58 -12.98
CA PRO K 228 -7.03 23.23 -11.93
C PRO K 228 -7.77 21.94 -12.23
N ILE K 229 -7.97 21.15 -11.17
CA ILE K 229 -8.61 19.86 -11.25
C ILE K 229 -9.82 19.98 -10.34
N PRO K 230 -10.88 19.21 -10.51
CA PRO K 230 -12.00 19.24 -9.62
C PRO K 230 -11.59 18.68 -8.27
N ILE K 231 -12.01 19.34 -7.21
CA ILE K 231 -11.79 18.87 -5.86
C ILE K 231 -13.12 18.83 -5.14
N HIS K 232 -13.43 17.74 -4.47
CA HIS K 232 -14.69 17.69 -3.75
C HIS K 232 -14.51 17.58 -2.27
N TYR K 233 -15.52 18.07 -1.57
CA TYR K 233 -15.50 18.05 -0.11
C TYR K 233 -16.36 16.93 0.39
N CYS K 234 -15.90 16.24 1.46
CA CYS K 234 -16.52 15.07 2.06
C CYS K 234 -16.74 15.23 3.56
N ALA K 235 -17.89 14.74 4.02
CA ALA K 235 -18.27 14.76 5.42
C ALA K 235 -17.41 13.81 6.28
N PRO K 236 -16.96 14.23 7.47
CA PRO K 236 -16.30 13.42 8.48
C PRO K 236 -17.30 12.47 9.07
N ALA K 237 -16.84 11.39 9.66
CA ALA K 237 -17.78 10.49 10.30
C ALA K 237 -18.63 11.23 11.32
N GLY K 238 -19.92 10.91 11.32
CA GLY K 238 -20.94 11.50 12.15
C GLY K 238 -21.76 12.55 11.38
N PHE K 239 -21.27 12.97 10.23
CA PHE K 239 -21.94 14.00 9.42
C PHE K 239 -22.33 13.58 8.03
N ALA K 240 -23.28 14.33 7.46
CA ALA K 240 -23.67 14.11 6.07
C ALA K 240 -24.04 15.44 5.44
N ILE K 241 -24.01 15.51 4.12
CA ILE K 241 -24.33 16.74 3.42
C ILE K 241 -25.67 16.68 2.71
N LEU K 242 -26.52 17.66 2.96
CA LEU K 242 -27.80 17.69 2.29
C LEU K 242 -27.58 18.46 1.02
N LYS K 243 -28.22 18.01 -0.05
CA LYS K 243 -28.09 18.68 -1.33
C LYS K 243 -29.46 19.07 -1.90
N CYS K 244 -29.54 20.29 -2.48
CA CYS K 244 -30.73 20.82 -3.15
C CYS K 244 -30.73 20.38 -4.61
N ASN K 245 -31.76 19.63 -4.98
CA ASN K 245 -31.89 19.07 -6.32
C ASN K 245 -32.92 19.76 -7.18
N SER K 246 -33.38 20.92 -6.77
CA SER K 246 -34.35 21.65 -7.55
C SER K 246 -33.72 22.17 -8.82
N LYS K 247 -34.50 22.22 -9.89
CA LYS K 247 -33.98 22.82 -11.13
C LYS K 247 -33.98 24.32 -10.95
N THR K 248 -34.97 24.80 -10.21
CA THR K 248 -35.06 26.21 -9.94
C THR K 248 -34.85 26.43 -8.47
N PHE K 249 -33.85 27.21 -8.17
CA PHE K 249 -33.48 27.56 -6.82
C PHE K 249 -32.71 28.84 -6.90
N ASN K 250 -33.16 29.85 -6.16
CA ASN K 250 -32.58 31.18 -6.20
C ASN K 250 -31.47 31.43 -5.18
N GLY K 251 -30.99 30.38 -4.57
CA GLY K 251 -29.92 30.48 -3.60
C GLY K 251 -30.39 30.53 -2.15
N SER K 252 -31.68 30.71 -1.93
CA SER K 252 -32.13 30.74 -0.56
C SER K 252 -33.57 30.31 -0.36
N GLY K 253 -33.88 29.88 0.85
CA GLY K 253 -35.23 29.53 1.19
C GLY K 253 -35.44 28.06 0.95
N PRO K 254 -36.66 27.56 1.06
CA PRO K 254 -36.97 26.16 0.99
C PRO K 254 -36.70 25.59 -0.38
N CYS K 255 -36.05 24.43 -0.42
CA CYS K 255 -35.75 23.61 -1.57
C CYS K 255 -36.64 22.41 -1.36
N THR K 256 -37.45 22.09 -2.35
CA THR K 256 -38.44 21.02 -2.20
C THR K 256 -38.05 19.59 -2.62
N ASN K 257 -36.80 19.37 -3.03
CA ASN K 257 -36.24 18.07 -3.42
C ASN K 257 -34.82 17.98 -2.84
N VAL K 258 -34.65 17.20 -1.75
CA VAL K 258 -33.39 17.10 -0.98
C VAL K 258 -32.87 15.68 -0.92
N SER K 259 -31.58 15.52 -1.20
CA SER K 259 -30.94 14.21 -1.11
C SER K 259 -29.72 14.29 -0.20
N THR K 260 -29.28 13.16 0.31
CA THR K 260 -28.11 13.17 1.19
C THR K 260 -26.92 12.48 0.55
N VAL K 261 -25.79 13.16 0.59
CA VAL K 261 -24.56 12.65 0.03
C VAL K 261 -23.41 12.76 1.04
N GLN K 262 -22.34 12.00 0.82
CA GLN K 262 -21.16 12.24 1.65
C GLN K 262 -20.25 13.32 1.08
N CYS K 263 -20.08 13.34 -0.26
CA CYS K 263 -19.15 14.20 -0.97
C CYS K 263 -19.90 15.06 -1.98
N THR K 264 -19.35 16.24 -2.24
CA THR K 264 -19.89 17.16 -3.22
C THR K 264 -19.50 16.73 -4.61
N HIS K 265 -20.12 17.35 -5.61
CA HIS K 265 -19.86 17.12 -7.03
C HIS K 265 -18.39 17.24 -7.42
N GLY K 266 -17.78 18.30 -6.93
CA GLY K 266 -16.39 18.64 -7.24
C GLY K 266 -16.33 19.95 -7.93
N ILE K 267 -15.51 20.81 -7.36
CA ILE K 267 -15.35 22.14 -7.86
C ILE K 267 -13.96 22.34 -8.35
N ARG K 268 -13.84 22.77 -9.57
CA ARG K 268 -12.54 23.07 -10.10
C ARG K 268 -12.26 24.47 -9.60
N PRO K 269 -11.19 24.70 -8.83
CA PRO K 269 -10.89 25.97 -8.20
C PRO K 269 -10.33 26.98 -9.16
N VAL K 270 -11.12 27.40 -10.10
CA VAL K 270 -10.68 28.42 -11.01
C VAL K 270 -10.83 29.72 -10.31
N VAL K 271 -9.78 30.51 -10.35
CA VAL K 271 -9.81 31.80 -9.72
C VAL K 271 -9.91 32.83 -10.83
N SER K 272 -11.06 33.49 -10.93
CA SER K 272 -11.32 34.45 -12.00
C SER K 272 -12.29 35.52 -11.58
N THR K 273 -12.34 36.57 -12.38
CA THR K 273 -13.28 37.67 -12.17
C THR K 273 -14.16 37.82 -13.39
N GLN K 274 -15.29 38.54 -13.29
CA GLN K 274 -16.26 38.83 -14.37
C GLN K 274 -16.96 37.62 -14.99
N LEU K 275 -16.19 36.69 -15.54
CA LEU K 275 -16.71 35.47 -16.12
C LEU K 275 -16.09 34.31 -15.35
N LEU K 276 -16.94 33.37 -14.99
CA LEU K 276 -16.54 32.20 -14.25
C LEU K 276 -16.34 31.11 -15.23
N LEU K 277 -15.19 30.49 -15.15
CA LEU K 277 -14.86 29.48 -16.10
C LEU K 277 -14.82 28.08 -15.45
N ASN K 278 -15.19 27.07 -16.27
CA ASN K 278 -15.17 25.63 -16.03
C ASN K 278 -15.98 25.18 -14.78
N GLY K 279 -17.14 25.82 -14.52
CA GLY K 279 -18.05 25.49 -13.42
C GLY K 279 -19.18 24.64 -13.95
N SER K 280 -20.21 24.50 -13.15
CA SER K 280 -21.35 23.69 -13.56
C SER K 280 -22.41 24.55 -14.22
N LEU K 281 -23.32 23.89 -14.92
CA LEU K 281 -24.44 24.56 -15.56
C LEU K 281 -25.74 24.35 -14.83
N ALA K 282 -26.66 25.27 -15.06
CA ALA K 282 -28.01 25.30 -14.47
C ALA K 282 -28.95 24.33 -15.15
N GLU K 283 -28.50 23.74 -16.23
CA GLU K 283 -29.20 22.75 -17.05
C GLU K 283 -30.43 23.23 -17.82
N GLU K 284 -31.44 23.75 -17.13
CA GLU K 284 -32.64 24.16 -17.85
C GLU K 284 -32.80 25.64 -18.10
N GLU K 285 -32.45 26.48 -17.15
CA GLU K 285 -32.65 27.91 -17.31
C GLU K 285 -31.52 28.71 -16.73
N ILE K 286 -31.36 29.93 -17.19
CA ILE K 286 -30.35 30.75 -16.56
C ILE K 286 -30.91 31.19 -15.23
N VAL K 287 -30.15 30.99 -14.19
CA VAL K 287 -30.64 31.33 -12.87
C VAL K 287 -29.95 32.54 -12.32
N ILE K 288 -30.75 33.51 -11.89
CA ILE K 288 -30.21 34.72 -11.35
C ILE K 288 -30.27 34.63 -9.82
N ARG K 289 -29.11 34.59 -9.17
CA ARG K 289 -29.09 34.43 -7.73
C ARG K 289 -28.47 35.61 -7.01
N SER K 290 -29.18 36.16 -6.05
CA SER K 290 -28.65 37.26 -5.29
C SER K 290 -29.22 37.26 -3.90
N GLU K 291 -28.40 37.61 -2.92
CA GLU K 291 -28.89 37.68 -1.54
C GLU K 291 -30.11 38.62 -1.44
N ASN K 292 -30.04 39.77 -2.13
CA ASN K 292 -31.08 40.79 -2.28
C ASN K 292 -30.93 41.42 -3.67
N ILE K 293 -31.74 40.97 -4.65
CA ILE K 293 -31.66 41.35 -6.07
C ILE K 293 -31.95 42.85 -6.27
N THR K 294 -32.55 43.48 -5.26
CA THR K 294 -32.85 44.88 -5.33
C THR K 294 -32.00 45.78 -4.44
N ASP K 295 -30.96 45.28 -3.72
CA ASP K 295 -30.27 46.25 -2.85
C ASP K 295 -29.17 47.04 -3.55
N ASN K 296 -28.91 46.72 -4.80
CA ASN K 296 -27.90 47.39 -5.58
C ASN K 296 -26.58 47.42 -4.85
N ALA K 297 -26.20 46.32 -4.22
CA ALA K 297 -24.96 46.25 -3.52
C ALA K 297 -24.32 44.90 -3.75
N LYS K 298 -25.11 43.85 -3.61
CA LYS K 298 -24.54 42.52 -3.69
C LYS K 298 -24.38 42.09 -5.14
N THR K 299 -23.37 41.27 -5.39
CA THR K 299 -23.10 40.71 -6.70
C THR K 299 -24.10 39.65 -7.04
N ILE K 300 -24.60 39.71 -8.25
CA ILE K 300 -25.54 38.77 -8.78
C ILE K 300 -24.80 37.67 -9.47
N ILE K 301 -25.06 36.45 -9.09
CA ILE K 301 -24.40 35.36 -9.74
C ILE K 301 -25.33 34.78 -10.77
N VAL K 302 -24.89 34.80 -12.00
CA VAL K 302 -25.70 34.30 -13.09
C VAL K 302 -25.18 32.95 -13.51
N GLN K 303 -25.98 31.93 -13.33
CA GLN K 303 -25.51 30.60 -13.74
C GLN K 303 -26.12 30.27 -15.07
N LEU K 304 -25.30 29.93 -16.04
CA LEU K 304 -25.83 29.67 -17.35
C LEU K 304 -26.31 28.25 -17.46
N ASN K 305 -27.29 28.01 -18.33
CA ASN K 305 -27.75 26.66 -18.61
C ASN K 305 -27.03 26.04 -19.80
N GLU K 306 -26.15 26.81 -20.39
CA GLU K 306 -25.35 26.39 -21.53
C GLU K 306 -23.98 27.00 -21.38
N ALA K 307 -22.94 26.30 -21.82
CA ALA K 307 -21.62 26.91 -21.76
C ALA K 307 -21.29 27.60 -23.07
N VAL K 308 -20.49 28.64 -22.97
CA VAL K 308 -19.97 29.32 -24.15
C VAL K 308 -18.47 29.16 -24.24
N GLU K 309 -17.97 28.71 -25.37
CA GLU K 309 -16.55 28.49 -25.48
C GLU K 309 -15.77 29.76 -25.69
N ILE K 310 -14.66 29.88 -24.99
CA ILE K 310 -13.71 30.98 -25.16
C ILE K 310 -12.31 30.39 -25.43
N ASN K 311 -11.67 30.75 -26.58
CA ASN K 311 -10.35 30.25 -26.98
C ASN K 311 -9.29 31.36 -26.89
N CYS K 312 -8.44 31.33 -25.84
CA CYS K 312 -7.43 32.35 -25.53
C CYS K 312 -6.04 31.87 -25.93
N THR K 313 -5.44 32.56 -26.89
CA THR K 313 -4.14 32.14 -27.39
C THR K 313 -3.09 33.24 -27.50
N ARG K 314 -1.88 32.89 -27.08
CA ARG K 314 -0.68 33.69 -27.26
C ARG K 314 0.28 32.90 -28.15
N PRO K 315 0.26 33.11 -29.47
CA PRO K 315 0.97 32.32 -30.46
C PRO K 315 2.47 32.46 -30.35
N ASN K 316 3.20 31.42 -30.76
CA ASN K 316 4.66 31.50 -30.68
C ASN K 316 5.29 32.21 -31.86
N ASN K 317 5.01 33.48 -31.94
CA ASN K 317 5.54 34.37 -32.93
C ASN K 317 5.60 35.73 -32.26
N ASN K 318 5.05 35.75 -31.06
CA ASN K 318 5.12 36.94 -30.25
C ASN K 318 6.38 36.93 -29.45
N THR K 319 7.47 37.25 -30.13
CA THR K 319 8.81 37.22 -29.56
C THR K 319 9.39 38.61 -29.43
N ARG K 320 8.62 39.61 -29.83
CA ARG K 320 9.06 41.01 -29.82
C ARG K 320 8.93 41.61 -28.43
N LYS K 321 9.86 42.48 -28.09
CA LYS K 321 9.81 43.18 -26.83
C LYS K 321 9.94 44.69 -27.07
N SER K 322 9.37 45.53 -26.17
CA SER K 322 9.45 47.00 -26.21
C SER K 322 10.72 47.46 -25.47
N ASN K 340 3.83 41.92 -29.12
CA ASN K 340 4.94 41.64 -28.23
C ASN K 340 4.68 40.32 -27.46
N ILE K 341 5.65 39.91 -26.61
CA ILE K 341 5.63 38.69 -25.77
C ILE K 341 4.52 38.61 -24.71
N ARG K 342 3.85 39.73 -24.45
CA ARG K 342 2.76 39.75 -23.49
C ARG K 342 1.36 39.86 -24.08
N GLN K 343 1.24 39.85 -25.40
CA GLN K 343 -0.09 39.98 -26.02
C GLN K 343 -0.74 38.66 -26.37
N ALA K 344 -2.04 38.58 -26.11
CA ALA K 344 -2.83 37.40 -26.43
C ALA K 344 -4.24 37.82 -26.86
N HIS K 345 -4.90 36.97 -27.66
CA HIS K 345 -6.28 37.24 -28.07
C HIS K 345 -7.25 36.12 -27.66
N CYS K 346 -8.47 36.49 -27.16
CA CYS K 346 -9.54 35.52 -26.81
C CYS K 346 -10.69 35.63 -27.79
N ASN K 347 -10.98 34.52 -28.42
CA ASN K 347 -12.02 34.41 -29.46
C ASN K 347 -13.32 33.78 -28.92
N ILE K 348 -14.43 34.56 -29.00
CA ILE K 348 -15.80 34.21 -28.56
C ILE K 348 -16.81 34.21 -29.73
N SER K 349 -17.60 33.16 -29.86
CA SER K 349 -18.58 33.11 -30.95
C SER K 349 -19.64 34.19 -30.79
N LYS K 350 -20.02 34.85 -31.90
CA LYS K 350 -21.02 35.91 -31.81
C LYS K 350 -22.36 35.30 -31.64
N ALA K 351 -22.59 34.19 -32.33
CA ALA K 351 -23.87 33.54 -32.24
C ALA K 351 -24.12 33.04 -30.82
N ARG K 352 -23.08 32.52 -30.19
CA ARG K 352 -23.28 31.99 -28.86
C ARG K 352 -23.42 33.10 -27.85
N TRP K 353 -22.62 34.14 -27.99
CA TRP K 353 -22.70 35.21 -27.05
C TRP K 353 -24.05 35.89 -27.14
N ASN K 354 -24.52 36.16 -28.36
CA ASN K 354 -25.76 36.87 -28.50
C ASN K 354 -26.94 36.08 -27.98
N GLU K 355 -26.95 34.76 -28.18
CA GLU K 355 -28.06 33.98 -27.67
C GLU K 355 -28.03 33.95 -26.16
N THR K 356 -26.85 33.81 -25.59
CA THR K 356 -26.74 33.73 -24.15
C THR K 356 -27.19 35.02 -23.50
N LEU K 357 -26.77 36.14 -24.06
CA LEU K 357 -27.10 37.41 -23.44
C LEU K 357 -28.56 37.73 -23.62
N GLY K 358 -29.15 37.33 -24.75
CA GLY K 358 -30.56 37.54 -24.92
C GLY K 358 -31.36 36.76 -23.86
N GLN K 359 -30.93 35.53 -23.57
CA GLN K 359 -31.59 34.71 -22.56
C GLN K 359 -31.44 35.31 -21.17
N ILE K 360 -30.28 35.90 -20.88
CA ILE K 360 -30.07 36.51 -19.58
C ILE K 360 -31.04 37.66 -19.45
N VAL K 361 -31.17 38.47 -20.49
CA VAL K 361 -32.08 39.60 -20.43
C VAL K 361 -33.48 39.13 -20.22
N ALA K 362 -33.89 38.06 -20.88
CA ALA K 362 -35.26 37.62 -20.71
C ALA K 362 -35.57 37.37 -19.23
N LYS K 363 -34.60 36.85 -18.47
CA LYS K 363 -34.84 36.65 -17.04
C LYS K 363 -34.72 37.97 -16.25
N LEU K 364 -33.80 38.84 -16.65
CA LEU K 364 -33.63 40.09 -15.92
C LEU K 364 -34.90 40.93 -16.03
N GLU K 365 -35.59 40.84 -17.17
CA GLU K 365 -36.84 41.54 -17.42
C GLU K 365 -37.99 41.03 -16.57
N GLU K 366 -37.91 39.82 -16.01
CA GLU K 366 -39.00 39.37 -15.19
C GLU K 366 -38.93 40.14 -13.90
N GLN K 367 -37.69 40.27 -13.40
CA GLN K 367 -37.45 41.01 -12.17
C GLN K 367 -37.59 42.53 -12.37
N PHE K 368 -37.16 43.03 -13.53
CA PHE K 368 -37.16 44.45 -13.82
C PHE K 368 -37.86 44.76 -15.16
N PRO K 369 -39.18 44.59 -15.28
CA PRO K 369 -39.97 44.66 -16.50
C PRO K 369 -40.06 46.03 -17.16
N ASN K 370 -39.70 47.09 -16.44
CA ASN K 370 -39.82 48.42 -17.01
C ASN K 370 -38.52 48.99 -17.59
N LYS K 371 -37.45 48.19 -17.63
CA LYS K 371 -36.18 48.70 -18.19
C LYS K 371 -35.51 47.69 -19.14
N THR K 372 -34.76 48.20 -20.15
CA THR K 372 -34.00 47.42 -21.14
C THR K 372 -32.52 47.42 -20.72
N PHE K 375 -23.39 44.25 -19.64
CA PHE K 375 -24.23 45.05 -20.54
C PHE K 375 -23.80 46.54 -20.65
N ASN K 376 -22.73 46.93 -19.90
CA ASN K 376 -22.10 48.23 -19.88
C ASN K 376 -20.63 48.04 -19.47
N HIS K 377 -19.83 49.12 -19.58
CA HIS K 377 -18.41 49.24 -19.26
C HIS K 377 -18.19 49.17 -17.75
N SER K 378 -17.13 48.53 -17.31
CA SER K 378 -16.90 48.48 -15.89
C SER K 378 -16.60 49.88 -15.38
N SER K 379 -16.83 50.11 -14.10
CA SER K 379 -16.61 51.42 -13.51
C SER K 379 -15.15 51.78 -13.25
N GLY K 380 -14.32 50.79 -13.04
CA GLY K 380 -12.94 51.09 -12.71
C GLY K 380 -12.58 50.46 -11.38
N GLY K 381 -11.30 50.46 -11.07
CA GLY K 381 -10.80 49.85 -9.87
C GLY K 381 -9.55 49.09 -10.20
N ASP K 382 -9.16 48.20 -9.32
CA ASP K 382 -7.97 47.42 -9.52
C ASP K 382 -8.15 46.68 -10.84
N PRO K 383 -7.08 46.46 -11.63
CA PRO K 383 -7.13 45.84 -12.93
C PRO K 383 -7.73 44.44 -12.94
N GLU K 384 -7.70 43.72 -11.83
CA GLU K 384 -8.27 42.38 -11.76
C GLU K 384 -9.78 42.42 -11.82
N ILE K 385 -10.36 43.57 -11.53
CA ILE K 385 -11.79 43.73 -11.54
C ILE K 385 -12.21 44.34 -12.84
N VAL K 386 -11.44 45.32 -13.28
CA VAL K 386 -11.75 46.07 -14.47
C VAL K 386 -11.75 45.20 -15.69
N THR K 387 -10.74 44.36 -15.82
CA THR K 387 -10.67 43.42 -16.91
C THR K 387 -10.97 42.05 -16.40
N HIS K 388 -11.22 41.13 -17.31
CA HIS K 388 -11.42 39.76 -16.93
C HIS K 388 -10.09 39.22 -16.56
N SER K 389 -10.01 38.37 -15.56
CA SER K 389 -8.70 37.82 -15.30
C SER K 389 -8.76 36.37 -14.94
N PHE K 390 -7.68 35.69 -15.27
CA PHE K 390 -7.51 34.26 -14.99
C PHE K 390 -6.06 33.81 -15.00
N ASN K 391 -5.79 32.61 -14.51
CA ASN K 391 -4.43 32.08 -14.56
C ASN K 391 -4.35 30.71 -15.21
N CYS K 392 -3.61 30.63 -16.32
CA CYS K 392 -3.44 29.37 -17.04
C CYS K 392 -2.02 29.15 -17.44
N GLY K 393 -1.47 27.98 -17.15
CA GLY K 393 -0.10 27.71 -17.57
C GLY K 393 0.87 28.39 -16.63
N GLY K 394 0.31 28.94 -15.57
CA GLY K 394 1.00 29.69 -14.55
C GLY K 394 0.99 31.18 -14.85
N GLU K 395 0.51 31.57 -16.04
CA GLU K 395 0.52 32.97 -16.39
C GLU K 395 -0.77 33.70 -16.08
N PHE K 396 -0.62 34.95 -15.68
CA PHE K 396 -1.77 35.78 -15.32
C PHE K 396 -2.26 36.66 -16.44
N PHE K 397 -3.45 36.37 -16.92
CA PHE K 397 -4.03 37.06 -18.04
C PHE K 397 -5.07 38.06 -17.61
N TYR K 398 -5.04 39.22 -18.25
CA TYR K 398 -6.03 40.28 -18.06
C TYR K 398 -6.66 40.57 -19.43
N CYS K 399 -8.02 40.52 -19.57
CA CYS K 399 -8.69 40.68 -20.87
C CYS K 399 -9.75 41.77 -20.89
N ASN K 400 -9.74 42.52 -21.96
CA ASN K 400 -10.69 43.59 -22.25
C ASN K 400 -12.01 42.97 -22.73
N THR K 401 -13.10 43.14 -21.95
CA THR K 401 -14.43 42.58 -22.18
C THR K 401 -15.45 43.60 -22.67
N THR K 402 -15.01 44.80 -23.05
CA THR K 402 -16.01 45.74 -23.54
C THR K 402 -16.68 45.24 -24.82
N PRO K 403 -16.04 44.42 -25.71
CA PRO K 403 -16.67 43.82 -26.87
C PRO K 403 -17.80 42.87 -26.51
N LEU K 404 -17.86 42.42 -25.26
CA LEU K 404 -18.89 41.50 -24.82
C LEU K 404 -20.02 42.21 -24.08
N PHE K 405 -19.66 43.26 -23.35
CA PHE K 405 -20.62 43.96 -22.53
C PHE K 405 -20.74 45.45 -22.88
N ASN K 406 -21.69 45.78 -23.79
CA ASN K 406 -21.93 47.13 -24.29
C ASN K 406 -23.39 47.29 -24.73
N GLN K 423 -18.46 36.57 -37.11
CA GLN K 423 -18.14 35.74 -35.96
C GLN K 423 -16.77 36.12 -35.37
N ASN K 424 -16.35 35.40 -34.29
CA ASN K 424 -15.08 35.51 -33.57
C ASN K 424 -14.82 36.93 -33.00
N ILE K 425 -15.45 37.24 -31.85
CA ILE K 425 -15.30 38.50 -31.12
C ILE K 425 -13.95 38.37 -30.47
N THR K 426 -13.07 39.33 -30.63
CA THR K 426 -11.79 39.14 -30.01
C THR K 426 -11.55 40.10 -28.88
N LEU K 427 -11.03 39.57 -27.81
CA LEU K 427 -10.71 40.39 -26.67
C LEU K 427 -9.23 40.63 -26.68
N GLN K 428 -8.82 41.86 -26.39
CA GLN K 428 -7.39 42.10 -26.24
C GLN K 428 -6.98 41.76 -24.85
N CYS K 429 -5.96 40.88 -24.70
CA CYS K 429 -5.45 40.39 -23.44
C CYS K 429 -3.98 40.72 -23.29
N ARG K 430 -3.57 40.84 -22.04
CA ARG K 430 -2.18 41.04 -21.72
C ARG K 430 -1.78 40.14 -20.57
N ILE K 431 -0.56 39.67 -20.59
CA ILE K 431 -0.02 38.89 -19.50
C ILE K 431 0.80 39.79 -18.63
N LYS K 432 0.47 39.82 -17.35
CA LYS K 432 1.12 40.75 -16.43
C LYS K 432 1.93 40.05 -15.35
N GLN K 433 2.92 40.78 -14.83
CA GLN K 433 3.78 40.29 -13.76
C GLN K 433 3.43 40.85 -12.41
N ILE K 434 2.83 42.03 -12.34
CA ILE K 434 2.52 42.58 -11.02
C ILE K 434 1.04 42.34 -10.81
N ILE K 435 0.74 41.50 -9.83
CA ILE K 435 -0.58 41.02 -9.52
C ILE K 435 -1.07 41.48 -8.17
N ASN K 436 -2.32 41.98 -8.09
CA ASN K 436 -2.85 42.30 -6.78
C ASN K 436 -3.39 40.99 -6.27
N MET K 437 -2.98 40.60 -5.08
CA MET K 437 -3.35 39.29 -4.58
C MET K 437 -4.82 39.20 -4.21
N TRP K 438 -5.42 38.02 -4.43
CA TRP K 438 -6.82 37.79 -4.04
C TRP K 438 -6.84 37.18 -2.67
N GLN K 439 -5.67 36.76 -2.24
CA GLN K 439 -5.42 36.05 -1.01
C GLN K 439 -5.54 36.96 0.21
N GLY K 440 -5.43 38.24 -0.01
CA GLY K 440 -5.46 39.22 1.05
C GLY K 440 -4.93 40.50 0.48
N VAL K 441 -4.84 41.54 1.26
CA VAL K 441 -4.33 42.76 0.70
C VAL K 441 -2.84 42.70 0.59
N GLY K 442 -2.34 43.01 -0.59
CA GLY K 442 -0.93 43.02 -0.87
C GLY K 442 -0.67 42.85 -2.36
N LYS K 443 0.59 43.04 -2.74
CA LYS K 443 1.01 42.92 -4.13
C LYS K 443 2.05 41.86 -4.30
N ALA K 444 2.12 41.31 -5.51
CA ALA K 444 3.15 40.36 -5.75
C ALA K 444 3.68 40.39 -7.17
N MET K 445 4.98 40.12 -7.30
CA MET K 445 5.63 40.03 -8.60
C MET K 445 5.85 38.60 -8.95
N TYR K 446 5.51 38.25 -10.15
CA TYR K 446 5.73 36.94 -10.70
C TYR K 446 6.77 36.99 -11.79
N ALA K 447 7.36 35.85 -12.08
CA ALA K 447 8.37 35.78 -13.12
C ALA K 447 7.78 36.18 -14.50
N PRO K 448 8.59 36.75 -15.42
CA PRO K 448 8.25 37.13 -16.80
C PRO K 448 7.73 35.93 -17.60
N PRO K 449 7.03 36.17 -18.74
CA PRO K 449 6.38 35.19 -19.59
C PRO K 449 7.30 34.12 -20.16
N ILE K 450 6.72 32.97 -20.37
CA ILE K 450 7.35 31.79 -20.96
C ILE K 450 7.43 31.90 -22.46
N ARG K 451 8.60 31.58 -23.02
CA ARG K 451 8.69 31.60 -24.47
C ARG K 451 8.08 30.31 -24.99
N GLY K 452 7.17 30.46 -25.94
CA GLY K 452 6.48 29.33 -26.55
C GLY K 452 5.04 29.72 -26.77
N GLN K 453 4.20 28.75 -27.09
CA GLN K 453 2.81 29.05 -27.35
C GLN K 453 1.94 28.58 -26.23
N ILE K 454 1.25 29.53 -25.62
CA ILE K 454 0.40 29.23 -24.48
C ILE K 454 -1.03 29.59 -24.76
N ARG K 455 -1.89 28.62 -24.53
CA ARG K 455 -3.29 28.84 -24.75
C ARG K 455 -4.13 28.01 -23.84
N CYS K 456 -5.35 28.43 -23.68
CA CYS K 456 -6.33 27.67 -22.93
C CYS K 456 -7.68 27.83 -23.56
N SER K 457 -8.45 26.78 -23.54
CA SER K 457 -9.80 26.83 -24.04
C SER K 457 -10.68 26.58 -22.85
N SER K 458 -11.51 27.53 -22.53
CA SER K 458 -12.32 27.43 -21.32
C SER K 458 -13.80 27.49 -21.65
N ASN K 459 -14.63 27.02 -20.69
CA ASN K 459 -16.10 27.07 -20.77
C ASN K 459 -16.64 28.17 -19.85
N ILE K 460 -17.37 29.15 -20.42
CA ILE K 460 -18.01 30.22 -19.66
C ILE K 460 -19.27 29.61 -19.13
N THR K 461 -19.36 29.50 -17.81
CA THR K 461 -20.48 28.83 -17.19
C THR K 461 -21.30 29.77 -16.32
N GLY K 462 -20.84 31.00 -16.18
CA GLY K 462 -21.55 31.96 -15.37
C GLY K 462 -20.88 33.31 -15.35
N LEU K 463 -21.63 34.30 -14.92
CA LEU K 463 -21.19 35.69 -14.86
C LEU K 463 -21.38 36.32 -13.49
N LEU K 464 -20.56 37.29 -13.18
CA LEU K 464 -20.78 38.09 -11.98
C LEU K 464 -21.22 39.45 -12.40
N LEU K 465 -22.46 39.81 -12.12
CA LEU K 465 -22.95 41.11 -12.55
C LEU K 465 -23.38 41.99 -11.40
N THR K 466 -23.28 43.30 -11.55
CA THR K 466 -23.79 44.19 -10.51
C THR K 466 -24.69 45.28 -11.07
N ARG K 467 -25.52 45.85 -10.21
CA ARG K 467 -26.41 46.93 -10.60
C ARG K 467 -26.33 48.04 -9.56
N ASP K 468 -26.40 49.30 -10.02
CA ASP K 468 -26.38 50.45 -9.12
C ASP K 468 -27.81 50.98 -8.83
N GLY K 469 -27.91 52.05 -8.00
CA GLY K 469 -29.15 52.72 -7.63
C GLY K 469 -29.69 53.55 -8.79
N THR K 478 -28.51 47.66 -17.88
CA THR K 478 -27.09 47.97 -17.80
C THR K 478 -26.47 47.42 -16.50
N PHE K 479 -26.40 46.07 -16.42
CA PHE K 479 -25.77 45.27 -15.35
C PHE K 479 -24.33 45.08 -15.76
N ARG K 480 -23.39 45.55 -14.94
CA ARG K 480 -21.98 45.52 -15.30
C ARG K 480 -21.28 44.28 -14.81
N PRO K 481 -20.26 43.78 -15.49
CA PRO K 481 -19.39 42.75 -14.98
C PRO K 481 -18.72 43.21 -13.69
N GLY K 482 -18.63 42.31 -12.72
CA GLY K 482 -17.99 42.57 -11.43
C GLY K 482 -16.99 41.48 -11.12
N GLY K 483 -16.52 41.40 -9.89
CA GLY K 483 -15.51 40.39 -9.62
C GLY K 483 -14.85 40.58 -8.29
N GLY K 484 -13.77 39.83 -8.09
CA GLY K 484 -13.04 39.86 -6.84
C GLY K 484 -13.82 39.02 -5.88
N ASN K 485 -13.53 39.15 -4.59
CA ASN K 485 -14.24 38.37 -3.59
C ASN K 485 -14.36 36.91 -4.01
N MET K 486 -13.24 36.18 -4.06
CA MET K 486 -13.25 34.82 -4.60
C MET K 486 -14.22 33.89 -3.90
N ARG K 487 -14.58 34.22 -2.66
CA ARG K 487 -15.54 33.39 -1.95
C ARG K 487 -16.82 33.23 -2.77
N ASP K 488 -17.22 34.26 -3.53
CA ASP K 488 -18.43 34.22 -4.32
C ASP K 488 -18.34 33.26 -5.48
N ASN K 489 -17.15 33.02 -6.01
CA ASN K 489 -17.08 32.10 -7.11
C ASN K 489 -17.35 30.74 -6.58
N TRP K 490 -16.88 30.49 -5.37
CA TRP K 490 -17.10 29.17 -4.80
C TRP K 490 -18.55 29.00 -4.35
N ARG K 491 -19.21 30.10 -3.98
CA ARG K 491 -20.60 30.02 -3.59
C ARG K 491 -21.42 29.54 -4.77
N SER K 492 -21.03 29.93 -5.98
CA SER K 492 -21.81 29.57 -7.16
C SER K 492 -21.84 28.06 -7.38
N GLU K 493 -20.94 27.32 -6.75
CA GLU K 493 -20.92 25.88 -6.88
C GLU K 493 -21.41 25.20 -5.59
N LEU K 494 -21.14 25.82 -4.44
CA LEU K 494 -21.49 25.26 -3.13
C LEU K 494 -22.89 25.63 -2.65
N TYR K 495 -23.61 26.42 -3.43
CA TYR K 495 -24.95 26.90 -3.11
C TYR K 495 -25.96 25.83 -2.82
N LYS K 496 -25.76 24.65 -3.35
CA LYS K 496 -26.72 23.61 -3.16
C LYS K 496 -26.38 22.68 -2.00
N TYR K 497 -25.28 22.92 -1.25
CA TYR K 497 -24.94 21.97 -0.20
C TYR K 497 -24.85 22.53 1.21
N LYS K 498 -25.27 21.73 2.20
CA LYS K 498 -25.06 22.09 3.62
C LYS K 498 -24.71 20.87 4.48
N VAL K 499 -23.91 21.08 5.52
CA VAL K 499 -23.55 20.00 6.42
C VAL K 499 -24.48 19.93 7.61
N VAL K 500 -25.00 18.74 7.87
CA VAL K 500 -25.87 18.57 9.01
C VAL K 500 -25.46 17.39 9.87
N LYS K 501 -25.99 17.39 11.09
CA LYS K 501 -25.81 16.32 12.04
C LYS K 501 -27.19 15.82 12.43
N ILE K 502 -27.28 14.59 12.89
CA ILE K 502 -28.56 14.05 13.30
C ILE K 502 -28.68 14.02 14.79
N GLU K 503 -29.81 14.50 15.28
CA GLU K 503 -30.11 14.51 16.69
C GLU K 503 -31.25 13.52 16.93
N PRO K 504 -30.96 12.23 17.17
CA PRO K 504 -31.90 11.14 17.22
C PRO K 504 -32.82 11.15 18.42
N LEU K 505 -32.56 11.99 19.41
CA LEU K 505 -33.39 11.98 20.59
C LEU K 505 -34.43 13.08 20.58
N GLY K 506 -35.72 12.69 20.61
CA GLY K 506 -36.80 13.68 20.59
C GLY K 506 -37.95 13.23 21.48
N ILE K 507 -38.96 14.07 21.60
CA ILE K 507 -40.11 13.79 22.47
C ILE K 507 -41.45 14.15 21.85
N ALA K 508 -42.53 13.51 22.28
CA ALA K 508 -43.88 13.85 21.81
C ALA K 508 -44.90 13.37 22.81
N PRO K 509 -46.09 13.98 22.94
CA PRO K 509 -47.18 13.50 23.77
C PRO K 509 -47.81 12.26 23.18
N THR K 510 -48.16 11.30 24.05
CA THR K 510 -48.87 10.08 23.68
C THR K 510 -49.93 9.62 24.67
N ALA K 511 -50.81 8.72 24.22
CA ALA K 511 -51.81 8.14 25.10
C ALA K 511 -51.33 6.89 25.86
N CYS K 512 -50.35 7.06 26.78
CA CYS K 512 -49.81 5.99 27.63
C CYS K 512 -49.28 6.55 28.95
N LYS K 513 -49.02 5.66 29.91
CA LYS K 513 -48.41 6.00 31.19
C LYS K 513 -47.56 4.81 31.70
N ARG K 514 -46.68 5.02 32.67
CA ARG K 514 -45.95 3.87 33.23
C ARG K 514 -46.85 3.13 34.22
N ARG K 515 -46.55 1.82 34.47
CA ARG K 515 -47.21 0.92 35.43
C ARG K 515 -48.48 0.36 34.78
N ALA L 1 -26.42 9.43 3.97
CA ALA L 1 -25.60 8.76 2.99
C ALA L 1 -24.80 7.68 3.73
N VAL L 2 -23.57 8.00 4.13
CA VAL L 2 -22.66 7.20 4.91
C VAL L 2 -22.18 8.19 5.92
N GLY L 3 -21.59 7.72 6.99
CA GLY L 3 -21.09 8.65 8.00
C GLY L 3 -22.07 8.74 9.15
N LEU L 4 -23.29 8.26 8.94
CA LEU L 4 -24.29 8.29 9.98
C LEU L 4 -24.47 6.93 10.67
N GLY L 5 -24.19 5.85 9.96
CA GLY L 5 -24.34 4.49 10.51
C GLY L 5 -25.68 3.86 10.17
N ALA L 6 -25.76 2.53 10.27
CA ALA L 6 -27.01 1.85 9.95
C ALA L 6 -28.18 2.26 10.85
N PHE L 7 -27.93 2.57 12.13
CA PHE L 7 -29.06 2.94 12.98
C PHE L 7 -29.75 4.14 12.40
N ILE L 8 -29.01 5.19 12.11
CA ILE L 8 -29.64 6.35 11.54
C ILE L 8 -30.15 6.15 10.13
N LEU L 9 -29.37 5.52 9.28
CA LEU L 9 -29.75 5.42 7.88
C LEU L 9 -31.05 4.67 7.67
N GLY L 10 -31.34 3.67 8.51
CA GLY L 10 -32.58 2.92 8.37
C GLY L 10 -33.82 3.70 8.82
N PHE L 11 -33.61 4.83 9.50
CA PHE L 11 -34.67 5.66 10.03
C PHE L 11 -34.80 6.95 9.22
N LEU L 12 -33.68 7.40 8.65
CA LEU L 12 -33.55 8.66 7.92
C LEU L 12 -34.48 8.80 6.74
N GLY L 13 -34.81 7.70 6.08
CA GLY L 13 -35.68 7.78 4.92
C GLY L 13 -37.10 8.23 5.30
N ALA L 14 -37.42 8.20 6.61
CA ALA L 14 -38.71 8.62 7.12
C ALA L 14 -38.73 10.11 7.40
N ALA L 15 -37.64 10.81 7.13
CA ALA L 15 -37.56 12.24 7.39
C ALA L 15 -38.66 13.03 6.68
N GLY L 16 -39.11 12.57 5.52
CA GLY L 16 -40.17 13.25 4.78
C GLY L 16 -41.59 12.73 5.09
N SER L 17 -41.72 11.83 6.06
CA SER L 17 -43.01 11.20 6.40
C SER L 17 -43.55 11.73 7.73
N THR L 18 -44.82 11.48 8.01
CA THR L 18 -45.39 11.93 9.27
C THR L 18 -44.88 11.07 10.41
N MET L 19 -45.05 11.57 11.63
CA MET L 19 -44.59 10.87 12.81
C MET L 19 -45.27 9.53 12.95
N GLY L 20 -46.58 9.50 12.70
CA GLY L 20 -47.35 8.28 12.77
C GLY L 20 -46.84 7.28 11.75
N ALA L 21 -46.65 7.75 10.52
CA ALA L 21 -46.17 6.87 9.48
C ALA L 21 -44.81 6.30 9.80
N ALA L 22 -43.94 7.10 10.41
CA ALA L 22 -42.61 6.62 10.73
C ALA L 22 -42.69 5.47 11.73
N SER L 23 -43.56 5.56 12.72
CA SER L 23 -43.66 4.49 13.69
C SER L 23 -44.18 3.22 13.05
N MET L 24 -45.16 3.37 12.16
CA MET L 24 -45.70 2.20 11.51
C MET L 24 -44.69 1.55 10.59
N ALA L 25 -43.90 2.37 9.90
CA ALA L 25 -42.93 1.85 8.98
C ALA L 25 -41.88 1.03 9.70
N LEU L 26 -41.45 1.50 10.87
CA LEU L 26 -40.44 0.76 11.61
C LEU L 26 -41.01 -0.55 12.10
N THR L 27 -42.27 -0.54 12.50
CA THR L 27 -42.89 -1.77 12.97
C THR L 27 -42.94 -2.78 11.85
N VAL L 28 -43.34 -2.35 10.66
CA VAL L 28 -43.43 -3.27 9.54
C VAL L 28 -42.11 -3.86 9.15
N GLN L 29 -41.08 -3.04 9.07
CA GLN L 29 -39.83 -3.63 8.65
C GLN L 29 -39.34 -4.62 9.67
N ALA L 30 -39.56 -4.34 10.94
CA ALA L 30 -39.14 -5.29 11.95
C ALA L 30 -39.89 -6.59 11.83
N ARG L 31 -41.17 -6.52 11.50
CA ARG L 31 -41.92 -7.76 11.35
C ARG L 31 -41.38 -8.61 10.21
N LEU L 32 -41.07 -7.98 9.08
CA LEU L 32 -40.60 -8.71 7.92
C LEU L 32 -39.24 -9.31 8.17
N LEU L 33 -38.39 -8.59 8.90
CA LEU L 33 -37.09 -9.13 9.21
C LEU L 33 -37.15 -10.28 10.22
N LEU L 34 -37.99 -10.17 11.26
CA LEU L 34 -38.08 -11.22 12.26
C LEU L 34 -38.60 -12.51 11.67
N SER L 35 -39.52 -12.38 10.73
CA SER L 35 -40.16 -13.50 10.08
C SER L 35 -39.33 -14.17 9.00
N GLY L 36 -38.20 -13.56 8.61
CA GLY L 36 -37.40 -14.13 7.53
C GLY L 36 -38.00 -13.89 6.16
N ILE L 37 -38.78 -12.82 6.01
CA ILE L 37 -39.44 -12.54 4.74
C ILE L 37 -38.52 -11.70 3.87
N VAL L 38 -37.84 -10.74 4.47
CA VAL L 38 -36.94 -9.90 3.71
C VAL L 38 -35.56 -9.97 4.29
N GLN L 39 -34.57 -9.60 3.51
CA GLN L 39 -33.20 -9.60 4.01
C GLN L 39 -32.57 -8.25 3.82
N GLN L 40 -31.64 -7.91 4.70
CA GLN L 40 -30.89 -6.68 4.61
C GLN L 40 -29.65 -6.88 3.77
N GLN L 41 -29.47 -6.02 2.77
CA GLN L 41 -28.30 -6.11 1.91
C GLN L 41 -27.19 -5.23 2.44
N ASN L 42 -25.95 -5.58 2.10
CA ASN L 42 -24.81 -4.78 2.53
C ASN L 42 -24.43 -3.74 1.49
N ASN L 43 -23.85 -2.64 1.96
CA ASN L 43 -23.34 -1.56 1.13
C ASN L 43 -21.89 -1.24 1.49
N LEU L 44 -21.09 -2.27 1.70
CA LEU L 44 -19.72 -2.11 2.13
C LEU L 44 -18.75 -2.30 0.98
N LEU L 45 -17.61 -1.64 1.07
CA LEU L 45 -16.58 -1.71 0.02
C LEU L 45 -15.88 -3.06 -0.05
N ARG L 46 -15.53 -3.48 -1.27
CA ARG L 46 -14.92 -4.78 -1.57
C ARG L 46 -13.47 -5.05 -1.13
N ALA L 47 -12.71 -4.01 -0.77
CA ALA L 47 -11.28 -4.03 -0.40
C ALA L 47 -10.42 -4.05 -1.68
N PRO L 48 -9.17 -3.56 -1.66
CA PRO L 48 -8.28 -3.30 -2.81
C PRO L 48 -8.09 -4.25 -3.99
N GLU L 49 -8.00 -5.56 -3.78
CA GLU L 49 -7.76 -6.54 -4.87
C GLU L 49 -6.35 -6.42 -5.54
N ALA L 50 -6.09 -5.29 -6.19
CA ALA L 50 -4.81 -5.02 -6.86
C ALA L 50 -3.92 -4.15 -5.98
N GLN L 51 -2.69 -4.60 -5.71
CA GLN L 51 -1.81 -3.84 -4.80
C GLN L 51 -1.49 -2.45 -5.29
N GLN L 52 -1.32 -2.28 -6.57
CA GLN L 52 -0.95 -0.99 -7.12
C GLN L 52 -2.06 0.06 -7.03
N HIS L 53 -3.30 -0.39 -6.80
CA HIS L 53 -4.43 0.51 -6.72
C HIS L 53 -5.01 0.54 -5.32
N MET L 54 -4.30 -0.04 -4.35
CA MET L 54 -4.91 -0.20 -3.06
C MET L 54 -5.24 1.06 -2.28
N LEU L 55 -4.58 2.18 -2.53
CA LEU L 55 -4.93 3.36 -1.76
C LEU L 55 -6.42 3.67 -1.92
N GLN L 56 -7.00 3.40 -3.10
CA GLN L 56 -8.38 3.74 -3.34
C GLN L 56 -9.34 3.02 -2.40
N LEU L 57 -9.05 1.78 -2.05
CA LEU L 57 -9.97 1.08 -1.18
C LEU L 57 -9.49 0.94 0.24
N THR L 58 -8.25 1.28 0.56
CA THR L 58 -7.93 1.17 1.97
C THR L 58 -8.29 2.49 2.63
N VAL L 59 -8.26 3.60 1.88
CA VAL L 59 -8.65 4.83 2.53
C VAL L 59 -10.11 4.83 2.80
N TRP L 60 -10.88 4.48 1.81
CA TRP L 60 -12.30 4.48 1.98
C TRP L 60 -12.78 3.26 2.76
N GLY L 61 -12.04 2.15 2.72
CA GLY L 61 -12.41 0.97 3.48
C GLY L 61 -12.35 1.33 4.94
N ILE L 62 -11.26 1.95 5.35
CA ILE L 62 -11.09 2.34 6.73
C ILE L 62 -12.09 3.42 7.11
N LYS L 63 -12.28 4.45 6.27
CA LYS L 63 -13.24 5.48 6.66
C LYS L 63 -14.64 4.94 6.81
N GLN L 64 -15.06 4.02 5.93
CA GLN L 64 -16.40 3.48 6.07
C GLN L 64 -16.54 2.73 7.39
N LEU L 65 -15.52 1.96 7.76
CA LEU L 65 -15.63 1.28 9.03
C LEU L 65 -15.60 2.25 10.18
N GLN L 66 -14.82 3.32 10.10
CA GLN L 66 -14.78 4.23 11.22
C GLN L 66 -16.14 4.82 11.45
N ALA L 67 -16.85 5.14 10.38
CA ALA L 67 -18.18 5.68 10.54
C ALA L 67 -19.11 4.72 11.23
N ARG L 68 -19.02 3.43 10.90
CA ARG L 68 -19.90 2.46 11.49
C ARG L 68 -19.56 2.18 12.93
N VAL L 69 -18.27 2.14 13.26
CA VAL L 69 -17.87 1.87 14.60
C VAL L 69 -18.30 3.01 15.50
N LEU L 70 -18.11 4.24 15.06
CA LEU L 70 -18.56 5.36 15.86
C LEU L 70 -20.06 5.36 16.00
N ALA L 71 -20.80 4.99 14.96
CA ALA L 71 -22.23 4.94 15.09
C ALA L 71 -22.64 3.93 16.15
N VAL L 72 -21.94 2.80 16.23
CA VAL L 72 -22.25 1.83 17.23
C VAL L 72 -21.99 2.38 18.59
N GLU L 73 -20.86 3.05 18.78
CA GLU L 73 -20.58 3.59 20.09
C GLU L 73 -21.60 4.64 20.50
N ARG L 74 -22.04 5.49 19.58
CA ARG L 74 -23.02 6.49 19.94
C ARG L 74 -24.34 5.84 20.30
N TYR L 75 -24.74 4.81 19.55
CA TYR L 75 -25.97 4.12 19.85
C TYR L 75 -25.94 3.53 21.23
N LEU L 76 -24.88 2.79 21.54
CA LEU L 76 -24.80 2.11 22.80
C LEU L 76 -24.65 3.08 23.94
N ARG L 77 -23.99 4.20 23.70
CA ARG L 77 -23.83 5.20 24.72
C ARG L 77 -25.19 5.75 25.10
N ASP L 78 -25.97 6.18 24.12
CA ASP L 78 -27.25 6.82 24.40
C ASP L 78 -28.19 5.86 25.08
N GLN L 79 -28.09 4.60 24.72
CA GLN L 79 -28.96 3.61 25.32
C GLN L 79 -28.74 3.50 26.81
N GLN L 80 -27.56 3.86 27.33
CA GLN L 80 -27.38 3.83 28.76
C GLN L 80 -27.46 5.23 29.39
N LEU L 81 -27.21 6.29 28.62
CA LEU L 81 -27.25 7.65 29.20
C LEU L 81 -28.67 7.91 29.64
N LEU L 82 -29.60 7.32 28.88
CA LEU L 82 -31.02 7.42 29.09
C LEU L 82 -31.49 6.78 30.39
N GLY L 83 -30.61 6.11 31.11
CA GLY L 83 -30.93 5.56 32.41
C GLY L 83 -31.40 6.67 33.34
N ILE L 84 -30.92 7.89 33.13
CA ILE L 84 -31.32 9.03 33.96
C ILE L 84 -32.80 9.29 33.93
N TRP L 85 -33.43 9.10 32.80
CA TRP L 85 -34.85 9.36 32.68
C TRP L 85 -35.62 8.07 32.88
N GLY L 86 -34.91 6.99 33.18
CA GLY L 86 -35.47 5.65 33.31
C GLY L 86 -35.81 4.99 31.96
N CYS L 87 -35.11 5.40 30.88
CA CYS L 87 -35.34 4.98 29.50
C CYS L 87 -34.15 4.21 28.95
N SER L 88 -33.33 3.63 29.80
CA SER L 88 -32.22 2.91 29.23
C SER L 88 -32.66 1.63 28.56
N GLY L 89 -31.94 1.28 27.50
CA GLY L 89 -32.19 0.05 26.78
C GLY L 89 -33.46 0.11 25.93
N LYS L 90 -33.92 1.31 25.57
CA LYS L 90 -35.16 1.43 24.83
C LYS L 90 -35.15 2.39 23.68
N ILE L 91 -36.02 2.10 22.73
CA ILE L 91 -36.32 2.97 21.62
C ILE L 91 -37.53 3.86 21.97
N ILE L 92 -38.59 3.25 22.51
CA ILE L 92 -39.77 4.04 22.89
C ILE L 92 -39.99 3.94 24.40
N CYS L 93 -39.86 5.06 25.13
CA CYS L 93 -39.95 5.13 26.60
C CYS L 93 -41.07 6.04 27.08
N CYS L 94 -42.09 5.43 27.63
CA CYS L 94 -43.24 6.18 28.08
C CYS L 94 -43.00 6.60 29.53
N THR L 95 -43.19 7.88 29.86
CA THR L 95 -42.98 8.28 31.24
C THR L 95 -44.17 8.97 31.88
N ASN L 96 -44.00 9.38 33.15
CA ASN L 96 -45.05 9.97 33.96
C ASN L 96 -45.04 11.49 34.09
N VAL L 97 -44.34 12.16 33.22
CA VAL L 97 -44.39 13.61 33.19
C VAL L 97 -45.55 13.90 32.26
N PRO L 98 -46.59 14.64 32.66
CA PRO L 98 -47.74 14.96 31.85
C PRO L 98 -47.34 15.97 30.83
N TRP L 99 -48.01 15.97 29.70
CA TRP L 99 -47.77 16.97 28.69
C TRP L 99 -48.44 18.27 29.10
N ASN L 100 -47.73 19.38 28.95
CA ASN L 100 -48.22 20.73 29.18
C ASN L 100 -48.79 21.31 27.88
N ASP L 101 -50.05 21.79 27.93
CA ASP L 101 -50.72 22.43 26.78
C ASP L 101 -50.01 23.74 26.43
N SER L 102 -49.25 24.27 27.38
CA SER L 102 -48.49 25.46 27.14
C SER L 102 -47.29 25.15 26.25
N TRP L 103 -46.76 23.91 26.29
CA TRP L 103 -45.64 23.57 25.45
C TRP L 103 -46.18 23.48 24.02
N SER L 104 -47.35 22.87 23.89
CA SER L 104 -48.04 22.76 22.62
C SER L 104 -49.49 22.35 22.78
N ASN L 105 -50.42 23.26 22.47
CA ASN L 105 -51.83 22.98 22.68
C ASN L 105 -52.48 22.31 21.48
N LYS L 106 -52.07 21.09 21.24
CA LYS L 106 -52.55 20.27 20.12
C LYS L 106 -52.95 18.89 20.59
N THR L 107 -53.78 18.21 19.81
CA THR L 107 -54.16 16.85 20.21
C THR L 107 -53.13 15.89 19.71
N ILE L 108 -53.13 14.67 20.22
CA ILE L 108 -52.15 13.72 19.73
C ILE L 108 -52.46 13.29 18.32
N ASN L 109 -53.71 13.32 17.91
CA ASN L 109 -53.95 12.92 16.54
C ASN L 109 -53.43 14.01 15.61
N GLU L 110 -53.57 15.26 15.98
CA GLU L 110 -53.06 16.30 15.09
C GLU L 110 -51.55 16.20 14.96
N ILE L 111 -50.87 15.94 16.06
CA ILE L 111 -49.43 15.86 16.05
C ILE L 111 -48.91 14.65 15.31
N TRP L 112 -49.46 13.49 15.58
CA TRP L 112 -48.94 12.30 14.96
C TRP L 112 -49.35 12.11 13.50
N ASP L 113 -50.53 12.61 13.10
CA ASP L 113 -50.95 12.41 11.72
C ASP L 113 -50.66 13.54 10.74
N ASN L 114 -50.63 14.81 11.18
CA ASN L 114 -50.43 15.89 10.21
C ASN L 114 -49.05 16.56 10.30
N MET L 115 -48.12 15.93 10.99
CA MET L 115 -46.78 16.49 11.14
C MET L 115 -45.69 15.48 11.03
N THR L 116 -44.53 15.95 10.59
CA THR L 116 -43.34 15.14 10.50
C THR L 116 -42.47 15.43 11.70
N TRP L 117 -41.46 14.59 11.96
CA TRP L 117 -40.59 14.82 13.12
C TRP L 117 -39.79 16.09 12.98
N MET L 118 -39.51 16.47 11.74
CA MET L 118 -38.77 17.68 11.45
C MET L 118 -39.53 18.92 11.90
N GLN L 119 -40.85 18.85 11.89
CA GLN L 119 -41.63 20.00 12.26
C GLN L 119 -41.89 19.99 13.73
N TRP L 120 -42.16 18.82 14.25
CA TRP L 120 -42.51 18.70 15.64
C TRP L 120 -41.40 19.18 16.54
N GLU L 121 -40.16 18.83 16.20
CA GLU L 121 -39.04 19.21 17.04
C GLU L 121 -38.64 20.66 16.87
N LYS L 122 -39.36 21.41 16.03
CA LYS L 122 -39.09 22.82 15.91
C LYS L 122 -40.15 23.55 16.72
N GLU L 123 -41.40 23.09 16.64
CA GLU L 123 -42.49 23.76 17.34
C GLU L 123 -42.31 23.78 18.83
N ILE L 124 -41.71 22.73 19.37
CA ILE L 124 -41.50 22.69 20.82
C ILE L 124 -40.04 22.82 21.20
N ASP L 125 -39.19 23.36 20.32
CA ASP L 125 -37.77 23.40 20.64
C ASP L 125 -37.45 24.21 21.89
N ASN L 126 -38.20 25.26 22.17
CA ASN L 126 -37.85 26.08 23.31
C ASN L 126 -38.31 25.51 24.64
N TYR L 127 -38.90 24.32 24.63
CA TYR L 127 -39.32 23.70 25.87
C TYR L 127 -38.49 22.46 26.11
N THR L 128 -37.57 22.17 25.21
CA THR L 128 -36.83 20.93 25.31
C THR L 128 -36.08 20.83 26.62
N GLN L 129 -35.46 21.90 27.05
CA GLN L 129 -34.68 21.80 28.27
C GLN L 129 -35.59 21.68 29.48
N HIS L 130 -36.78 22.28 29.42
CA HIS L 130 -37.72 22.22 30.53
C HIS L 130 -38.15 20.78 30.70
N ILE L 131 -38.51 20.17 29.60
CA ILE L 131 -39.02 18.83 29.64
C ILE L 131 -37.95 17.89 30.10
N TYR L 132 -36.74 18.03 29.59
CA TYR L 132 -35.68 17.13 29.98
C TYR L 132 -35.41 17.22 31.48
N THR L 133 -35.47 18.42 32.03
CA THR L 133 -35.28 18.57 33.47
C THR L 133 -36.36 17.82 34.21
N LEU L 134 -37.60 17.95 33.77
CA LEU L 134 -38.69 17.27 34.44
C LEU L 134 -38.57 15.76 34.34
N LEU L 135 -38.05 15.24 33.22
CA LEU L 135 -37.93 13.81 33.08
C LEU L 135 -36.96 13.26 34.11
N GLU L 136 -35.87 13.98 34.35
CA GLU L 136 -34.93 13.54 35.37
C GLU L 136 -35.56 13.56 36.74
N VAL L 137 -36.32 14.61 37.04
CA VAL L 137 -36.92 14.70 38.35
C VAL L 137 -37.90 13.60 38.60
N SER L 138 -38.71 13.28 37.59
CA SER L 138 -39.68 12.23 37.74
C SER L 138 -38.98 10.92 38.03
N GLN L 139 -37.88 10.63 37.33
CA GLN L 139 -37.19 9.38 37.59
C GLN L 139 -36.63 9.33 38.98
N ILE L 140 -36.15 10.45 39.48
CA ILE L 140 -35.62 10.46 40.82
C ILE L 140 -36.72 10.14 41.81
N GLN L 141 -37.89 10.76 41.63
CA GLN L 141 -38.97 10.49 42.56
C GLN L 141 -39.44 9.05 42.49
N GLN L 142 -39.45 8.44 41.30
CA GLN L 142 -39.88 7.06 41.26
C GLN L 142 -38.91 6.18 42.02
N GLU L 143 -37.62 6.42 41.86
CA GLU L 143 -36.64 5.59 42.55
C GLU L 143 -36.75 5.77 44.05
N LYS L 144 -36.99 7.01 44.47
CA LYS L 144 -37.14 7.30 45.86
C LYS L 144 -38.29 6.51 46.43
N ASN L 145 -39.41 6.50 45.73
CA ASN L 145 -40.57 5.83 46.27
C ASN L 145 -40.41 4.32 46.29
N GLU L 146 -39.81 3.72 45.28
CA GLU L 146 -39.70 2.26 45.26
C GLU L 146 -38.82 1.76 46.39
N GLN L 147 -37.79 2.54 46.72
CA GLN L 147 -36.87 2.10 47.73
C GLN L 147 -37.35 2.37 49.14
N GLU L 148 -38.52 2.96 49.27
CA GLU L 148 -39.12 3.17 50.59
C GLU L 148 -40.02 1.98 51.04
N LEU L 149 -40.21 0.93 50.17
CA LEU L 149 -41.02 -0.24 50.42
C LEU L 149 -40.06 -1.40 50.63
N GLU M 1 30.55 31.34 -4.03
CA GLU M 1 29.89 32.53 -4.58
C GLU M 1 30.08 32.62 -6.12
N LEU M 2 29.48 33.69 -6.71
CA LEU M 2 29.52 34.00 -8.13
C LEU M 2 30.65 34.93 -8.51
N GLU M 3 31.50 34.44 -9.41
CA GLU M 3 32.62 35.19 -9.92
C GLU M 3 32.79 34.88 -11.40
N LEU M 4 33.14 35.92 -12.15
CA LEU M 4 33.40 35.79 -13.56
C LEU M 4 34.84 36.17 -13.88
N THR M 5 35.49 35.33 -14.67
CA THR M 5 36.86 35.62 -15.05
C THR M 5 37.00 35.55 -16.54
N GLN M 6 38.03 36.20 -17.04
CA GLN M 6 38.29 36.15 -18.47
C GLN M 6 39.46 35.23 -18.68
N SER M 7 39.51 34.61 -19.84
CA SER M 7 40.65 33.79 -20.17
C SER M 7 41.93 34.65 -20.31
N PRO M 8 42.03 35.64 -21.23
CA PRO M 8 43.18 36.53 -21.30
C PRO M 8 43.14 37.58 -20.21
N ALA M 9 44.30 37.98 -19.67
CA ALA M 9 44.29 39.13 -18.77
C ALA M 9 44.23 40.37 -19.64
N THR M 10 44.92 40.25 -20.76
CA THR M 10 45.00 41.25 -21.78
C THR M 10 44.86 40.50 -23.08
N LEU M 11 44.35 41.17 -24.10
CA LEU M 11 44.20 40.57 -25.39
C LEU M 11 45.04 41.32 -26.42
N SER M 12 46.02 40.63 -27.00
CA SER M 12 46.89 41.27 -27.96
C SER M 12 46.35 41.12 -29.36
N VAL M 13 45.81 42.22 -29.86
CA VAL M 13 45.18 42.33 -31.15
C VAL M 13 45.59 43.60 -31.86
N SER M 14 45.45 43.60 -33.18
CA SER M 14 45.72 44.78 -33.97
C SER M 14 44.40 45.25 -34.60
N PRO M 15 44.27 46.51 -35.01
CA PRO M 15 43.12 46.98 -35.70
C PRO M 15 42.95 46.16 -36.97
N GLY M 16 41.71 45.88 -37.30
CA GLY M 16 41.32 45.13 -38.48
C GLY M 16 41.16 43.64 -38.19
N GLU M 17 41.64 43.19 -37.03
CA GLU M 17 41.55 41.79 -36.67
C GLU M 17 40.27 41.49 -35.92
N ARG M 18 39.85 40.23 -35.91
CA ARG M 18 38.67 39.90 -35.12
C ARG M 18 39.11 39.53 -33.71
N ALA M 19 38.78 40.38 -32.75
CA ALA M 19 39.22 40.14 -31.38
C ALA M 19 38.33 39.08 -30.77
N THR M 20 38.89 38.18 -29.98
CA THR M 20 38.06 37.22 -29.27
C THR M 20 38.26 37.33 -27.76
N LEU M 21 37.16 37.47 -27.04
CA LEU M 21 37.13 37.60 -25.60
C LEU M 21 36.34 36.40 -25.05
N SER M 22 36.78 35.84 -23.93
CA SER M 22 36.07 34.66 -23.39
C SER M 22 35.89 34.70 -21.87
N CYS M 23 34.61 34.62 -21.43
CA CYS M 23 34.12 34.71 -20.06
C CYS M 23 33.71 33.34 -19.52
N ARG M 24 34.18 33.04 -18.31
CA ARG M 24 33.81 31.80 -17.65
C ARG M 24 33.25 32.09 -16.26
N ALA M 25 32.12 31.45 -15.95
CA ALA M 25 31.48 31.65 -14.66
C ALA M 25 31.64 30.49 -13.70
N SER M 26 31.66 30.83 -12.40
CA SER M 26 31.66 29.83 -11.32
C SER M 26 30.29 29.17 -11.15
N GLU M 27 29.26 29.78 -11.73
CA GLU M 27 27.86 29.33 -11.67
C GLU M 27 27.26 29.40 -13.06
N SER M 28 26.33 28.49 -13.39
CA SER M 28 25.69 28.52 -14.70
C SER M 28 24.97 29.85 -14.92
N VAL M 29 25.09 30.36 -16.15
CA VAL M 29 24.54 31.62 -16.61
C VAL M 29 23.22 31.41 -17.35
N SER M 30 23.21 30.39 -18.21
CA SER M 30 22.04 30.07 -19.03
C SER M 30 21.51 31.27 -19.82
N SER M 31 22.43 31.95 -20.50
CA SER M 31 22.24 33.13 -21.35
C SER M 31 21.93 34.44 -20.63
N ASP M 32 21.83 34.43 -19.31
CA ASP M 32 21.64 35.70 -18.61
C ASP M 32 22.94 36.38 -18.28
N LEU M 33 23.54 36.89 -19.36
CA LEU M 33 24.85 37.51 -19.39
C LEU M 33 24.84 38.80 -20.21
N ALA M 34 25.70 39.74 -19.86
CA ALA M 34 25.89 40.95 -20.64
C ALA M 34 27.35 41.41 -20.71
N TRP M 35 27.69 42.11 -21.79
CA TRP M 35 29.05 42.62 -21.95
C TRP M 35 29.07 44.14 -22.05
N TYR M 36 30.05 44.70 -21.36
CA TYR M 36 30.25 46.15 -21.29
C TYR M 36 31.65 46.60 -21.73
N GLN M 37 31.71 47.77 -22.37
CA GLN M 37 32.97 48.35 -22.83
C GLN M 37 33.41 49.54 -21.97
N GLN M 38 34.51 49.37 -21.24
CA GLN M 38 35.02 50.38 -20.32
C GLN M 38 36.25 51.11 -20.82
N LYS M 39 36.11 52.41 -21.02
CA LYS M 39 37.21 53.23 -21.49
C LYS M 39 37.60 54.12 -20.31
N PRO M 40 38.83 54.60 -20.20
CA PRO M 40 39.22 55.50 -19.14
C PRO M 40 38.36 56.74 -19.16
N GLY M 41 37.82 57.11 -18.01
CA GLY M 41 36.99 58.31 -17.87
C GLY M 41 35.55 58.13 -18.35
N GLN M 42 35.21 56.94 -18.83
CA GLN M 42 33.89 56.68 -19.38
C GLN M 42 33.03 55.73 -18.56
N ALA M 43 31.72 55.79 -18.78
CA ALA M 43 30.85 54.79 -18.20
C ALA M 43 31.10 53.48 -18.95
N PRO M 44 30.94 52.31 -18.33
CA PRO M 44 31.06 51.01 -18.94
C PRO M 44 29.85 50.70 -19.78
N ARG M 45 29.77 51.29 -20.97
CA ARG M 45 28.62 51.16 -21.88
C ARG M 45 28.24 49.73 -22.24
N LEU M 46 26.94 49.44 -22.23
CA LEU M 46 26.46 48.13 -22.61
C LEU M 46 26.44 47.94 -24.09
N LEU M 47 27.05 46.85 -24.55
CA LEU M 47 27.00 46.57 -25.96
C LEU M 47 26.16 45.33 -26.22
N ILE M 48 26.36 44.31 -25.40
CA ILE M 48 25.68 43.05 -25.63
C ILE M 48 24.86 42.58 -24.46
N TYR M 49 23.60 42.22 -24.70
CA TYR M 49 22.80 41.69 -23.61
C TYR M 49 21.88 40.54 -23.98
N GLY M 50 21.92 39.47 -23.21
CA GLY M 50 20.98 38.37 -23.44
C GLY M 50 21.58 37.46 -24.49
N ALA M 51 22.25 36.40 -24.05
CA ALA M 51 23.00 35.62 -25.01
C ALA M 51 23.93 36.61 -25.70
N SER M 52 23.59 37.02 -26.92
CA SER M 52 24.42 37.95 -27.66
C SER M 52 23.69 39.12 -28.35
N THR M 53 22.47 39.44 -27.93
CA THR M 53 21.73 40.51 -28.59
C THR M 53 22.41 41.88 -28.52
N ARG M 54 22.49 42.56 -29.67
CA ARG M 54 23.10 43.88 -29.68
C ARG M 54 22.18 44.94 -29.14
N ALA M 55 22.70 45.80 -28.29
CA ALA M 55 21.93 46.94 -27.83
C ALA M 55 21.77 47.93 -28.96
N THR M 56 20.71 48.71 -28.92
CA THR M 56 20.52 49.69 -29.96
C THR M 56 21.71 50.65 -29.97
N GLY M 57 22.26 50.91 -31.16
CA GLY M 57 23.39 51.81 -31.32
C GLY M 57 24.75 51.12 -31.29
N VAL M 58 24.75 49.82 -31.07
CA VAL M 58 25.97 49.03 -31.02
C VAL M 58 26.44 48.64 -32.41
N PRO M 59 27.72 48.88 -32.76
CA PRO M 59 28.30 48.56 -34.04
C PRO M 59 28.13 47.08 -34.33
N ALA M 60 27.95 46.75 -35.61
CA ALA M 60 27.76 45.39 -36.11
C ALA M 60 28.96 44.51 -35.81
N ARG M 61 30.07 45.16 -35.52
CA ARG M 61 31.32 44.50 -35.20
C ARG M 61 31.13 43.59 -33.99
N PHE M 62 30.29 44.01 -33.05
CA PHE M 62 30.11 43.26 -31.82
C PHE M 62 29.05 42.17 -31.95
N SER M 63 29.46 40.94 -31.67
CA SER M 63 28.58 39.78 -31.77
C SER M 63 29.08 38.67 -30.86
N GLY M 64 28.30 37.61 -30.69
CA GLY M 64 28.78 36.54 -29.83
C GLY M 64 27.82 35.37 -29.68
N SER M 65 28.20 34.43 -28.82
CA SER M 65 27.43 33.22 -28.54
C SER M 65 27.87 32.61 -27.23
N GLY M 66 27.11 31.63 -26.71
CA GLY M 66 27.54 30.91 -25.53
C GLY M 66 26.40 30.21 -24.83
N SER M 67 26.75 29.38 -23.85
CA SER M 67 25.78 28.61 -23.08
C SER M 67 26.39 28.12 -21.78
N GLY M 68 25.57 27.59 -20.88
CA GLY M 68 26.15 27.03 -19.66
C GLY M 68 26.85 28.14 -18.92
N ALA M 69 28.15 27.94 -18.65
CA ALA M 69 28.96 28.91 -17.93
C ALA M 69 30.13 29.42 -18.80
N GLU M 70 30.08 29.20 -20.11
CA GLU M 70 31.16 29.66 -21.00
C GLU M 70 30.65 30.45 -22.21
N PHE M 71 31.02 31.74 -22.25
CA PHE M 71 30.54 32.67 -23.27
C PHE M 71 31.61 33.44 -24.02
N THR M 72 31.36 33.68 -25.31
CA THR M 72 32.30 34.39 -26.15
C THR M 72 31.77 35.64 -26.83
N LEU M 73 32.58 36.68 -26.73
CA LEU M 73 32.35 37.96 -27.40
C LEU M 73 33.41 38.17 -28.45
N THR M 74 33.01 38.54 -29.66
CA THR M 74 34.01 38.85 -30.65
C THR M 74 33.78 40.22 -31.24
N ILE M 75 34.86 40.84 -31.69
CA ILE M 75 34.75 42.13 -32.34
C ILE M 75 35.32 42.04 -33.75
N SER M 76 34.47 41.98 -34.77
CA SER M 76 34.95 41.86 -36.14
C SER M 76 35.59 43.15 -36.56
N SER M 77 36.63 43.11 -37.38
CA SER M 77 37.20 44.35 -37.90
C SER M 77 37.42 45.37 -36.80
N LEU M 78 38.16 44.97 -35.76
CA LEU M 78 38.39 45.79 -34.59
C LEU M 78 38.92 47.16 -34.90
N GLN M 79 38.33 48.19 -34.31
CA GLN M 79 38.80 49.55 -34.56
C GLN M 79 39.67 50.03 -33.42
N SER M 80 40.46 51.07 -33.63
CA SER M 80 41.32 51.57 -32.56
C SER M 80 40.51 52.08 -31.36
N GLU M 81 39.29 52.55 -31.61
CA GLU M 81 38.44 53.04 -30.55
C GLU M 81 37.86 51.93 -29.69
N ASP M 82 38.05 50.67 -30.10
CA ASP M 82 37.52 49.53 -29.36
C ASP M 82 38.55 48.94 -28.40
N PHE M 83 39.72 49.55 -28.28
CA PHE M 83 40.73 49.02 -27.36
C PHE M 83 40.46 49.48 -25.92
N ALA M 84 39.43 48.86 -25.38
CA ALA M 84 38.82 49.07 -24.08
C ALA M 84 38.98 47.87 -23.18
N VAL M 85 38.65 48.05 -21.91
CA VAL M 85 38.60 46.92 -21.00
C VAL M 85 37.20 46.38 -21.08
N TYR M 86 37.06 45.11 -21.29
CA TYR M 86 35.72 44.59 -21.37
C TYR M 86 35.36 43.84 -20.13
N TYR M 87 34.12 44.02 -19.72
CA TYR M 87 33.58 43.33 -18.58
C TYR M 87 32.40 42.44 -18.93
N CYS M 88 32.34 41.29 -18.26
CA CYS M 88 31.31 40.26 -18.36
C CYS M 88 30.46 40.37 -17.08
N GLN M 89 29.13 40.41 -17.25
CA GLN M 89 28.17 40.48 -16.14
C GLN M 89 27.17 39.34 -16.12
N GLN M 90 27.01 38.73 -14.96
CA GLN M 90 26.05 37.65 -14.79
C GLN M 90 24.99 38.06 -13.80
N TYR M 91 23.74 37.98 -14.24
CA TYR M 91 22.62 38.44 -13.41
C TYR M 91 21.51 37.42 -13.16
N ASN M 92 21.77 36.12 -13.28
CA ASN M 92 20.66 35.18 -13.16
C ASN M 92 20.32 34.69 -11.76
N ASN M 93 20.89 35.29 -10.76
CA ASN M 93 20.54 34.91 -9.42
C ASN M 93 19.29 35.62 -8.97
N TRP M 94 18.54 34.96 -8.13
CA TRP M 94 17.37 35.51 -7.52
C TRP M 94 17.22 34.95 -6.11
N PRO M 95 17.25 35.78 -5.05
CA PRO M 95 17.41 37.23 -4.96
C PRO M 95 18.69 37.57 -5.68
N PRO M 96 18.80 38.74 -6.25
CA PRO M 96 19.90 39.12 -7.08
C PRO M 96 21.18 39.10 -6.30
N ARG M 97 22.18 38.57 -6.95
CA ARG M 97 23.54 38.43 -6.52
C ARG M 97 24.30 38.52 -7.80
N TYR M 98 24.27 39.69 -8.38
CA TYR M 98 24.81 39.92 -9.69
C TYR M 98 26.28 40.21 -9.57
N THR M 99 27.07 39.82 -10.55
CA THR M 99 28.47 40.22 -10.45
C THR M 99 29.04 40.61 -11.77
N PHE M 100 30.19 41.25 -11.71
CA PHE M 100 30.95 41.57 -12.89
C PHE M 100 32.26 40.87 -12.72
N GLY M 101 32.88 40.51 -13.81
CA GLY M 101 34.15 39.84 -13.71
C GLY M 101 35.33 40.77 -13.59
N GLN M 102 36.49 40.15 -13.68
CA GLN M 102 37.74 40.89 -13.55
C GLN M 102 37.96 41.75 -14.79
N GLY M 103 37.45 41.28 -15.92
CA GLY M 103 37.54 41.96 -17.19
C GLY M 103 38.85 41.64 -17.88
N THR M 104 38.98 42.13 -19.12
CA THR M 104 40.23 41.90 -19.87
C THR M 104 40.57 43.17 -20.64
N ARG M 105 41.86 43.47 -20.79
CA ARG M 105 42.25 44.67 -21.52
C ARG M 105 42.75 44.46 -22.95
N LEU M 106 42.22 45.25 -23.94
CA LEU M 106 42.68 45.24 -25.34
C LEU M 106 43.62 46.43 -25.54
N LYS N 21 -25.86 61.90 12.94
CA LYS N 21 -24.83 61.52 11.98
C LYS N 21 -23.51 62.25 12.33
N LYS N 22 -22.38 61.76 11.76
CA LYS N 22 -21.04 62.37 11.94
C LYS N 22 -20.78 63.34 10.81
N VAL N 23 -20.46 64.57 11.12
CA VAL N 23 -20.27 65.55 10.04
C VAL N 23 -18.82 66.05 9.99
N VAL N 24 -18.21 65.94 8.82
CA VAL N 24 -16.83 66.36 8.64
C VAL N 24 -16.67 67.51 7.65
N LEU N 25 -16.19 68.63 8.17
CA LEU N 25 -15.99 69.86 7.40
C LEU N 25 -14.54 70.08 6.97
N GLY N 26 -14.35 70.29 5.67
CA GLY N 26 -13.03 70.55 5.08
C GLY N 26 -12.90 72.03 4.71
N LYS N 27 -12.10 72.33 3.68
CA LYS N 27 -11.85 73.70 3.22
C LYS N 27 -12.41 73.84 1.81
N LYS N 28 -13.31 72.93 1.49
CA LYS N 28 -14.03 72.77 0.22
C LYS N 28 -13.10 72.25 -0.86
N GLY N 29 -12.14 73.05 -1.27
CA GLY N 29 -11.20 72.72 -2.35
C GLY N 29 -10.00 71.86 -1.92
N ASP N 30 -10.25 70.76 -1.24
CA ASP N 30 -9.13 69.94 -0.77
C ASP N 30 -9.41 68.42 -0.72
N THR N 31 -9.43 67.81 0.49
CA THR N 31 -9.70 66.39 0.58
C THR N 31 -10.39 66.02 1.88
N VAL N 32 -11.19 64.98 1.84
CA VAL N 32 -11.87 64.52 3.03
C VAL N 32 -11.79 63.04 3.21
N GLU N 33 -11.66 62.60 4.45
CA GLU N 33 -11.70 61.18 4.74
C GLU N 33 -12.84 60.86 5.69
N LEU N 34 -13.81 60.11 5.19
CA LEU N 34 -14.96 59.70 5.94
C LEU N 34 -14.73 58.25 6.32
N THR N 35 -15.16 57.78 7.48
CA THR N 35 -14.86 56.37 7.75
C THR N 35 -16.04 55.51 8.21
N CYS N 36 -15.97 54.20 7.84
CA CYS N 36 -16.84 53.12 8.31
C CYS N 36 -15.97 52.11 9.02
N THR N 37 -16.48 51.46 10.05
CA THR N 37 -15.67 50.43 10.72
C THR N 37 -16.45 49.17 11.01
N ALA N 38 -15.70 48.11 11.35
CA ALA N 38 -16.29 46.84 11.82
C ALA N 38 -15.58 46.39 13.08
N SER N 39 -16.33 45.84 14.02
CA SER N 39 -15.78 45.36 15.29
C SER N 39 -14.99 44.07 15.16
N GLN N 40 -15.10 43.44 14.00
CA GLN N 40 -14.42 42.18 13.74
C GLN N 40 -12.91 42.33 13.61
N LYS N 41 -12.43 43.53 13.27
CA LYS N 41 -11.00 43.74 13.01
C LYS N 41 -10.52 42.79 11.92
N LYS N 42 -11.34 42.66 10.88
CA LYS N 42 -11.09 41.84 9.72
C LYS N 42 -11.44 42.60 8.47
N SER N 43 -10.90 42.18 7.34
CA SER N 43 -11.33 42.74 6.09
C SER N 43 -12.56 42.01 5.65
N ILE N 44 -13.64 42.75 5.56
CA ILE N 44 -14.92 42.21 5.20
C ILE N 44 -15.44 43.02 4.04
N GLN N 45 -16.46 42.54 3.37
CA GLN N 45 -17.04 43.30 2.30
C GLN N 45 -17.73 44.54 2.80
N PHE N 46 -17.50 45.65 2.14
CA PHE N 46 -18.18 46.88 2.47
C PHE N 46 -18.43 47.73 1.25
N HIS N 47 -19.38 48.64 1.40
CA HIS N 47 -19.65 49.62 0.36
C HIS N 47 -19.93 51.01 0.92
N TRP N 48 -19.65 52.01 0.11
CA TRP N 48 -20.05 53.39 0.38
C TRP N 48 -21.02 53.85 -0.68
N LYS N 49 -22.11 54.50 -0.23
CA LYS N 49 -23.11 55.07 -1.13
C LYS N 49 -23.55 56.47 -0.77
N ASN N 50 -23.97 57.24 -1.77
CA ASN N 50 -24.50 58.57 -1.48
C ASN N 50 -26.00 58.49 -1.16
N SER N 51 -26.62 59.65 -0.98
CA SER N 51 -28.03 59.77 -0.61
C SER N 51 -29.03 59.29 -1.65
N ASN N 52 -28.58 59.09 -2.89
CA ASN N 52 -29.43 58.61 -3.97
C ASN N 52 -29.19 57.14 -4.17
N GLN N 53 -28.47 56.56 -3.22
CA GLN N 53 -28.06 55.18 -3.17
C GLN N 53 -27.19 54.80 -4.35
N ILE N 54 -26.29 55.70 -4.73
CA ILE N 54 -25.39 55.44 -5.81
C ILE N 54 -24.03 55.09 -5.25
N LYS N 55 -23.50 53.97 -5.72
CA LYS N 55 -22.22 53.45 -5.26
C LYS N 55 -21.07 54.39 -5.56
N ILE N 56 -20.20 54.55 -4.57
CA ILE N 56 -19.03 55.40 -4.65
C ILE N 56 -17.75 54.57 -4.69
N LEU N 57 -17.64 53.71 -3.69
CA LEU N 57 -16.51 52.79 -3.49
C LEU N 57 -17.00 51.57 -2.78
N GLY N 58 -16.18 50.55 -2.77
CA GLY N 58 -16.46 49.35 -2.02
C GLY N 58 -15.39 48.37 -2.37
N ASN N 59 -15.39 47.23 -1.73
CA ASN N 59 -14.39 46.26 -2.08
C ASN N 59 -15.01 44.97 -2.47
N GLN N 60 -14.15 44.09 -2.87
CA GLN N 60 -14.47 42.74 -3.22
C GLN N 60 -13.38 41.88 -2.63
N GLY N 61 -13.49 41.65 -1.33
CA GLY N 61 -12.40 41.02 -0.62
C GLY N 61 -11.19 41.96 -0.61
N SER N 62 -10.07 41.47 -1.10
CA SER N 62 -8.84 42.25 -1.15
C SER N 62 -8.82 43.34 -2.21
N PHE N 63 -9.73 43.28 -3.18
CA PHE N 63 -9.68 44.21 -4.30
C PHE N 63 -10.52 45.46 -4.08
N LEU N 64 -10.04 46.59 -4.57
CA LEU N 64 -10.82 47.84 -4.50
C LEU N 64 -11.54 48.09 -5.81
N THR N 65 -12.82 48.44 -5.72
CA THR N 65 -13.59 48.77 -6.89
C THR N 65 -14.02 50.22 -6.80
N LYS N 66 -14.49 50.79 -7.90
CA LYS N 66 -15.02 52.15 -7.90
C LYS N 66 -16.51 52.14 -8.20
N GLY N 67 -17.25 53.14 -7.75
CA GLY N 67 -18.66 53.17 -8.12
C GLY N 67 -18.82 54.08 -9.33
N PRO N 68 -19.74 53.77 -10.26
CA PRO N 68 -19.99 54.52 -11.49
C PRO N 68 -20.83 55.78 -11.27
N SER N 69 -20.25 56.74 -10.58
CA SER N 69 -20.93 57.97 -10.20
C SER N 69 -20.01 59.16 -10.38
N LYS N 70 -20.45 60.32 -9.92
CA LYS N 70 -19.69 61.58 -10.00
C LYS N 70 -18.39 61.49 -9.17
N LEU N 71 -18.32 60.49 -8.30
CA LEU N 71 -17.18 60.17 -7.45
C LEU N 71 -16.45 58.90 -7.92
N ASN N 72 -16.68 58.48 -9.19
CA ASN N 72 -15.97 57.31 -9.72
C ASN N 72 -14.49 57.61 -9.75
N ASP N 73 -14.16 58.85 -10.10
CA ASP N 73 -12.79 59.30 -10.11
C ASP N 73 -12.57 60.07 -8.82
N ARG N 74 -11.36 60.57 -8.62
CA ARG N 74 -11.06 61.36 -7.44
C ARG N 74 -11.39 60.63 -6.15
N ALA N 75 -11.24 59.31 -6.08
CA ALA N 75 -11.58 58.66 -4.84
C ALA N 75 -10.77 57.39 -4.64
N ASP N 76 -10.49 57.10 -3.39
CA ASP N 76 -9.73 55.91 -3.03
C ASP N 76 -10.01 55.50 -1.59
N SER N 77 -9.37 54.43 -1.15
CA SER N 77 -9.48 53.92 0.21
C SER N 77 -8.09 53.61 0.75
N ARG N 78 -8.03 52.84 1.81
CA ARG N 78 -6.77 52.45 2.41
C ARG N 78 -6.78 50.96 2.55
N ARG N 79 -6.28 50.27 1.54
CA ARG N 79 -6.41 48.82 1.53
C ARG N 79 -5.70 48.20 2.72
N SER N 80 -4.61 48.82 3.14
CA SER N 80 -3.82 48.33 4.24
C SER N 80 -4.55 48.37 5.58
N LEU N 81 -5.62 49.14 5.70
CA LEU N 81 -6.31 49.18 6.97
C LEU N 81 -7.54 48.30 6.96
N TRP N 82 -7.79 47.60 5.86
CA TRP N 82 -9.00 46.82 5.81
C TRP N 82 -8.95 45.69 6.81
N ASP N 83 -7.76 45.20 7.16
CA ASP N 83 -7.68 44.09 8.10
C ASP N 83 -7.71 44.56 9.53
N GLN N 84 -7.85 45.87 9.71
CA GLN N 84 -7.97 46.44 11.03
C GLN N 84 -9.43 46.77 11.24
N GLY N 85 -10.28 46.46 10.25
CA GLY N 85 -11.69 46.76 10.29
C GLY N 85 -11.98 48.22 9.95
N ASN N 86 -11.08 48.91 9.26
CA ASN N 86 -11.24 50.31 8.93
C ASN N 86 -11.40 50.48 7.43
N PHE N 87 -12.55 50.98 7.01
CA PHE N 87 -12.90 51.06 5.60
C PHE N 87 -13.24 52.50 5.16
N PRO N 88 -12.25 53.41 5.02
CA PRO N 88 -12.41 54.81 4.67
C PRO N 88 -12.79 55.09 3.23
N LEU N 89 -13.42 56.24 3.04
CA LEU N 89 -13.70 56.88 1.76
C LEU N 89 -12.95 58.17 1.66
N ILE N 90 -12.01 58.22 0.74
CA ILE N 90 -11.21 59.41 0.59
C ILE N 90 -11.54 60.08 -0.71
N ILE N 91 -11.98 61.34 -0.64
CA ILE N 91 -12.33 62.08 -1.84
C ILE N 91 -11.32 63.20 -2.04
N LYS N 92 -10.70 63.19 -3.21
CA LYS N 92 -9.64 64.13 -3.56
C LYS N 92 -10.15 65.20 -4.48
N ASN N 93 -9.47 66.35 -4.55
CA ASN N 93 -9.90 67.42 -5.46
C ASN N 93 -11.36 67.65 -5.23
N LEU N 94 -11.65 67.84 -3.96
CA LEU N 94 -12.96 68.00 -3.39
C LEU N 94 -13.60 69.31 -3.79
N LYS N 95 -14.90 69.28 -4.07
CA LYS N 95 -15.64 70.46 -4.45
C LYS N 95 -16.81 70.68 -3.46
N ILE N 96 -17.37 71.89 -3.39
CA ILE N 96 -18.52 72.07 -2.50
C ILE N 96 -19.72 71.21 -2.92
N GLU N 97 -19.83 70.93 -4.22
CA GLU N 97 -20.88 70.12 -4.81
C GLU N 97 -20.88 68.67 -4.31
N ASP N 98 -19.83 68.25 -3.61
CA ASP N 98 -19.72 66.91 -3.06
C ASP N 98 -20.27 66.83 -1.62
N SER N 99 -20.82 67.94 -1.07
CA SER N 99 -21.27 67.95 0.35
C SER N 99 -22.65 67.32 0.63
N ASP N 100 -22.73 66.05 0.28
CA ASP N 100 -23.88 65.19 0.46
C ASP N 100 -23.66 64.30 1.66
N THR N 101 -24.64 63.46 1.99
CA THR N 101 -24.38 62.52 3.05
C THR N 101 -24.02 61.20 2.41
N TYR N 102 -23.43 60.34 3.21
CA TYR N 102 -23.01 59.04 2.76
C TYR N 102 -23.39 57.95 3.74
N ILE N 103 -23.72 56.79 3.19
CA ILE N 103 -24.12 55.63 3.95
C ILE N 103 -23.08 54.52 3.88
N CYS N 104 -22.71 53.96 5.06
CA CYS N 104 -21.81 52.84 5.23
C CYS N 104 -22.57 51.55 5.04
N GLU N 105 -21.98 50.61 4.35
CA GLU N 105 -22.58 49.30 4.32
C GLU N 105 -21.54 48.31 4.76
N VAL N 106 -21.43 48.16 6.07
CA VAL N 106 -20.47 47.28 6.70
C VAL N 106 -21.31 46.41 7.58
N GLU N 107 -21.30 45.09 7.39
CA GLU N 107 -22.19 44.26 8.18
C GLU N 107 -23.60 44.86 8.02
N ASP N 108 -24.34 45.06 9.11
CA ASP N 108 -25.64 45.69 9.08
C ASP N 108 -25.57 47.08 9.71
N GLN N 109 -24.36 47.57 9.91
CA GLN N 109 -24.14 48.83 10.58
C GLN N 109 -24.21 49.97 9.60
N LYS N 110 -25.43 50.29 9.20
CA LYS N 110 -25.61 51.31 8.19
C LYS N 110 -25.57 52.72 8.73
N GLU N 111 -24.35 53.13 9.07
CA GLU N 111 -24.07 54.43 9.66
C GLU N 111 -24.06 55.54 8.62
N GLU N 112 -24.39 56.75 9.06
CA GLU N 112 -24.40 57.89 8.15
C GLU N 112 -23.44 58.98 8.57
N VAL N 113 -22.78 59.54 7.56
CA VAL N 113 -21.87 60.65 7.74
C VAL N 113 -22.21 61.76 6.74
N GLN N 114 -21.75 62.98 7.00
CA GLN N 114 -21.91 64.06 6.03
C GLN N 114 -20.63 64.76 5.70
N LEU N 115 -20.48 65.05 4.43
CA LEU N 115 -19.33 65.78 3.94
C LEU N 115 -19.76 67.24 3.81
N LEU N 116 -18.92 68.20 4.28
CA LEU N 116 -19.16 69.64 4.11
C LEU N 116 -17.94 70.29 3.44
N VAL O 2 16.78 58.04 -21.16
CA VAL O 2 17.08 58.48 -19.81
C VAL O 2 18.59 58.75 -19.59
N GLN O 3 18.84 59.84 -18.83
CA GLN O 3 20.17 60.27 -18.39
C GLN O 3 20.18 60.12 -16.90
N LEU O 4 21.33 59.76 -16.37
CA LEU O 4 21.50 59.64 -14.96
C LEU O 4 22.53 60.63 -14.51
N LEU O 5 22.17 61.42 -13.51
CA LEU O 5 23.04 62.48 -13.05
C LEU O 5 23.59 62.23 -11.67
N GLU O 6 24.91 62.16 -11.59
CA GLU O 6 25.63 61.90 -10.36
C GLU O 6 25.76 63.12 -9.46
N SER O 7 26.00 62.88 -8.17
CA SER O 7 26.20 63.94 -7.20
C SER O 7 27.67 64.29 -7.07
N GLY O 8 28.00 65.09 -6.06
CA GLY O 8 29.37 65.55 -5.89
C GLY O 8 30.25 64.56 -5.15
N ALA O 9 31.56 64.79 -5.22
CA ALA O 9 32.57 63.99 -4.56
C ALA O 9 32.54 64.23 -3.07
N GLU O 10 33.04 63.26 -2.31
CA GLU O 10 33.04 63.36 -0.85
C GLU O 10 34.29 62.75 -0.21
N VAL O 11 34.67 63.28 0.96
CA VAL O 11 35.79 62.74 1.75
C VAL O 11 35.41 62.47 3.21
N LYS O 12 35.46 61.20 3.64
CA LYS O 12 35.13 60.84 5.01
C LYS O 12 36.23 60.14 5.76
N LYS O 13 36.00 59.94 7.04
CA LYS O 13 36.91 59.19 7.85
C LYS O 13 36.25 57.85 8.17
N PRO O 14 37.01 56.77 8.37
CA PRO O 14 36.48 55.47 8.71
C PRO O 14 35.60 55.59 9.95
N GLY O 15 34.49 54.86 9.91
CA GLY O 15 33.49 54.84 10.97
C GLY O 15 32.29 55.72 10.64
N SER O 16 32.42 56.53 9.60
CA SER O 16 31.35 57.43 9.17
C SER O 16 30.48 56.80 8.08
N SER O 17 29.77 57.63 7.32
CA SER O 17 28.88 57.17 6.26
C SER O 17 28.77 58.18 5.13
N VAL O 18 28.44 57.70 3.94
CA VAL O 18 28.23 58.55 2.77
C VAL O 18 26.93 58.21 2.04
N LYS O 19 26.16 59.24 1.67
CA LYS O 19 24.95 59.00 0.90
C LYS O 19 25.02 59.76 -0.43
N VAL O 20 25.02 59.00 -1.53
CA VAL O 20 25.16 59.57 -2.87
C VAL O 20 23.88 59.50 -3.68
N SER O 21 23.39 60.64 -4.10
CA SER O 21 22.18 60.71 -4.89
C SER O 21 22.47 60.45 -6.39
N CYS O 22 21.41 60.13 -7.16
CA CYS O 22 21.38 59.99 -8.62
C CYS O 22 20.03 60.44 -9.16
N LYS O 23 20.04 61.49 -9.98
CA LYS O 23 18.78 61.96 -10.54
C LYS O 23 18.54 61.32 -11.88
N ALA O 24 17.38 60.71 -12.05
CA ALA O 24 17.06 60.08 -13.32
C ALA O 24 16.02 60.91 -14.04
N SER O 25 16.26 61.21 -15.30
CA SER O 25 15.29 62.01 -16.04
C SER O 25 15.27 61.71 -17.54
N GLY O 26 14.22 62.22 -18.21
CA GLY O 26 14.00 62.05 -19.65
C GLY O 26 12.85 61.09 -19.97
N ASP O 27 12.38 60.38 -18.95
CA ASP O 27 11.27 59.43 -19.03
C ASP O 27 10.65 59.33 -17.65
N THR O 28 9.62 58.51 -17.51
CA THR O 28 9.01 58.36 -16.20
C THR O 28 9.85 57.44 -15.33
N PHE O 29 10.26 57.97 -14.19
CA PHE O 29 11.15 57.33 -13.22
C PHE O 29 10.75 55.97 -12.76
N ILE O 30 9.50 55.84 -12.44
CA ILE O 30 8.98 54.65 -11.83
C ILE O 30 9.12 53.43 -12.75
N ARG O 31 9.36 53.63 -14.05
CA ARG O 31 9.47 52.50 -14.95
C ARG O 31 10.90 52.04 -15.11
N TYR O 32 11.82 52.64 -14.39
CA TYR O 32 13.20 52.22 -14.50
C TYR O 32 13.67 51.54 -13.25
N SER O 33 14.40 50.46 -13.44
CA SER O 33 15.02 49.75 -12.34
C SER O 33 16.40 50.31 -12.18
N PHE O 34 16.91 50.36 -10.94
CA PHE O 34 18.24 50.92 -10.77
C PHE O 34 19.17 50.06 -9.95
N THR O 35 20.44 50.15 -10.27
CA THR O 35 21.48 49.48 -9.51
C THR O 35 22.62 50.43 -9.23
N TRP O 36 23.43 50.02 -8.28
CA TRP O 36 24.66 50.73 -8.01
C TRP O 36 25.81 49.80 -8.19
N VAL O 37 26.86 50.36 -8.79
CA VAL O 37 28.10 49.71 -9.10
C VAL O 37 29.25 50.55 -8.54
N ARG O 38 30.22 49.89 -7.96
CA ARG O 38 31.38 50.55 -7.41
C ARG O 38 32.64 50.15 -8.14
N GLN O 39 33.59 51.07 -8.27
CA GLN O 39 34.87 50.67 -8.83
C GLN O 39 36.04 51.35 -8.17
N ALA O 40 36.74 50.62 -7.31
CA ALA O 40 37.90 51.20 -6.65
C ALA O 40 38.96 51.35 -7.72
N PRO O 41 39.86 52.33 -7.68
CA PRO O 41 40.90 52.45 -8.67
C PRO O 41 41.69 51.16 -8.73
N GLY O 42 41.95 50.70 -9.96
CA GLY O 42 42.71 49.48 -10.20
C GLY O 42 41.86 48.21 -10.14
N GLN O 43 40.59 48.36 -9.80
CA GLN O 43 39.68 47.23 -9.65
C GLN O 43 38.66 47.17 -10.77
N GLY O 44 38.02 46.02 -10.93
CA GLY O 44 36.98 45.87 -11.92
C GLY O 44 35.69 46.39 -11.31
N LEU O 45 34.58 46.17 -11.98
CA LEU O 45 33.32 46.69 -11.50
C LEU O 45 32.78 45.79 -10.41
N GLU O 46 32.20 46.36 -9.36
CA GLU O 46 31.58 45.61 -8.28
C GLU O 46 30.09 45.93 -8.15
N TRP O 47 29.24 44.92 -8.19
CA TRP O 47 27.83 45.21 -8.03
C TRP O 47 27.56 45.44 -6.56
N MET O 48 26.84 46.50 -6.20
CA MET O 48 26.54 46.73 -4.80
C MET O 48 25.13 46.35 -4.46
N GLY O 49 24.22 46.62 -5.36
CA GLY O 49 22.84 46.35 -5.08
C GLY O 49 21.89 46.81 -6.15
N ARG O 50 20.63 46.45 -5.95
CA ARG O 50 19.52 46.72 -6.87
C ARG O 50 18.26 47.16 -6.16
N ILE O 51 17.59 48.15 -6.75
CA ILE O 51 16.32 48.60 -6.25
C ILE O 51 15.22 48.60 -7.30
N ILE O 52 14.08 48.11 -6.88
CA ILE O 52 12.86 48.06 -7.65
C ILE O 52 12.09 49.28 -7.20
N THR O 53 11.69 50.10 -8.16
CA THR O 53 11.02 51.35 -7.84
C THR O 53 9.50 51.27 -7.81
N ILE O 54 8.92 50.28 -8.50
CA ILE O 54 7.46 50.12 -8.52
C ILE O 54 6.95 49.52 -7.21
N LEU O 55 7.76 48.65 -6.63
CA LEU O 55 7.52 48.00 -5.37
C LEU O 55 8.74 48.43 -4.62
N ASP O 56 8.64 49.02 -3.45
CA ASP O 56 9.87 49.51 -2.84
C ASP O 56 10.63 48.38 -2.20
N VAL O 57 11.44 47.73 -3.03
CA VAL O 57 12.18 46.52 -2.67
C VAL O 57 13.64 46.62 -3.09
N ALA O 58 14.57 46.24 -2.21
CA ALA O 58 15.97 46.30 -2.62
C ALA O 58 16.79 45.18 -2.05
N HIS O 59 17.88 44.89 -2.76
CA HIS O 59 18.80 43.82 -2.42
C HIS O 59 20.24 44.26 -2.47
N TYR O 60 21.09 43.65 -1.64
CA TYR O 60 22.48 44.06 -1.59
C TYR O 60 23.43 42.88 -1.70
N ALA O 61 24.61 43.12 -2.24
CA ALA O 61 25.63 42.10 -2.36
C ALA O 61 25.99 41.61 -0.95
N PRO O 62 26.36 40.33 -0.73
CA PRO O 62 26.56 39.70 0.56
C PRO O 62 27.39 40.43 1.63
N HIS O 63 28.42 41.16 1.24
CA HIS O 63 29.28 41.88 2.17
C HIS O 63 28.80 43.28 2.55
N LEU O 64 27.77 43.72 1.85
CA LEU O 64 27.14 45.02 2.02
C LEU O 64 25.79 44.90 2.72
N GLN O 65 25.39 43.70 3.09
CA GLN O 65 24.04 43.54 3.65
C GLN O 65 23.85 44.32 4.96
N GLY O 66 24.90 44.42 5.75
CA GLY O 66 24.81 45.15 7.01
C GLY O 66 25.30 46.59 6.87
N ARG O 67 25.61 47.02 5.65
CA ARG O 67 26.17 48.34 5.43
C ARG O 67 25.41 49.23 4.44
N VAL O 68 24.72 48.66 3.48
CA VAL O 68 24.12 49.45 2.42
C VAL O 68 22.62 49.45 2.33
N THR O 69 22.09 50.66 2.15
CA THR O 69 20.68 50.89 1.92
C THR O 69 20.48 51.68 0.63
N ILE O 70 19.60 51.20 -0.23
CA ILE O 70 19.27 51.92 -1.44
C ILE O 70 17.83 52.38 -1.36
N THR O 71 17.63 53.68 -1.59
CA THR O 71 16.30 54.30 -1.54
C THR O 71 15.89 54.97 -2.84
N ALA O 72 14.67 54.72 -3.28
CA ALA O 72 14.18 55.37 -4.49
C ALA O 72 13.15 56.42 -4.13
N ASP O 73 13.52 57.67 -4.29
CA ASP O 73 12.59 58.72 -3.94
C ASP O 73 11.74 59.01 -5.16
N LYS O 74 10.57 58.39 -5.13
CA LYS O 74 9.60 58.38 -6.20
C LYS O 74 9.06 59.77 -6.52
N SER O 75 9.17 60.70 -5.56
CA SER O 75 8.62 62.03 -5.79
C SER O 75 9.62 62.97 -6.47
N THR O 76 10.92 62.64 -6.42
CA THR O 76 11.95 63.50 -6.98
C THR O 76 12.75 62.81 -8.07
N SER O 77 12.39 61.55 -8.35
CA SER O 77 13.06 60.69 -9.32
C SER O 77 14.53 60.57 -8.97
N THR O 78 14.81 60.44 -7.68
CA THR O 78 16.19 60.35 -7.26
C THR O 78 16.50 59.11 -6.45
N VAL O 79 17.55 58.42 -6.85
CA VAL O 79 17.95 57.22 -6.16
C VAL O 79 19.13 57.52 -5.28
N TYR O 80 19.08 57.06 -4.05
CA TYR O 80 20.16 57.30 -3.13
C TYR O 80 20.85 56.04 -2.65
N LEU O 81 22.17 56.07 -2.69
CA LEU O 81 22.97 54.98 -2.18
C LEU O 81 23.62 55.35 -0.86
N GLU O 82 23.21 54.71 0.21
CA GLU O 82 23.79 55.03 1.50
C GLU O 82 24.66 53.90 2.03
N LEU O 83 25.94 54.22 2.23
CA LEU O 83 26.92 53.26 2.74
C LEU O 83 27.36 53.66 4.15
N ARG O 84 27.10 52.78 5.10
CA ARG O 84 27.38 52.98 6.50
C ARG O 84 28.56 52.16 7.00
N ASN O 85 29.09 52.54 8.17
CA ASN O 85 30.20 51.81 8.78
C ASN O 85 31.32 51.72 7.75
N LEU O 86 31.58 52.87 7.18
CA LEU O 86 32.51 53.16 6.11
C LEU O 86 33.96 52.91 6.50
N ARG O 87 34.75 52.34 5.60
CA ARG O 87 36.18 52.07 5.85
C ARG O 87 37.08 52.58 4.73
N SER O 88 38.39 52.68 4.97
CA SER O 88 39.32 53.16 3.92
C SER O 88 39.31 52.24 2.68
N ASP O 89 38.88 51.00 2.88
CA ASP O 89 38.75 49.97 1.86
C ASP O 89 37.64 50.31 0.86
N ASP O 90 36.79 51.24 1.23
CA ASP O 90 35.64 51.63 0.44
C ASP O 90 35.95 52.85 -0.44
N THR O 91 37.22 53.27 -0.50
CA THR O 91 37.50 54.36 -1.42
C THR O 91 37.21 53.84 -2.80
N ALA O 92 36.39 54.57 -3.55
CA ALA O 92 36.03 54.12 -4.87
C ALA O 92 35.28 55.15 -5.64
N VAL O 93 35.13 54.92 -6.93
CA VAL O 93 34.23 55.75 -7.68
C VAL O 93 32.88 55.01 -7.71
N TYR O 94 31.83 55.70 -7.29
CA TYR O 94 30.52 55.11 -7.20
C TYR O 94 29.63 55.58 -8.32
N PHE O 95 28.77 54.72 -8.82
CA PHE O 95 27.86 55.15 -9.85
C PHE O 95 26.56 54.34 -10.00
N CYS O 96 25.52 55.04 -10.47
CA CYS O 96 24.19 54.53 -10.74
C CYS O 96 24.04 54.09 -12.18
N ALA O 97 23.15 53.15 -12.35
CA ALA O 97 22.79 52.66 -13.65
C ALA O 97 21.39 52.12 -13.64
N GLY O 98 20.75 52.04 -14.80
CA GLY O 98 19.42 51.44 -14.82
C GLY O 98 18.92 50.99 -16.17
N VAL O 99 17.69 50.48 -16.16
CA VAL O 99 17.08 49.96 -17.38
C VAL O 99 15.56 50.04 -17.39
N TYR O 100 14.99 50.29 -18.57
CA TYR O 100 13.55 50.38 -18.78
C TYR O 100 12.78 49.07 -18.69
N GLU O 101 11.72 49.12 -17.91
CA GLU O 101 10.78 48.04 -17.72
C GLU O 101 9.48 48.36 -18.43
N GLY O 102 9.25 47.66 -19.54
CA GLY O 102 8.12 47.99 -20.39
C GLY O 102 6.81 47.99 -19.65
N GLU O 103 6.16 49.15 -19.69
CA GLU O 103 4.85 49.33 -19.07
C GLU O 103 4.80 48.79 -17.64
N ALA O 104 5.83 49.05 -16.85
CA ALA O 104 5.84 48.59 -15.47
C ALA O 104 4.64 49.14 -14.69
N ASP O 105 4.19 50.35 -15.04
CA ASP O 105 3.05 51.02 -14.42
C ASP O 105 1.77 50.22 -14.52
N GLU O 106 1.67 49.44 -15.57
CA GLU O 106 0.48 48.68 -15.87
C GLU O 106 0.64 47.26 -15.38
N GLY O 107 1.74 47.00 -14.68
CA GLY O 107 2.04 45.69 -14.16
C GLY O 107 2.80 44.76 -15.12
N GLU O 108 3.49 45.30 -16.13
CA GLU O 108 4.23 44.46 -17.08
C GLU O 108 5.75 44.49 -16.86
N TYR O 109 6.16 44.75 -15.62
CA TYR O 109 7.57 44.82 -15.21
C TYR O 109 8.31 43.53 -15.60
N ASP O 110 9.49 43.64 -16.25
CA ASP O 110 10.21 42.45 -16.73
C ASP O 110 11.44 42.03 -15.93
N ASN O 111 11.70 42.67 -14.79
CA ASN O 111 12.86 42.34 -13.95
C ASN O 111 14.16 42.27 -14.77
N ASN O 112 14.40 43.31 -15.54
CA ASN O 112 15.54 43.43 -16.44
C ASN O 112 16.84 43.68 -15.66
N GLY O 113 17.81 42.76 -15.83
CA GLY O 113 19.10 42.75 -15.14
C GLY O 113 20.26 43.41 -15.91
N PHE O 114 19.95 44.11 -16.99
CA PHE O 114 20.96 44.74 -17.84
C PHE O 114 21.01 46.21 -17.53
N LEU O 115 22.14 46.85 -17.75
CA LEU O 115 22.24 48.28 -17.50
C LEU O 115 22.52 49.08 -18.78
N LYS O 116 21.56 49.91 -19.16
CA LYS O 116 21.69 50.68 -20.41
C LYS O 116 21.99 52.13 -20.17
N HIS O 117 21.48 52.65 -19.06
CA HIS O 117 21.62 54.05 -18.75
C HIS O 117 22.61 54.15 -17.62
N TRP O 118 23.68 54.91 -17.81
CA TRP O 118 24.74 55.02 -16.80
C TRP O 118 25.07 56.44 -16.39
N GLY O 119 25.49 56.59 -15.13
CA GLY O 119 25.96 57.86 -14.58
C GLY O 119 27.43 58.07 -14.94
N GLN O 120 28.05 59.09 -14.35
CA GLN O 120 29.42 59.47 -14.68
C GLN O 120 30.51 58.92 -13.75
N GLY O 121 30.17 58.63 -12.52
CA GLY O 121 31.14 58.23 -11.50
C GLY O 121 31.40 59.35 -10.50
N THR O 122 31.15 59.06 -9.23
CA THR O 122 31.34 60.00 -8.14
C THR O 122 32.46 59.51 -7.24
N LEU O 123 33.49 60.32 -7.05
CA LEU O 123 34.55 59.81 -6.21
C LEU O 123 34.30 60.06 -4.74
N VAL O 124 34.35 58.98 -3.99
CA VAL O 124 34.23 59.04 -2.57
C VAL O 124 35.46 58.43 -1.94
N THR O 125 36.12 59.18 -1.10
CA THR O 125 37.29 58.66 -0.44
C THR O 125 36.92 58.55 1.03
N VAL O 126 37.71 57.79 1.82
CA VAL O 126 37.41 57.55 3.23
C VAL O 126 38.72 57.63 4.02
#